data_6RLW
#
_entry.id   6RLW
#
_cell.length_a   86.367
_cell.length_b   86.367
_cell.length_c   432.400
_cell.angle_alpha   90.000
_cell.angle_beta   90.000
_cell.angle_gamma   90.000
#
_symmetry.space_group_name_H-M   'P 41 21 2'
#
loop_
_entity.id
_entity.type
_entity.pdbx_description
1 polymer 'N-glycosylase/DNA lyase'
2 non-polymer 4-(4-bromanyl-2-oxidanylidene-3~{H}-benzimidazol-1-yl)-~{N}-(4-iodophenyl)piperidine-1-carboxamide
3 water water
#
_entity_poly.entity_id   1
_entity_poly.type   'polypeptide(L)'
_entity_poly.pdbx_seq_one_letter_code
;MGSSHHHHHHSSGLVPRGSHMGHRTLASTPALWASIPCPRSELRLDLVLPSGQSFRWREQSPAHWSGVLADQVWTLTQTE
EQLHCTVYRGDKSQASRPTPDELEAVRKYFQLDVTLAQLYHHWGSVDSHFQEVAQKFQGVRLLRQDPIECLFSFICSSNN
NIARITGMVERLCQAFGPRLIQLDDVTYHGFPSLQALAGPEVEAHLRKLGLGYRARYVSASARAILEEQGGLAWLQQLRE
SSYEEAHKALCILPGVGTKVADCICLMALDKPQAVPVDVHMWHIAQRDYSWHPTTSQAKGPSPQTNKELGNFFRSLWGPY
AGWAQAVLFSADLRQSR
;
_entity_poly.pdbx_strand_id   AAA,BBB,CCC,DDD,EEE
#
# COMPACT_ATOMS: atom_id res chain seq x y z
N MET A 21 22.28 16.28 -27.62
CA MET A 21 23.02 15.84 -26.39
C MET A 21 22.15 14.87 -25.59
N GLY A 22 22.71 13.71 -25.18
CA GLY A 22 21.99 12.65 -24.45
C GLY A 22 22.51 12.50 -23.03
N HIS A 23 21.72 11.88 -22.13
CA HIS A 23 22.12 11.55 -20.74
C HIS A 23 23.27 10.53 -20.78
N ARG A 24 24.32 10.72 -19.99
CA ARG A 24 25.50 9.82 -19.98
C ARG A 24 25.25 8.68 -19.01
N THR A 25 25.88 7.54 -19.28
CA THR A 25 26.07 6.43 -18.32
C THR A 25 27.58 6.26 -18.15
N LEU A 26 27.99 5.63 -17.04
CA LEU A 26 29.42 5.41 -16.69
C LEU A 26 30.08 4.67 -17.87
N ALA A 27 29.30 3.84 -18.57
CA ALA A 27 29.73 3.03 -19.74
C ALA A 27 29.85 3.89 -21.00
N SER A 28 28.87 4.76 -21.29
CA SER A 28 28.70 5.40 -22.63
C SER A 28 29.77 6.49 -22.87
N THR A 29 30.43 7.02 -21.83
CA THR A 29 31.42 8.12 -21.95
C THR A 29 32.40 8.12 -20.78
N PRO A 30 33.23 7.06 -20.60
CA PRO A 30 34.04 6.90 -19.39
C PRO A 30 35.00 8.05 -19.05
N ALA A 31 35.42 8.81 -20.06
CA ALA A 31 36.41 9.91 -19.94
C ALA A 31 35.78 11.12 -19.26
N LEU A 32 34.44 11.23 -19.28
CA LEU A 32 33.69 12.42 -18.77
C LEU A 32 33.24 12.23 -17.32
N TRP A 33 33.64 11.14 -16.66
CA TRP A 33 33.30 10.84 -15.24
C TRP A 33 34.51 11.05 -14.33
N ALA A 34 34.31 11.75 -13.21
CA ALA A 34 35.27 11.87 -12.10
C ALA A 34 34.72 11.13 -10.87
N SER A 35 35.62 10.65 -10.01
CA SER A 35 35.30 9.72 -8.90
C SER A 35 35.46 10.44 -7.56
N ILE A 36 34.53 10.21 -6.63
CA ILE A 36 34.65 10.60 -5.20
C ILE A 36 34.70 9.31 -4.40
N PRO A 37 35.75 9.11 -3.57
CA PRO A 37 35.76 8.05 -2.57
C PRO A 37 34.51 8.19 -1.70
N CYS A 38 33.72 7.12 -1.59
CA CYS A 38 32.36 7.18 -0.99
C CYS A 38 31.76 5.78 -0.99
N PRO A 39 31.89 5.00 0.12
CA PRO A 39 31.22 3.70 0.20
C PRO A 39 29.70 3.84 0.28
N ARG A 40 28.97 2.78 -0.08
CA ARG A 40 27.48 2.74 -0.05
C ARG A 40 26.99 2.86 1.40
N SER A 41 27.80 2.43 2.37
CA SER A 41 27.53 2.62 3.82
C SER A 41 27.36 4.12 4.12
N GLU A 42 28.07 4.99 3.39
CA GLU A 42 28.07 6.45 3.61
C GLU A 42 27.00 7.14 2.75
N LEU A 43 26.61 6.57 1.61
CA LEU A 43 25.60 7.19 0.71
C LEU A 43 24.96 6.15 -0.20
N ARG A 44 23.63 6.15 -0.25
CA ARG A 44 22.84 5.40 -1.27
C ARG A 44 21.98 6.42 -2.03
N LEU A 45 22.41 6.79 -3.24
CA LEU A 45 21.64 7.70 -4.14
C LEU A 45 20.17 7.25 -4.19
N ASP A 46 19.90 5.95 -4.33
CA ASP A 46 18.52 5.43 -4.53
C ASP A 46 17.67 5.64 -3.26
N LEU A 47 18.28 5.81 -2.08
CA LEU A 47 17.52 5.98 -0.82
C LEU A 47 17.53 7.44 -0.36
N VAL A 48 18.24 8.32 -1.06
CA VAL A 48 18.36 9.76 -0.65
C VAL A 48 17.67 10.64 -1.69
N LEU A 49 17.96 10.50 -2.98
CA LEU A 49 17.51 11.48 -3.99
C LEU A 49 16.00 11.45 -4.21
N PRO A 50 15.27 10.30 -4.12
CA PRO A 50 13.81 10.33 -4.20
C PRO A 50 13.07 10.32 -2.84
N SER A 51 13.77 10.61 -1.74
CA SER A 51 13.21 10.42 -0.37
C SER A 51 12.65 11.73 0.21
N GLY A 52 12.22 12.65 -0.64
CA GLY A 52 11.43 13.85 -0.24
C GLY A 52 12.27 14.93 0.43
N GLN A 53 13.58 14.99 0.18
CA GLN A 53 14.43 16.13 0.61
C GLN A 53 14.50 17.13 -0.56
N SER A 54 15.12 16.71 -1.66
CA SER A 54 15.14 17.41 -2.96
C SER A 54 14.06 16.79 -3.84
N PHE A 55 13.40 17.60 -4.67
CA PHE A 55 12.35 17.13 -5.61
C PHE A 55 12.87 17.22 -7.05
N ARG A 56 14.20 17.28 -7.25
CA ARG A 56 14.77 17.71 -8.56
C ARG A 56 15.58 16.60 -9.24
N TRP A 57 15.61 15.38 -8.70
CA TRP A 57 16.45 14.28 -9.21
C TRP A 57 15.56 13.20 -9.82
N ARG A 58 15.96 12.66 -10.98
CA ARG A 58 15.23 11.57 -11.68
C ARG A 58 16.24 10.49 -12.11
N GLU A 59 15.88 9.22 -11.93
CA GLU A 59 16.69 8.06 -12.39
C GLU A 59 16.41 7.85 -13.89
N GLN A 60 17.09 8.61 -14.76
CA GLN A 60 16.81 8.66 -16.23
C GLN A 60 17.34 7.41 -16.92
N SER A 61 18.37 6.77 -16.36
CA SER A 61 18.84 5.40 -16.70
C SER A 61 18.93 4.60 -15.41
N PRO A 62 18.83 3.26 -15.45
CA PRO A 62 19.02 2.45 -14.24
C PRO A 62 20.29 2.82 -13.48
N ALA A 63 20.15 3.14 -12.19
CA ALA A 63 21.22 3.50 -11.23
C ALA A 63 21.91 4.84 -11.59
N HIS A 64 21.36 5.64 -12.50
CA HIS A 64 21.93 6.95 -12.89
C HIS A 64 20.94 8.08 -12.57
N TRP A 65 21.34 9.02 -11.71
CA TRP A 65 20.46 10.11 -11.21
C TRP A 65 20.91 11.45 -11.80
N SER A 66 20.00 12.12 -12.50
CA SER A 66 20.25 13.41 -13.17
C SER A 66 19.38 14.50 -12.53
N GLY A 67 19.96 15.69 -12.36
CA GLY A 67 19.27 16.84 -11.75
C GLY A 67 20.16 18.06 -11.73
N VAL A 68 19.63 19.19 -11.27
CA VAL A 68 20.37 20.49 -11.28
C VAL A 68 21.00 20.71 -9.90
N LEU A 69 22.33 20.87 -9.85
CA LEU A 69 23.09 21.48 -8.72
C LEU A 69 23.66 22.81 -9.19
N ALA A 70 23.34 23.90 -8.49
CA ALA A 70 23.96 25.23 -8.69
C ALA A 70 24.00 25.53 -10.19
N ASP A 71 22.85 25.48 -10.85
CA ASP A 71 22.62 25.96 -12.24
C ASP A 71 23.45 25.17 -13.26
N GLN A 72 23.89 23.96 -12.91
CA GLN A 72 24.48 22.98 -13.87
C GLN A 72 23.75 21.64 -13.67
N VAL A 73 23.58 20.88 -14.75
CA VAL A 73 23.00 19.51 -14.70
C VAL A 73 24.12 18.53 -14.43
N TRP A 74 23.87 17.57 -13.55
CA TRP A 74 24.77 16.44 -13.22
C TRP A 74 24.03 15.14 -13.45
N THR A 75 24.79 14.08 -13.74
CA THR A 75 24.38 12.68 -13.55
C THR A 75 25.34 12.05 -12.53
N LEU A 76 24.78 11.31 -11.58
CA LEU A 76 25.51 10.64 -10.48
C LEU A 76 25.20 9.16 -10.55
N THR A 77 26.18 8.30 -10.31
CA THR A 77 25.97 6.84 -10.16
C THR A 77 27.06 6.34 -9.21
N GLN A 78 26.93 5.12 -8.71
CA GLN A 78 27.91 4.65 -7.70
C GLN A 78 28.21 3.17 -7.92
N THR A 79 29.45 2.81 -7.65
CA THR A 79 29.93 1.42 -7.46
C THR A 79 30.00 1.19 -5.95
N GLU A 80 30.68 0.13 -5.50
CA GLU A 80 30.71 -0.23 -4.06
C GLU A 80 31.40 0.88 -3.26
N GLU A 81 32.49 1.44 -3.79
CA GLU A 81 33.43 2.28 -2.99
C GLU A 81 33.51 3.70 -3.57
N GLN A 82 32.78 4.00 -4.64
CA GLN A 82 32.97 5.27 -5.39
C GLN A 82 31.62 5.88 -5.77
N LEU A 83 31.54 7.21 -5.71
CA LEU A 83 30.45 8.04 -6.30
C LEU A 83 31.00 8.67 -7.58
N HIS A 84 30.41 8.31 -8.73
CA HIS A 84 30.83 8.79 -10.07
C HIS A 84 29.96 9.97 -10.51
N CYS A 85 30.59 11.05 -10.95
CA CYS A 85 29.96 12.35 -11.25
C CYS A 85 30.34 12.81 -12.65
N THR A 86 29.38 13.37 -13.36
CA THR A 86 29.58 13.98 -14.69
C THR A 86 28.70 15.22 -14.75
N VAL A 87 29.20 16.29 -15.36
CA VAL A 87 28.49 17.60 -15.44
C VAL A 87 28.36 18.01 -16.91
N TYR A 88 27.17 18.47 -17.30
CA TYR A 88 26.84 18.99 -18.65
C TYR A 88 26.95 20.51 -18.57
N ARG A 89 27.77 21.13 -19.40
CA ARG A 89 27.92 22.60 -19.43
C ARG A 89 27.18 23.09 -20.68
N GLY A 90 26.28 24.07 -20.52
CA GLY A 90 25.35 24.54 -21.57
C GLY A 90 26.01 25.52 -22.52
N ASP A 91 27.32 25.77 -22.33
CA ASP A 91 28.18 26.63 -23.17
C ASP A 91 28.47 25.91 -24.50
N LYS A 92 29.42 26.42 -25.29
CA LYS A 92 29.92 25.77 -26.53
C LYS A 92 31.25 25.03 -26.23
N SER A 93 31.64 24.94 -24.95
CA SER A 93 32.92 24.30 -24.53
C SER A 93 32.86 22.78 -24.74
N GLN A 94 34.01 22.16 -25.02
CA GLN A 94 34.13 20.68 -25.17
C GLN A 94 33.73 20.02 -23.85
N ALA A 95 33.09 18.85 -23.93
CA ALA A 95 32.75 18.01 -22.77
C ALA A 95 34.07 17.66 -22.04
N SER A 96 34.03 17.60 -20.71
CA SER A 96 35.18 17.21 -19.86
C SER A 96 34.67 16.75 -18.50
N ARG A 97 35.43 15.89 -17.83
CA ARG A 97 35.27 15.50 -16.41
C ARG A 97 34.93 16.74 -15.60
N PRO A 98 34.23 16.59 -14.47
CA PRO A 98 34.13 17.65 -13.46
C PRO A 98 35.52 18.09 -12.96
N THR A 99 35.71 19.40 -12.79
CA THR A 99 36.90 19.97 -12.09
C THR A 99 36.87 19.56 -10.62
N PRO A 100 38.03 19.59 -9.92
CA PRO A 100 38.04 19.34 -8.47
C PRO A 100 37.15 20.32 -7.69
N ASP A 101 36.97 21.55 -8.19
CA ASP A 101 36.10 22.60 -7.60
C ASP A 101 34.63 22.13 -7.71
N GLU A 102 34.18 21.82 -8.92
CA GLU A 102 32.84 21.25 -9.20
C GLU A 102 32.62 20.01 -8.34
N LEU A 103 33.60 19.11 -8.26
CA LEU A 103 33.49 17.90 -7.41
C LEU A 103 33.22 18.31 -5.96
N GLU A 104 33.87 19.37 -5.47
CA GLU A 104 33.74 19.81 -4.05
C GLU A 104 32.28 20.26 -3.79
N ALA A 105 31.64 20.95 -4.75
CA ALA A 105 30.20 21.33 -4.67
C ALA A 105 29.32 20.10 -4.45
N VAL A 106 29.64 18.96 -5.09
CA VAL A 106 28.94 17.66 -4.91
C VAL A 106 29.22 17.15 -3.49
N ARG A 107 30.48 17.20 -3.03
CA ARG A 107 30.84 16.68 -1.68
C ARG A 107 30.05 17.44 -0.62
N LYS A 108 29.98 18.77 -0.71
CA LYS A 108 29.22 19.66 0.22
C LYS A 108 27.71 19.38 0.12
N TYR A 109 27.18 19.12 -1.07
CA TYR A 109 25.73 18.86 -1.26
C TYR A 109 25.34 17.60 -0.49
N PHE A 110 26.20 16.57 -0.50
CA PHE A 110 25.97 15.29 0.22
C PHE A 110 26.60 15.33 1.63
N GLN A 111 27.21 16.44 2.02
CA GLN A 111 27.79 16.61 3.39
C GLN A 111 28.67 15.41 3.74
N LEU A 112 29.56 14.99 2.83
CA LEU A 112 30.37 13.74 2.98
C LEU A 112 31.42 13.89 4.09
N ASP A 113 31.71 15.11 4.54
CA ASP A 113 32.59 15.36 5.71
C ASP A 113 31.93 14.79 6.98
N VAL A 114 30.60 14.71 7.03
CA VAL A 114 29.87 14.03 8.13
C VAL A 114 29.92 12.52 7.89
N THR A 115 30.52 11.75 8.80
CA THR A 115 30.66 10.27 8.68
C THR A 115 29.39 9.63 9.25
N LEU A 116 28.58 9.05 8.38
CA LEU A 116 27.27 8.44 8.71
C LEU A 116 27.44 7.23 9.65
N ALA A 117 28.54 6.49 9.54
CA ALA A 117 28.80 5.23 10.29
C ALA A 117 28.64 5.45 11.80
N GLN A 118 29.20 6.55 12.31
CA GLN A 118 29.21 6.87 13.76
C GLN A 118 27.79 7.25 14.20
N LEU A 119 27.07 8.02 13.40
CA LEU A 119 25.67 8.41 13.70
C LEU A 119 24.77 7.16 13.72
N TYR A 120 24.90 6.30 12.71
CA TYR A 120 24.09 5.06 12.59
C TYR A 120 24.32 4.20 13.85
N HIS A 121 25.56 4.17 14.35
CA HIS A 121 25.94 3.40 15.56
C HIS A 121 25.22 3.98 16.79
N HIS A 122 25.38 5.28 17.03
CA HIS A 122 24.76 6.02 18.17
C HIS A 122 23.24 5.78 18.15
N TRP A 123 22.57 6.08 17.03
CA TRP A 123 21.08 5.97 16.91
C TRP A 123 20.64 4.53 17.20
N GLY A 124 21.30 3.55 16.58
CA GLY A 124 21.05 2.11 16.82
C GLY A 124 21.29 1.73 18.27
N SER A 125 22.33 2.27 18.92
CA SER A 125 22.72 1.92 20.31
C SER A 125 21.60 2.31 21.29
N VAL A 126 20.86 3.41 21.03
CA VAL A 126 19.78 3.94 21.93
C VAL A 126 18.39 3.49 21.46
N ASP A 127 18.25 2.97 20.24
CA ASP A 127 16.92 2.80 19.59
C ASP A 127 16.90 1.52 18.76
N SER A 128 16.24 0.48 19.28
CA SER A 128 16.11 -0.87 18.66
C SER A 128 15.41 -0.77 17.30
N HIS A 129 14.26 -0.09 17.21
CA HIS A 129 13.49 0.07 15.96
C HIS A 129 14.36 0.70 14.87
N PHE A 130 15.16 1.70 15.22
CA PHE A 130 16.09 2.36 14.26
C PHE A 130 17.14 1.33 13.78
N GLN A 131 17.79 0.64 14.71
CA GLN A 131 18.72 -0.48 14.41
C GLN A 131 18.13 -1.34 13.29
N GLU A 132 16.87 -1.75 13.46
CA GLU A 132 16.10 -2.68 12.57
C GLU A 132 15.98 -2.08 11.16
N VAL A 133 15.42 -0.86 11.05
CA VAL A 133 15.24 -0.11 9.77
C VAL A 133 16.62 0.10 9.10
N ALA A 134 17.64 0.49 9.88
CA ALA A 134 18.98 0.95 9.43
C ALA A 134 19.73 -0.16 8.67
N GLN A 135 19.47 -1.43 9.04
CA GLN A 135 20.05 -2.64 8.41
C GLN A 135 19.69 -2.62 6.92
N LYS A 136 18.43 -2.32 6.61
CA LYS A 136 17.85 -2.34 5.24
C LYS A 136 18.12 -0.98 4.55
N PHE A 137 18.21 0.11 5.32
CA PHE A 137 18.32 1.49 4.77
C PHE A 137 19.65 2.11 5.20
N GLN A 138 20.75 1.58 4.67
CA GLN A 138 22.11 2.15 4.84
C GLN A 138 22.27 3.36 3.90
N GLY A 139 23.15 4.28 4.26
CA GLY A 139 23.61 5.36 3.39
C GLY A 139 22.58 6.47 3.20
N VAL A 140 21.62 6.60 4.13
CA VAL A 140 20.61 7.70 4.07
C VAL A 140 21.20 8.89 4.81
N ARG A 141 21.57 9.90 4.05
CA ARG A 141 22.18 11.17 4.52
C ARG A 141 21.18 12.28 4.31
N LEU A 142 21.46 13.41 4.94
CA LEU A 142 20.76 14.68 4.68
C LEU A 142 21.55 15.49 3.66
N LEU A 143 20.90 15.89 2.57
CA LEU A 143 21.48 16.83 1.58
C LEU A 143 21.62 18.21 2.23
N ARG A 144 22.64 18.96 1.85
CA ARG A 144 22.79 20.39 2.20
C ARG A 144 22.26 21.19 1.02
N GLN A 145 21.02 21.66 1.12
CA GLN A 145 20.32 22.27 -0.04
C GLN A 145 20.54 23.77 -0.02
N ASP A 146 20.38 24.38 -1.20
CA ASP A 146 20.36 25.85 -1.36
C ASP A 146 19.16 26.38 -0.59
N PRO A 147 19.29 27.42 0.26
CA PRO A 147 18.18 27.87 1.09
C PRO A 147 16.96 28.34 0.28
N ILE A 148 17.16 29.02 -0.85
CA ILE A 148 16.04 29.53 -1.68
C ILE A 148 15.28 28.34 -2.23
N GLU A 149 15.97 27.45 -2.94
CA GLU A 149 15.37 26.19 -3.46
C GLU A 149 14.65 25.47 -2.31
N CYS A 150 15.28 25.32 -1.15
CA CYS A 150 14.70 24.55 -0.03
C CYS A 150 13.42 25.25 0.46
N LEU A 151 13.48 26.58 0.65
CA LEU A 151 12.35 27.35 1.22
C LEU A 151 11.12 27.21 0.30
N PHE A 152 11.27 27.43 -1.00
CA PHE A 152 10.11 27.53 -1.94
C PHE A 152 9.61 26.12 -2.28
N SER A 153 10.49 25.12 -2.39
CA SER A 153 10.10 23.69 -2.53
C SER A 153 9.24 23.24 -1.35
N PHE A 154 9.59 23.58 -0.12
CA PHE A 154 8.78 23.18 1.06
C PHE A 154 7.56 24.09 1.27
N ILE A 155 7.54 25.34 0.79
CA ILE A 155 6.26 26.11 0.71
C ILE A 155 5.29 25.31 -0.19
N CYS A 156 5.78 24.67 -1.24
CA CYS A 156 4.98 23.84 -2.18
C CYS A 156 4.57 22.51 -1.54
N SER A 157 5.11 22.16 -0.35
CA SER A 157 4.94 20.82 0.27
C SER A 157 3.70 20.74 1.15
N SER A 158 3.12 21.86 1.57
CA SER A 158 2.00 21.86 2.56
C SER A 158 0.79 21.12 1.98
N ASN A 159 0.22 20.20 2.77
CA ASN A 159 -1.02 19.43 2.43
C ASN A 159 -0.85 18.83 1.03
N ASN A 160 0.21 18.07 0.81
CA ASN A 160 0.65 17.66 -0.54
C ASN A 160 1.44 16.36 -0.45
N ASN A 161 1.33 15.49 -1.46
CA ASN A 161 2.06 14.18 -1.54
C ASN A 161 3.33 14.41 -2.37
N ILE A 162 4.27 13.47 -2.32
CA ILE A 162 5.61 13.64 -2.96
C ILE A 162 5.41 13.78 -4.48
N ALA A 163 4.56 12.97 -5.11
CA ALA A 163 4.30 13.04 -6.57
C ALA A 163 3.92 14.47 -6.96
N ARG A 164 2.94 15.05 -6.25
CA ARG A 164 2.35 16.38 -6.59
C ARG A 164 3.36 17.49 -6.27
N ILE A 165 4.19 17.36 -5.23
CA ILE A 165 5.24 18.40 -4.91
C ILE A 165 6.25 18.42 -6.05
N THR A 166 6.75 17.25 -6.45
CA THR A 166 7.74 17.07 -7.55
C THR A 166 7.23 17.77 -8.81
N GLY A 167 5.98 17.49 -9.19
CA GLY A 167 5.30 18.14 -10.34
C GLY A 167 5.25 19.65 -10.17
N MET A 168 4.80 20.13 -9.02
CA MET A 168 4.64 21.59 -8.76
C MET A 168 6.01 22.28 -8.84
N VAL A 169 7.03 21.71 -8.21
CA VAL A 169 8.40 22.29 -8.24
C VAL A 169 8.90 22.28 -9.69
N GLU A 170 8.68 21.19 -10.43
CA GLU A 170 9.13 21.06 -11.85
C GLU A 170 8.50 22.19 -12.68
N ARG A 171 7.20 22.45 -12.50
CA ARG A 171 6.47 23.46 -13.31
C ARG A 171 6.93 24.85 -12.90
N LEU A 172 7.14 25.09 -11.60
CA LEU A 172 7.65 26.38 -11.06
C LEU A 172 9.00 26.71 -11.72
N CYS A 173 9.92 25.75 -11.82
CA CYS A 173 11.28 25.94 -12.38
C CYS A 173 11.18 26.19 -13.90
N GLN A 174 10.34 25.41 -14.59
CA GLN A 174 10.08 25.58 -16.04
C GLN A 174 9.61 27.02 -16.31
N ALA A 175 8.67 27.51 -15.51
CA ALA A 175 8.03 28.83 -15.69
C ALA A 175 8.99 29.98 -15.39
N PHE A 176 9.81 29.91 -14.32
CA PHE A 176 10.49 31.09 -13.75
C PHE A 176 11.98 30.91 -13.55
N GLY A 177 12.53 29.70 -13.77
CA GLY A 177 13.98 29.46 -13.69
C GLY A 177 14.64 29.59 -15.05
N PRO A 178 15.95 29.92 -15.13
CA PRO A 178 16.65 29.98 -16.41
C PRO A 178 16.71 28.58 -17.05
N ARG A 179 16.48 28.51 -18.36
CA ARG A 179 16.69 27.28 -19.15
C ARG A 179 18.20 27.00 -19.19
N LEU A 180 18.60 25.76 -18.90
CA LEU A 180 20.04 25.40 -18.81
C LEU A 180 20.44 24.66 -20.09
N ILE A 181 19.83 23.50 -20.31
CA ILE A 181 20.19 22.51 -21.36
C ILE A 181 19.04 21.53 -21.54
N GLN A 182 18.93 20.93 -22.73
CA GLN A 182 18.03 19.78 -23.01
C GLN A 182 18.88 18.53 -23.22
N LEU A 183 18.55 17.44 -22.53
CA LEU A 183 19.19 16.11 -22.65
C LEU A 183 18.09 15.10 -22.97
N ASP A 184 18.23 14.36 -24.07
CA ASP A 184 17.16 13.51 -24.64
C ASP A 184 15.88 14.37 -24.67
N ASP A 185 14.78 13.90 -24.08
CA ASP A 185 13.46 14.59 -24.06
C ASP A 185 13.38 15.70 -23.01
N VAL A 186 14.30 15.74 -22.04
CA VAL A 186 14.14 16.53 -20.77
C VAL A 186 14.82 17.90 -20.88
N THR A 187 14.09 18.98 -20.65
CA THR A 187 14.65 20.36 -20.58
C THR A 187 14.84 20.74 -19.10
N TYR A 188 16.07 21.07 -18.70
CA TYR A 188 16.44 21.38 -17.29
C TYR A 188 16.46 22.91 -17.12
N HIS A 189 15.83 23.36 -16.04
CA HIS A 189 15.83 24.77 -15.60
C HIS A 189 16.51 24.87 -14.23
N GLY A 190 17.23 25.97 -14.01
CA GLY A 190 17.71 26.39 -12.69
C GLY A 190 16.51 26.72 -11.81
N PHE A 191 16.70 26.70 -10.50
CA PHE A 191 15.67 27.17 -9.55
C PHE A 191 15.51 28.68 -9.68
N PRO A 192 14.25 29.19 -9.72
CA PRO A 192 14.03 30.62 -9.88
C PRO A 192 14.75 31.43 -8.80
N SER A 193 15.21 32.62 -9.19
CA SER A 193 15.76 33.67 -8.30
C SER A 193 14.61 34.29 -7.51
N LEU A 194 14.93 34.93 -6.39
CA LEU A 194 13.97 35.75 -5.62
C LEU A 194 13.30 36.77 -6.55
N GLN A 195 14.13 37.41 -7.38
CA GLN A 195 13.71 38.51 -8.29
C GLN A 195 12.60 37.96 -9.20
N ALA A 196 12.84 36.81 -9.85
CA ALA A 196 11.86 36.10 -10.69
C ALA A 196 10.56 35.85 -9.92
N LEU A 197 10.63 35.37 -8.66
CA LEU A 197 9.44 34.90 -7.88
C LEU A 197 8.71 36.08 -7.23
N ALA A 198 9.35 37.25 -7.14
CA ALA A 198 8.76 38.50 -6.57
C ALA A 198 7.94 39.23 -7.65
N GLY A 199 8.05 38.81 -8.91
CA GLY A 199 7.40 39.43 -10.10
C GLY A 199 5.88 39.52 -9.98
N PRO A 200 5.23 40.39 -10.80
CA PRO A 200 3.81 40.73 -10.64
C PRO A 200 2.85 39.67 -11.18
N GLU A 201 3.31 38.85 -12.12
CA GLU A 201 2.51 37.83 -12.85
C GLU A 201 2.55 36.50 -12.09
N VAL A 202 3.48 36.36 -11.14
CA VAL A 202 3.93 35.05 -10.55
C VAL A 202 2.73 34.31 -9.96
N GLU A 203 2.03 34.98 -9.05
CA GLU A 203 0.90 34.40 -8.27
C GLU A 203 -0.16 33.81 -9.23
N ALA A 204 -0.64 34.60 -10.19
CA ALA A 204 -1.68 34.16 -11.16
C ALA A 204 -1.18 32.93 -11.91
N HIS A 205 0.04 33.03 -12.45
CA HIS A 205 0.72 31.98 -13.26
C HIS A 205 0.84 30.69 -12.43
N LEU A 206 1.28 30.81 -11.16
CA LEU A 206 1.47 29.64 -10.27
C LEU A 206 0.10 28.99 -9.99
N ARG A 207 -0.96 29.77 -9.88
CA ARG A 207 -2.33 29.22 -9.74
C ARG A 207 -2.68 28.40 -10.99
N LYS A 208 -2.31 28.84 -12.19
CA LYS A 208 -2.57 28.08 -13.44
C LYS A 208 -1.82 26.74 -13.41
N LEU A 209 -0.67 26.66 -12.72
CA LEU A 209 0.14 25.42 -12.65
C LEU A 209 -0.31 24.52 -11.49
N GLY A 210 -1.43 24.85 -10.83
CA GLY A 210 -2.08 24.00 -9.83
C GLY A 210 -1.50 24.16 -8.43
N LEU A 211 -0.79 25.26 -8.14
CA LEU A 211 -0.16 25.47 -6.81
C LEU A 211 -1.23 25.93 -5.80
N GLY A 212 -2.38 26.41 -6.27
CA GLY A 212 -3.48 26.86 -5.39
C GLY A 212 -3.05 27.96 -4.45
N TYR A 213 -3.40 27.84 -3.16
CA TYR A 213 -3.12 28.83 -2.09
C TYR A 213 -1.59 29.06 -1.96
N ARG A 214 -0.82 28.05 -2.35
CA ARG A 214 0.67 28.08 -2.24
C ARG A 214 1.26 29.10 -3.23
N ALA A 215 0.56 29.38 -4.33
CA ALA A 215 1.00 30.37 -5.34
C ALA A 215 1.24 31.72 -4.66
N ARG A 216 0.30 32.18 -3.83
CA ARG A 216 0.41 33.47 -3.10
C ARG A 216 1.56 33.39 -2.10
N TYR A 217 1.68 32.28 -1.38
CA TYR A 217 2.78 32.06 -0.40
C TYR A 217 4.13 32.26 -1.10
N VAL A 218 4.30 31.68 -2.28
CA VAL A 218 5.58 31.80 -3.06
C VAL A 218 5.84 33.29 -3.36
N SER A 219 4.90 33.97 -4.02
CA SER A 219 5.03 35.40 -4.42
C SER A 219 5.32 36.29 -3.20
N ALA A 220 4.50 36.18 -2.15
CA ALA A 220 4.54 37.05 -0.96
C ALA A 220 5.84 36.78 -0.17
N SER A 221 6.27 35.52 -0.07
CA SER A 221 7.53 35.20 0.65
C SER A 221 8.74 35.73 -0.13
N ALA A 222 8.73 35.68 -1.46
CA ALA A 222 9.85 36.18 -2.30
C ALA A 222 9.93 37.71 -2.11
N ARG A 223 8.76 38.36 -2.08
CA ARG A 223 8.67 39.84 -1.89
C ARG A 223 9.11 40.21 -0.46
N ALA A 224 8.67 39.46 0.55
CA ALA A 224 9.02 39.69 1.98
C ALA A 224 10.55 39.59 2.17
N ILE A 225 11.20 38.59 1.58
CA ILE A 225 12.69 38.41 1.71
C ILE A 225 13.42 39.57 1.02
N LEU A 226 13.00 40.00 -0.17
CA LEU A 226 13.66 41.08 -0.94
C LEU A 226 13.42 42.45 -0.27
N GLU A 227 12.18 42.75 0.08
CA GLU A 227 11.75 44.12 0.49
C GLU A 227 12.00 44.35 1.98
N GLU A 228 11.86 43.34 2.82
CA GLU A 228 11.80 43.53 4.30
C GLU A 228 13.02 42.93 5.02
N GLN A 229 13.65 41.86 4.50
CA GLN A 229 14.67 41.10 5.25
C GLN A 229 16.06 41.26 4.61
N GLY A 230 16.16 41.88 3.44
CA GLY A 230 17.44 42.24 2.81
C GLY A 230 18.00 41.17 1.90
N GLY A 231 17.14 40.36 1.28
CA GLY A 231 17.55 39.43 0.20
C GLY A 231 18.19 38.16 0.73
N LEU A 232 18.99 37.52 -0.13
CA LEU A 232 19.71 36.23 0.14
C LEU A 232 20.53 36.34 1.42
N ALA A 233 21.04 37.55 1.71
CA ALA A 233 21.90 37.83 2.88
C ALA A 233 21.26 37.25 4.13
N TRP A 234 19.93 37.32 4.22
CA TRP A 234 19.16 36.91 5.41
C TRP A 234 19.30 35.39 5.65
N LEU A 235 19.25 34.58 4.60
CA LEU A 235 19.25 33.11 4.76
C LEU A 235 20.66 32.66 5.14
N GLN A 236 21.69 33.41 4.71
CA GLN A 236 23.09 33.18 5.14
C GLN A 236 23.22 33.50 6.63
N GLN A 237 22.64 34.63 7.07
CA GLN A 237 22.57 35.04 8.51
C GLN A 237 21.90 33.93 9.33
N LEU A 238 20.79 33.38 8.85
CA LEU A 238 20.04 32.31 9.57
C LEU A 238 20.91 31.04 9.65
N ARG A 239 21.67 30.73 8.60
CA ARG A 239 22.63 29.60 8.53
C ARG A 239 23.61 29.72 9.73
N GLU A 240 24.03 30.94 10.05
CA GLU A 240 25.05 31.24 11.09
C GLU A 240 24.38 31.50 12.44
N SER A 241 23.04 31.55 12.48
CA SER A 241 22.29 31.80 13.74
C SER A 241 22.01 30.46 14.41
N SER A 242 21.51 30.53 15.64
CA SER A 242 21.05 29.36 16.43
C SER A 242 19.81 28.76 15.75
N TYR A 243 19.58 27.47 15.96
CA TYR A 243 18.34 26.77 15.54
C TYR A 243 17.13 27.59 15.99
N GLU A 244 17.08 27.99 17.25
CA GLU A 244 15.91 28.67 17.86
C GLU A 244 15.66 30.00 17.12
N GLU A 245 16.69 30.80 16.87
CA GLU A 245 16.55 32.10 16.16
C GLU A 245 16.11 31.83 14.72
N ALA A 246 16.74 30.88 14.03
CA ALA A 246 16.50 30.59 12.59
C ALA A 246 15.04 30.16 12.41
N HIS A 247 14.56 29.24 13.26
CA HIS A 247 13.20 28.69 13.22
C HIS A 247 12.17 29.81 13.44
N LYS A 248 12.37 30.64 14.46
CA LYS A 248 11.51 31.81 14.78
C LYS A 248 11.46 32.76 13.58
N ALA A 249 12.62 33.13 13.02
CA ALA A 249 12.74 34.11 11.92
C ALA A 249 11.98 33.61 10.68
N LEU A 250 12.15 32.33 10.32
CA LEU A 250 11.51 31.75 9.12
C LEU A 250 9.99 31.81 9.25
N CYS A 251 9.46 31.64 10.46
CA CYS A 251 8.01 31.52 10.74
C CYS A 251 7.27 32.85 10.48
N ILE A 252 7.98 33.95 10.20
CA ILE A 252 7.30 35.24 9.83
C ILE A 252 6.86 35.20 8.36
N LEU A 253 7.37 34.24 7.56
CA LEU A 253 7.10 34.17 6.10
C LEU A 253 5.75 33.53 5.83
N PRO A 254 4.95 34.11 4.91
CA PRO A 254 3.71 33.50 4.46
C PRO A 254 3.93 32.08 3.93
N GLY A 255 3.16 31.13 4.44
CA GLY A 255 3.22 29.72 4.02
C GLY A 255 4.26 28.92 4.81
N VAL A 256 5.05 29.56 5.68
CA VAL A 256 6.07 28.87 6.52
C VAL A 256 5.55 28.73 7.95
N GLY A 257 5.07 27.54 8.29
CA GLY A 257 4.76 27.15 9.69
C GLY A 257 5.91 26.37 10.32
N THR A 258 5.66 25.82 11.51
CA THR A 258 6.65 25.04 12.30
C THR A 258 7.32 23.96 11.44
N LYS A 259 6.55 23.18 10.69
CA LYS A 259 7.01 21.98 9.93
C LYS A 259 7.96 22.44 8.82
N VAL A 260 7.50 23.39 8.01
CA VAL A 260 8.28 23.94 6.86
C VAL A 260 9.54 24.63 7.40
N ALA A 261 9.43 25.40 8.48
CA ALA A 261 10.58 26.10 9.10
C ALA A 261 11.61 25.05 9.57
N ASP A 262 11.16 23.94 10.16
CA ASP A 262 12.07 22.85 10.60
C ASP A 262 12.75 22.19 9.38
N CYS A 263 12.02 21.96 8.29
CA CYS A 263 12.60 21.37 7.06
C CYS A 263 13.75 22.24 6.57
N ILE A 264 13.50 23.54 6.41
CA ILE A 264 14.52 24.53 5.94
C ILE A 264 15.74 24.50 6.89
N CYS A 265 15.50 24.56 8.21
CA CYS A 265 16.54 24.55 9.27
C CYS A 265 17.43 23.31 9.11
N LEU A 266 16.81 22.13 8.94
CA LEU A 266 17.51 20.81 8.85
C LEU A 266 18.27 20.70 7.52
N MET A 267 17.63 21.11 6.42
CA MET A 267 18.04 20.74 5.04
C MET A 267 18.89 21.82 4.38
N ALA A 268 18.84 23.07 4.85
CA ALA A 268 19.55 24.20 4.19
C ALA A 268 20.30 25.08 5.19
N LEU A 269 19.95 25.11 6.48
CA LEU A 269 20.56 26.06 7.44
C LEU A 269 21.41 25.34 8.49
N ASP A 270 21.86 24.11 8.23
CA ASP A 270 22.80 23.35 9.10
C ASP A 270 22.29 23.30 10.55
N LYS A 271 21.01 22.98 10.79
CA LYS A 271 20.49 22.66 12.15
C LYS A 271 20.13 21.17 12.19
N PRO A 272 21.08 20.28 12.50
CA PRO A 272 20.79 18.83 12.44
C PRO A 272 19.78 18.31 13.47
N GLN A 273 19.48 19.10 14.50
CA GLN A 273 18.59 18.72 15.64
C GLN A 273 17.11 19.03 15.32
N ALA A 274 16.85 19.73 14.21
CA ALA A 274 15.49 20.07 13.74
C ALA A 274 14.75 18.77 13.39
N VAL A 275 13.55 18.59 13.96
CA VAL A 275 12.67 17.41 13.68
C VAL A 275 11.34 17.93 13.15
N PRO A 276 11.17 17.94 11.80
CA PRO A 276 9.95 18.46 11.19
C PRO A 276 8.78 17.52 11.47
N VAL A 277 7.81 17.97 12.27
CA VAL A 277 6.68 17.14 12.75
C VAL A 277 5.42 17.53 11.96
N ASP A 278 4.87 16.56 11.22
CA ASP A 278 3.52 16.61 10.62
C ASP A 278 2.90 15.21 10.79
N VAL A 279 1.83 14.93 10.05
CA VAL A 279 1.09 13.63 10.07
C VAL A 279 2.08 12.47 9.94
N HIS A 280 3.12 12.61 9.11
CA HIS A 280 4.04 11.50 8.74
C HIS A 280 4.87 11.09 9.96
N MET A 281 5.42 12.04 10.72
CA MET A 281 6.23 11.72 11.92
C MET A 281 5.31 11.25 13.06
N TRP A 282 4.06 11.71 13.08
CA TRP A 282 2.99 11.26 14.00
C TRP A 282 2.75 9.76 13.78
N HIS A 283 2.59 9.36 12.51
CA HIS A 283 2.29 7.98 12.09
C HIS A 283 3.42 7.06 12.56
N ILE A 284 4.68 7.48 12.39
CA ILE A 284 5.89 6.71 12.83
C ILE A 284 5.90 6.64 14.36
N ALA A 285 5.63 7.77 15.03
CA ALA A 285 5.61 7.88 16.51
C ALA A 285 4.64 6.84 17.10
N GLN A 286 3.40 6.84 16.61
CA GLN A 286 2.30 5.99 17.13
C GLN A 286 2.57 4.52 16.78
N ARG A 287 2.84 4.23 15.51
CA ARG A 287 3.03 2.86 14.96
C ARG A 287 4.27 2.21 15.58
N ASP A 288 5.42 2.90 15.60
CA ASP A 288 6.74 2.29 15.89
C ASP A 288 7.27 2.67 17.27
N TYR A 289 6.79 3.75 17.89
CA TYR A 289 7.28 4.24 19.21
C TYR A 289 6.14 4.31 20.24
N SER A 290 5.00 3.68 19.93
CA SER A 290 3.80 3.58 20.81
C SER A 290 3.63 4.89 21.59
N TRP A 291 3.62 6.03 20.88
CA TRP A 291 3.69 7.39 21.46
C TRP A 291 2.31 8.05 21.45
N HIS A 292 2.02 8.80 22.53
CA HIS A 292 0.82 9.65 22.70
C HIS A 292 1.23 10.98 23.35
N PRO A 293 0.53 12.10 23.06
CA PRO A 293 0.75 13.36 23.78
C PRO A 293 0.68 13.24 25.31
N THR A 294 1.49 14.04 26.01
CA THR A 294 1.62 14.11 27.50
C THR A 294 1.46 15.58 27.95
N ALA A 298 -5.70 17.04 24.78
CA ALA A 298 -5.47 17.01 23.31
C ALA A 298 -4.57 15.82 22.95
N LYS A 299 -5.13 14.80 22.29
CA LYS A 299 -4.39 13.59 21.82
C LYS A 299 -3.98 13.77 20.35
N GLY A 300 -4.31 14.92 19.74
CA GLY A 300 -4.22 15.13 18.28
C GLY A 300 -3.20 16.20 17.89
N PRO A 301 -2.71 16.17 16.63
CA PRO A 301 -1.76 17.18 16.14
C PRO A 301 -2.18 18.63 16.45
N SER A 302 -1.46 19.27 17.37
CA SER A 302 -1.56 20.73 17.69
C SER A 302 -0.14 21.27 17.84
N PRO A 303 0.03 22.62 17.89
CA PRO A 303 1.34 23.21 18.18
C PRO A 303 2.03 22.55 19.38
N GLN A 304 1.29 22.35 20.47
CA GLN A 304 1.86 21.87 21.76
C GLN A 304 2.29 20.41 21.61
N THR A 305 1.46 19.57 20.99
CA THR A 305 1.72 18.11 20.84
C THR A 305 2.83 17.92 19.78
N ASN A 306 2.84 18.73 18.72
CA ASN A 306 3.90 18.71 17.67
C ASN A 306 5.26 19.03 18.33
N LYS A 307 5.30 20.01 19.25
CA LYS A 307 6.55 20.46 19.92
C LYS A 307 7.06 19.34 20.82
N GLU A 308 6.15 18.69 21.56
CA GLU A 308 6.47 17.54 22.44
C GLU A 308 7.13 16.43 21.62
N LEU A 309 6.53 16.08 20.48
CA LEU A 309 7.02 14.98 19.60
C LEU A 309 8.46 15.31 19.16
N GLY A 310 8.71 16.54 18.71
CA GLY A 310 10.07 16.97 18.32
C GLY A 310 11.05 16.80 19.46
N ASN A 311 10.64 17.19 20.67
CA ASN A 311 11.51 17.13 21.88
C ASN A 311 11.78 15.64 22.20
N PHE A 312 10.77 14.77 22.03
CA PHE A 312 10.86 13.31 22.28
C PHE A 312 12.00 12.70 21.46
N PHE A 313 12.08 13.07 20.17
CA PHE A 313 13.08 12.52 19.22
C PHE A 313 14.45 13.17 19.40
N ARG A 314 14.54 14.44 19.76
CA ARG A 314 15.86 15.05 20.12
C ARG A 314 16.40 14.35 21.38
N SER A 315 15.55 14.11 22.39
CA SER A 315 15.94 13.44 23.67
C SER A 315 16.47 12.04 23.35
N LEU A 316 15.76 11.29 22.50
CA LEU A 316 16.13 9.92 22.07
C LEU A 316 17.43 9.95 21.23
N TRP A 317 17.45 10.64 20.08
CA TRP A 317 18.51 10.49 19.04
C TRP A 317 19.69 11.42 19.29
N GLY A 318 19.49 12.58 19.92
CA GLY A 318 20.56 13.53 20.23
C GLY A 318 20.65 14.63 19.17
N PRO A 319 21.82 15.30 19.04
CA PRO A 319 21.96 16.52 18.23
C PRO A 319 21.77 16.40 16.71
N TYR A 320 21.66 15.17 16.17
CA TYR A 320 21.42 14.91 14.73
C TYR A 320 20.09 14.19 14.54
N ALA A 321 19.15 14.40 15.46
CA ALA A 321 17.80 13.81 15.43
C ALA A 321 17.20 13.92 14.01
N GLY A 322 17.36 15.06 13.34
CA GLY A 322 16.71 15.25 12.01
C GLY A 322 17.28 14.31 10.97
N TRP A 323 18.58 13.98 11.07
CA TRP A 323 19.25 12.98 10.20
C TRP A 323 18.68 11.59 10.45
N ALA A 324 18.41 11.23 11.71
CA ALA A 324 17.79 9.93 12.08
C ALA A 324 16.39 9.85 11.45
N GLN A 325 15.60 10.92 11.59
CA GLN A 325 14.24 11.00 10.99
C GLN A 325 14.35 10.74 9.48
N ALA A 326 15.37 11.25 8.81
CA ALA A 326 15.51 11.14 7.34
C ALA A 326 15.55 9.65 6.98
N VAL A 327 16.24 8.83 7.77
CA VAL A 327 16.34 7.35 7.57
C VAL A 327 14.91 6.77 7.57
N LEU A 328 14.14 7.07 8.61
CA LEU A 328 12.78 6.51 8.81
C LEU A 328 11.84 7.02 7.71
N PHE A 329 11.97 8.28 7.29
CA PHE A 329 11.17 8.88 6.18
C PHE A 329 11.53 8.18 4.86
N SER A 330 12.82 7.93 4.60
CA SER A 330 13.29 7.18 3.40
C SER A 330 12.57 5.83 3.34
N ALA A 331 12.56 5.08 4.46
CA ALA A 331 11.92 3.75 4.57
C ALA A 331 10.41 3.86 4.28
N ASP A 332 9.68 4.72 5.01
CA ASP A 332 8.20 4.84 4.84
C ASP A 332 7.87 5.23 3.39
N LEU A 333 8.59 6.18 2.80
CA LEU A 333 8.37 6.61 1.40
C LEU A 333 8.56 5.42 0.44
N ARG A 334 9.65 4.66 0.59
CA ARG A 334 9.95 3.48 -0.28
C ARG A 334 8.83 2.44 -0.12
N GLN A 335 8.46 2.10 1.13
CA GLN A 335 7.51 1.00 1.50
C GLN A 335 6.05 1.41 1.27
N SER A 336 5.81 2.56 0.65
CA SER A 336 4.47 3.03 0.21
C SER A 336 4.46 3.33 -1.30
N ARG A 337 5.53 2.96 -2.02
CA ARG A 337 5.76 3.21 -3.48
C ARG A 337 6.85 4.27 -3.64
N MET B 21 -33.79 0.19 8.25
CA MET B 21 -35.08 0.74 7.73
C MET B 21 -35.68 1.74 8.74
N GLY B 22 -35.58 1.47 10.06
CA GLY B 22 -36.09 2.36 11.12
C GLY B 22 -34.98 3.05 11.91
N HIS B 23 -35.27 4.21 12.49
CA HIS B 23 -34.40 4.90 13.48
C HIS B 23 -34.32 4.04 14.75
N ARG B 24 -33.12 3.85 15.30
CA ARG B 24 -32.89 3.00 16.50
C ARG B 24 -33.15 3.82 17.77
N THR B 25 -33.59 3.15 18.82
CA THR B 25 -33.59 3.66 20.21
C THR B 25 -32.70 2.71 21.03
N LEU B 26 -32.14 3.20 22.14
CA LEU B 26 -31.22 2.41 22.98
C LEU B 26 -31.95 1.13 23.40
N ALA B 27 -33.27 1.20 23.57
CA ALA B 27 -34.17 0.11 24.00
C ALA B 27 -34.38 -0.91 22.87
N SER B 28 -34.67 -0.44 21.66
CA SER B 28 -35.20 -1.25 20.53
C SER B 28 -34.13 -2.18 19.94
N THR B 29 -32.83 -1.83 20.05
CA THR B 29 -31.70 -2.57 19.42
C THR B 29 -30.43 -2.42 20.25
N PRO B 30 -30.42 -2.85 21.53
CA PRO B 30 -29.33 -2.53 22.45
C PRO B 30 -27.93 -3.02 22.04
N ALA B 31 -27.85 -4.06 21.21
CA ALA B 31 -26.58 -4.67 20.75
C ALA B 31 -25.91 -3.76 19.71
N LEU B 32 -26.65 -2.83 19.10
CA LEU B 32 -26.12 -1.95 18.02
C LEU B 32 -25.61 -0.61 18.59
N TRP B 33 -25.57 -0.44 19.92
CA TRP B 33 -25.12 0.81 20.58
C TRP B 33 -23.77 0.59 21.26
N ALA B 34 -22.81 1.51 21.05
CA ALA B 34 -21.53 1.57 21.79
C ALA B 34 -21.53 2.81 22.67
N SER B 35 -20.84 2.73 23.82
CA SER B 35 -20.84 3.76 24.88
C SER B 35 -19.50 4.49 24.91
N ILE B 36 -19.56 5.79 25.18
CA ILE B 36 -18.39 6.65 25.44
C ILE B 36 -18.59 7.19 26.85
N PRO B 37 -17.58 7.12 27.73
CA PRO B 37 -17.64 7.84 29.00
C PRO B 37 -17.89 9.32 28.69
N CYS B 38 -18.94 9.90 29.25
CA CYS B 38 -19.35 11.29 28.96
C CYS B 38 -20.48 11.70 29.89
N PRO B 39 -20.18 12.38 31.01
CA PRO B 39 -21.24 12.88 31.88
C PRO B 39 -21.94 14.09 31.24
N ARG B 40 -23.16 14.39 31.69
CA ARG B 40 -24.01 15.48 31.13
C ARG B 40 -23.35 16.83 31.41
N SER B 41 -22.38 16.86 32.33
CA SER B 41 -21.52 18.04 32.63
C SER B 41 -20.53 18.30 31.48
N GLU B 42 -20.14 17.26 30.75
CA GLU B 42 -19.22 17.38 29.58
C GLU B 42 -20.03 17.62 28.30
N LEU B 43 -21.29 17.19 28.24
CA LEU B 43 -22.12 17.30 27.01
C LEU B 43 -23.61 17.17 27.34
N ARG B 44 -24.41 18.16 26.92
CA ARG B 44 -25.88 18.05 26.82
C ARG B 44 -26.29 18.13 25.34
N LEU B 45 -26.58 16.98 24.71
CA LEU B 45 -26.99 16.86 23.28
C LEU B 45 -28.12 17.86 22.97
N ASP B 46 -29.09 17.99 23.88
CA ASP B 46 -30.30 18.83 23.68
C ASP B 46 -29.94 20.33 23.68
N LEU B 47 -28.80 20.71 24.24
CA LEU B 47 -28.33 22.12 24.28
C LEU B 47 -27.29 22.40 23.18
N VAL B 48 -26.74 21.37 22.54
CA VAL B 48 -25.63 21.54 21.54
C VAL B 48 -26.18 21.34 20.13
N LEU B 49 -26.86 20.23 19.86
CA LEU B 49 -27.14 19.81 18.47
C LEU B 49 -28.15 20.73 17.77
N PRO B 50 -29.12 21.35 18.46
CA PRO B 50 -30.05 22.28 17.82
C PRO B 50 -29.77 23.76 18.08
N SER B 51 -28.57 24.11 18.56
CA SER B 51 -28.21 25.47 19.06
C SER B 51 -27.51 26.30 17.98
N GLY B 52 -27.73 26.00 16.70
CA GLY B 52 -27.21 26.76 15.55
C GLY B 52 -25.72 26.62 15.33
N GLN B 53 -25.12 25.50 15.71
CA GLN B 53 -23.72 25.19 15.33
C GLN B 53 -23.77 24.35 14.06
N SER B 54 -24.29 23.14 14.20
CA SER B 54 -24.67 22.25 13.09
C SER B 54 -26.19 22.38 12.87
N PHE B 55 -26.64 22.23 11.63
CA PHE B 55 -28.05 22.33 11.22
C PHE B 55 -28.57 20.96 10.76
N ARG B 56 -27.88 19.87 11.10
CA ARG B 56 -28.05 18.55 10.45
C ARG B 56 -28.49 17.46 11.43
N TRP B 57 -28.86 17.81 12.65
CA TRP B 57 -29.34 16.85 13.67
C TRP B 57 -30.83 17.11 13.94
N ARG B 58 -31.64 16.05 14.01
CA ARG B 58 -33.06 16.10 14.43
C ARG B 58 -33.30 15.06 15.53
N GLU B 59 -34.05 15.43 16.56
CA GLU B 59 -34.51 14.50 17.62
C GLU B 59 -35.69 13.68 17.06
N GLN B 60 -35.39 12.64 16.27
CA GLN B 60 -36.40 11.83 15.54
C GLN B 60 -37.20 10.95 16.50
N SER B 61 -36.59 10.51 17.61
CA SER B 61 -37.28 9.94 18.79
C SER B 61 -36.94 10.78 20.02
N PRO B 62 -37.78 10.80 21.07
CA PRO B 62 -37.46 11.57 22.28
C PRO B 62 -36.08 11.19 22.86
N ALA B 63 -35.22 12.19 23.06
CA ALA B 63 -33.85 12.09 23.61
C ALA B 63 -32.87 11.40 22.64
N HIS B 64 -33.28 11.12 21.41
CA HIS B 64 -32.44 10.45 20.38
C HIS B 64 -32.22 11.39 19.19
N TRP B 65 -30.97 11.79 18.95
CA TRP B 65 -30.58 12.75 17.88
C TRP B 65 -29.94 12.01 16.71
N SER B 66 -30.51 12.15 15.53
CA SER B 66 -30.04 11.52 14.28
C SER B 66 -29.55 12.61 13.33
N GLY B 67 -28.49 12.30 12.59
CA GLY B 67 -27.83 13.26 11.69
C GLY B 67 -26.66 12.60 11.00
N VAL B 68 -26.07 13.30 10.04
CA VAL B 68 -24.97 12.77 9.19
C VAL B 68 -23.64 13.28 9.76
N LEU B 69 -22.74 12.37 10.09
CA LEU B 69 -21.36 12.65 10.54
C LEU B 69 -20.42 11.86 9.64
N ALA B 70 -19.70 12.56 8.75
CA ALA B 70 -18.71 11.99 7.80
C ALA B 70 -19.39 10.88 6.99
N ASP B 71 -20.39 11.25 6.19
CA ASP B 71 -21.06 10.39 5.16
C ASP B 71 -21.59 9.08 5.77
N GLN B 72 -21.87 9.04 7.07
CA GLN B 72 -22.70 7.97 7.69
C GLN B 72 -23.74 8.64 8.59
N VAL B 73 -24.92 8.04 8.67
CA VAL B 73 -25.98 8.48 9.63
C VAL B 73 -25.66 7.86 10.98
N TRP B 74 -25.83 8.64 12.04
CA TRP B 74 -25.68 8.23 13.44
C TRP B 74 -26.96 8.60 14.19
N THR B 75 -27.30 7.85 15.22
CA THR B 75 -28.23 8.29 16.29
C THR B 75 -27.43 8.35 17.59
N LEU B 76 -27.62 9.44 18.36
CA LEU B 76 -26.91 9.66 19.66
C LEU B 76 -27.94 9.84 20.75
N THR B 77 -27.68 9.30 21.91
CA THR B 77 -28.54 9.49 23.10
C THR B 77 -27.62 9.41 24.32
N GLN B 78 -28.06 9.89 25.46
CA GLN B 78 -27.18 9.88 26.65
C GLN B 78 -27.98 9.48 27.89
N THR B 79 -27.29 8.85 28.83
CA THR B 79 -27.70 8.63 30.23
C THR B 79 -26.84 9.57 31.07
N GLU B 80 -26.85 9.42 32.39
CA GLU B 80 -26.19 10.36 33.32
C GLU B 80 -24.69 10.38 33.02
N GLU B 81 -24.12 9.22 32.68
CA GLU B 81 -22.67 8.97 32.71
C GLU B 81 -22.11 8.72 31.32
N GLN B 82 -22.95 8.48 30.31
CA GLN B 82 -22.50 7.87 29.03
C GLN B 82 -23.19 8.51 27.82
N LEU B 83 -22.42 8.68 26.74
CA LEU B 83 -22.94 8.95 25.37
C LEU B 83 -23.01 7.61 24.63
N HIS B 84 -24.20 7.26 24.13
CA HIS B 84 -24.50 6.02 23.37
C HIS B 84 -24.64 6.37 21.90
N CYS B 85 -23.93 5.62 21.06
CA CYS B 85 -23.75 5.89 19.61
C CYS B 85 -24.13 4.64 18.83
N THR B 86 -24.94 4.82 17.79
CA THR B 86 -25.23 3.79 16.78
C THR B 86 -25.05 4.40 15.39
N VAL B 87 -24.52 3.61 14.46
CA VAL B 87 -24.20 4.05 13.08
C VAL B 87 -24.96 3.12 12.11
N TYR B 88 -25.59 3.71 11.09
CA TYR B 88 -26.28 2.96 10.02
C TYR B 88 -25.35 2.91 8.82
N ARG B 89 -25.01 1.72 8.36
CA ARG B 89 -24.12 1.50 7.18
C ARG B 89 -24.97 0.81 6.11
N GLY B 90 -25.28 1.52 5.02
CA GLY B 90 -26.17 1.03 3.95
C GLY B 90 -25.41 0.40 2.81
N ASP B 91 -24.46 -0.50 3.11
CA ASP B 91 -23.60 -1.22 2.12
C ASP B 91 -24.03 -2.69 2.04
N LYS B 92 -25.35 -2.95 2.01
CA LYS B 92 -25.95 -4.31 1.85
C LYS B 92 -25.45 -5.20 2.99
N SER B 93 -24.75 -4.61 3.98
CA SER B 93 -23.98 -5.31 5.03
C SER B 93 -24.87 -5.58 6.26
N GLN B 94 -24.31 -6.29 7.24
CA GLN B 94 -24.99 -6.63 8.52
C GLN B 94 -24.80 -5.45 9.49
N ALA B 95 -25.80 -5.18 10.33
CA ALA B 95 -25.77 -4.13 11.36
C ALA B 95 -24.86 -4.58 12.50
N SER B 96 -23.99 -3.70 12.97
CA SER B 96 -23.11 -3.91 14.15
C SER B 96 -22.83 -2.56 14.84
N ARG B 97 -22.46 -2.61 16.11
CA ARG B 97 -22.15 -1.41 16.92
C ARG B 97 -20.97 -0.68 16.26
N PRO B 98 -20.78 0.62 16.56
CA PRO B 98 -19.65 1.36 15.98
C PRO B 98 -18.31 0.75 16.40
N THR B 99 -17.38 0.66 15.46
CA THR B 99 -15.97 0.27 15.70
C THR B 99 -15.27 1.35 16.52
N PRO B 100 -14.20 1.02 17.27
CA PRO B 100 -13.42 2.02 18.00
C PRO B 100 -12.97 3.21 17.13
N ASP B 101 -12.57 2.95 15.88
CA ASP B 101 -12.17 3.98 14.88
C ASP B 101 -13.36 4.85 14.50
N GLU B 102 -14.58 4.28 14.43
CA GLU B 102 -15.82 5.04 14.14
C GLU B 102 -16.15 5.90 15.37
N LEU B 103 -16.06 5.33 16.58
CA LEU B 103 -16.39 6.04 17.85
C LEU B 103 -15.47 7.24 18.02
N GLU B 104 -14.21 7.11 17.59
CA GLU B 104 -13.16 8.16 17.76
C GLU B 104 -13.59 9.39 16.96
N ALA B 105 -14.23 9.20 15.80
CA ALA B 105 -14.81 10.27 14.97
C ALA B 105 -15.84 11.05 15.79
N VAL B 106 -16.66 10.38 16.60
CA VAL B 106 -17.66 11.05 17.49
C VAL B 106 -16.92 11.82 18.58
N ARG B 107 -15.92 11.20 19.24
CA ARG B 107 -15.14 11.87 20.31
C ARG B 107 -14.58 13.18 19.74
N LYS B 108 -14.02 13.14 18.52
CA LYS B 108 -13.37 14.31 17.87
C LYS B 108 -14.42 15.39 17.52
N TYR B 109 -15.60 14.98 17.07
CA TYR B 109 -16.69 15.90 16.67
C TYR B 109 -17.15 16.72 17.88
N PHE B 110 -17.24 16.08 19.05
CA PHE B 110 -17.59 16.75 20.32
C PHE B 110 -16.34 17.25 21.08
N GLN B 111 -15.14 17.04 20.56
CA GLN B 111 -13.88 17.54 21.19
C GLN B 111 -13.81 17.09 22.67
N LEU B 112 -14.07 15.81 22.96
CA LEU B 112 -14.21 15.30 24.35
C LEU B 112 -12.84 15.22 25.06
N ASP B 113 -11.74 15.35 24.34
CA ASP B 113 -10.38 15.51 24.94
C ASP B 113 -10.34 16.77 25.80
N VAL B 114 -11.12 17.80 25.45
CA VAL B 114 -11.18 19.08 26.22
C VAL B 114 -12.18 18.89 27.36
N THR B 115 -11.72 18.92 28.62
CA THR B 115 -12.60 18.81 29.81
C THR B 115 -13.29 20.17 30.01
N LEU B 116 -14.59 20.21 29.70
CA LEU B 116 -15.47 21.41 29.78
C LEU B 116 -15.62 21.86 31.24
N ALA B 117 -15.60 20.93 32.20
CA ALA B 117 -15.62 21.17 33.66
C ALA B 117 -14.61 22.27 34.04
N GLN B 118 -13.32 22.07 33.68
CA GLN B 118 -12.20 23.00 33.95
C GLN B 118 -12.45 24.33 33.23
N LEU B 119 -12.95 24.33 31.98
CA LEU B 119 -13.23 25.60 31.28
C LEU B 119 -14.35 26.35 32.00
N TYR B 120 -15.44 25.67 32.37
CA TYR B 120 -16.58 26.28 33.11
C TYR B 120 -16.09 26.86 34.45
N HIS B 121 -15.21 26.15 35.15
CA HIS B 121 -14.63 26.59 36.45
C HIS B 121 -13.79 27.86 36.25
N HIS B 122 -12.98 27.93 35.20
CA HIS B 122 -12.13 29.12 34.90
C HIS B 122 -13.02 30.30 34.48
N TRP B 123 -13.94 30.12 33.55
CA TRP B 123 -14.84 31.21 33.08
C TRP B 123 -15.66 31.74 34.27
N GLY B 124 -16.18 30.83 35.08
CA GLY B 124 -17.01 31.16 36.27
C GLY B 124 -16.24 32.00 37.26
N SER B 125 -14.96 31.68 37.49
CA SER B 125 -14.10 32.32 38.50
C SER B 125 -13.65 33.71 38.02
N VAL B 126 -13.57 33.97 36.71
CA VAL B 126 -13.12 35.30 36.18
C VAL B 126 -14.37 36.13 35.82
N ASP B 127 -15.56 35.53 35.78
CA ASP B 127 -16.79 36.22 35.33
C ASP B 127 -17.99 35.67 36.12
N SER B 128 -18.47 36.45 37.11
CA SER B 128 -19.57 36.12 38.04
C SER B 128 -20.89 35.96 37.27
N HIS B 129 -21.14 36.79 36.24
CA HIS B 129 -22.35 36.65 35.39
C HIS B 129 -22.30 35.30 34.65
N PHE B 130 -21.16 34.96 34.06
CA PHE B 130 -21.02 33.64 33.37
C PHE B 130 -21.40 32.54 34.37
N GLN B 131 -20.77 32.54 35.56
CA GLN B 131 -20.99 31.54 36.64
C GLN B 131 -22.49 31.35 36.87
N GLU B 132 -23.27 32.45 36.86
CA GLU B 132 -24.74 32.40 37.12
C GLU B 132 -25.45 31.66 35.97
N VAL B 133 -25.21 32.04 34.71
CA VAL B 133 -25.96 31.45 33.54
C VAL B 133 -25.52 29.99 33.34
N ALA B 134 -24.25 29.69 33.55
CA ALA B 134 -23.65 28.35 33.36
C ALA B 134 -24.26 27.34 34.34
N GLN B 135 -24.80 27.81 35.47
CA GLN B 135 -25.40 26.95 36.53
C GLN B 135 -26.53 26.12 35.91
N LYS B 136 -27.29 26.71 34.99
CA LYS B 136 -28.50 26.09 34.39
C LYS B 136 -28.21 25.47 33.02
N PHE B 137 -27.04 25.76 32.43
CA PHE B 137 -26.69 25.32 31.06
C PHE B 137 -25.32 24.64 31.08
N GLN B 138 -25.26 23.45 31.68
CA GLN B 138 -24.05 22.60 31.70
C GLN B 138 -23.95 21.92 30.33
N GLY B 139 -22.78 21.40 29.99
CA GLY B 139 -22.59 20.53 28.82
C GLY B 139 -22.79 21.24 27.51
N VAL B 140 -22.62 22.58 27.46
CA VAL B 140 -22.66 23.35 26.18
C VAL B 140 -21.22 23.39 25.64
N ARG B 141 -21.00 22.63 24.59
CA ARG B 141 -19.70 22.30 23.97
C ARG B 141 -19.67 22.90 22.56
N LEU B 142 -18.49 23.19 22.04
CA LEU B 142 -18.31 23.51 20.60
C LEU B 142 -18.03 22.23 19.84
N LEU B 143 -18.86 21.97 18.85
CA LEU B 143 -18.61 20.93 17.83
C LEU B 143 -17.38 21.33 17.02
N ARG B 144 -16.62 20.32 16.61
CA ARG B 144 -15.53 20.44 15.61
C ARG B 144 -16.11 19.94 14.30
N GLN B 145 -16.50 20.86 13.42
CA GLN B 145 -17.25 20.50 12.19
C GLN B 145 -16.24 20.32 11.06
N ASP B 146 -16.68 19.63 10.01
CA ASP B 146 -15.98 19.56 8.70
C ASP B 146 -15.97 20.97 8.12
N PRO B 147 -14.81 21.49 7.69
CA PRO B 147 -14.72 22.86 7.19
C PRO B 147 -15.69 23.17 6.04
N ILE B 148 -15.91 22.23 5.12
CA ILE B 148 -16.76 22.46 3.90
C ILE B 148 -18.22 22.61 4.35
N GLU B 149 -18.72 21.64 5.10
CA GLU B 149 -20.07 21.69 5.69
C GLU B 149 -20.25 23.01 6.44
N CYS B 150 -19.29 23.38 7.29
CA CYS B 150 -19.39 24.57 8.16
C CYS B 150 -19.42 25.82 7.27
N LEU B 151 -18.50 25.93 6.31
CA LEU B 151 -18.41 27.11 5.41
C LEU B 151 -19.75 27.33 4.69
N PHE B 152 -20.31 26.31 4.04
CA PHE B 152 -21.51 26.47 3.16
C PHE B 152 -22.79 26.60 4.01
N SER B 153 -22.83 25.97 5.19
CA SER B 153 -23.97 26.07 6.14
C SER B 153 -24.05 27.53 6.63
N PHE B 154 -22.93 28.16 6.95
CA PHE B 154 -22.92 29.55 7.46
C PHE B 154 -23.04 30.55 6.30
N ILE B 155 -22.67 30.20 5.06
CA ILE B 155 -23.04 31.04 3.88
C ILE B 155 -24.58 31.07 3.81
N CYS B 156 -25.25 29.98 4.19
CA CYS B 156 -26.74 29.90 4.24
C CYS B 156 -27.29 30.66 5.45
N SER B 157 -26.46 31.10 6.40
CA SER B 157 -26.93 31.62 7.71
C SER B 157 -27.29 33.11 7.61
N SER B 158 -26.87 33.83 6.56
CA SER B 158 -27.06 35.31 6.49
C SER B 158 -28.56 35.64 6.47
N ASN B 159 -28.99 36.59 7.30
CA ASN B 159 -30.37 37.15 7.36
C ASN B 159 -31.38 36.01 7.44
N ASN B 160 -31.27 35.18 8.49
CA ASN B 160 -32.00 33.88 8.59
C ASN B 160 -32.11 33.45 10.05
N ASN B 161 -33.20 32.75 10.40
CA ASN B 161 -33.40 32.08 11.71
C ASN B 161 -32.99 30.60 11.58
N ILE B 162 -32.87 29.87 12.69
CA ILE B 162 -32.35 28.47 12.69
C ILE B 162 -33.23 27.61 11.78
N ALA B 163 -34.56 27.70 11.93
CA ALA B 163 -35.53 26.89 11.15
C ALA B 163 -35.25 27.05 9.65
N ARG B 164 -35.10 28.28 9.18
CA ARG B 164 -34.91 28.59 7.73
C ARG B 164 -33.52 28.14 7.27
N ILE B 165 -32.47 28.32 8.08
CA ILE B 165 -31.10 27.82 7.75
C ILE B 165 -31.18 26.29 7.62
N THR B 166 -31.78 25.62 8.61
CA THR B 166 -31.93 24.14 8.65
C THR B 166 -32.60 23.67 7.35
N GLY B 167 -33.69 24.32 6.93
CA GLY B 167 -34.41 23.99 5.69
C GLY B 167 -33.52 24.14 4.46
N MET B 168 -32.81 25.26 4.34
CA MET B 168 -31.93 25.53 3.17
C MET B 168 -30.82 24.49 3.11
N VAL B 169 -30.18 24.19 4.23
CA VAL B 169 -29.06 23.20 4.29
C VAL B 169 -29.61 21.82 3.88
N GLU B 170 -30.77 21.43 4.39
CA GLU B 170 -31.41 20.11 4.07
C GLU B 170 -31.70 20.03 2.57
N ARG B 171 -32.24 21.10 1.99
CA ARG B 171 -32.58 21.15 0.55
C ARG B 171 -31.28 21.14 -0.27
N LEU B 172 -30.26 21.86 0.16
CA LEU B 172 -28.91 21.84 -0.47
C LEU B 172 -28.37 20.41 -0.50
N CYS B 173 -28.40 19.69 0.63
CA CYS B 173 -27.84 18.32 0.75
C CYS B 173 -28.68 17.36 -0.09
N GLN B 174 -30.01 17.51 -0.08
CA GLN B 174 -30.93 16.66 -0.89
C GLN B 174 -30.55 16.85 -2.37
N ALA B 175 -30.42 18.10 -2.82
CA ALA B 175 -30.21 18.44 -4.24
C ALA B 175 -28.84 17.98 -4.75
N PHE B 176 -27.75 18.09 -3.95
CA PHE B 176 -26.37 17.95 -4.47
C PHE B 176 -25.47 17.01 -3.65
N GLY B 177 -25.94 16.50 -2.51
CA GLY B 177 -25.16 15.56 -1.71
C GLY B 177 -25.52 14.12 -2.06
N PRO B 178 -24.62 13.14 -1.87
CA PRO B 178 -24.93 11.74 -2.15
C PRO B 178 -26.03 11.21 -1.22
N ARG B 179 -27.02 10.52 -1.79
CA ARG B 179 -28.09 9.80 -1.04
C ARG B 179 -27.40 8.71 -0.21
N LEU B 180 -27.59 8.69 1.11
CA LEU B 180 -26.88 7.72 1.98
C LEU B 180 -27.80 6.55 2.30
N ILE B 181 -28.97 6.83 2.87
CA ILE B 181 -29.89 5.82 3.46
C ILE B 181 -31.22 6.51 3.77
N GLN B 182 -32.31 5.74 3.67
CA GLN B 182 -33.66 6.14 4.15
C GLN B 182 -33.94 5.40 5.46
N LEU B 183 -34.28 6.13 6.51
CA LEU B 183 -34.75 5.55 7.80
C LEU B 183 -36.15 6.08 8.04
N ASP B 184 -37.15 5.19 8.05
CA ASP B 184 -38.59 5.57 8.15
C ASP B 184 -38.88 6.42 6.90
N ASP B 185 -39.34 7.66 7.04
CA ASP B 185 -39.71 8.48 5.86
C ASP B 185 -38.64 9.56 5.62
N VAL B 186 -37.49 9.48 6.29
CA VAL B 186 -36.38 10.47 6.17
C VAL B 186 -35.26 9.87 5.30
N THR B 187 -34.89 10.57 4.21
CA THR B 187 -33.75 10.20 3.33
C THR B 187 -32.58 11.12 3.65
N TYR B 188 -31.46 10.54 4.11
CA TYR B 188 -30.26 11.27 4.56
C TYR B 188 -29.28 11.40 3.39
N HIS B 189 -28.71 12.59 3.21
CA HIS B 189 -27.69 12.89 2.18
C HIS B 189 -26.39 13.32 2.86
N GLY B 190 -25.25 12.92 2.30
CA GLY B 190 -23.94 13.48 2.66
C GLY B 190 -23.92 14.95 2.32
N PHE B 191 -23.07 15.72 2.98
CA PHE B 191 -22.90 17.15 2.62
C PHE B 191 -22.27 17.15 1.23
N PRO B 192 -22.73 18.04 0.30
CA PRO B 192 -22.17 18.07 -1.04
C PRO B 192 -20.67 18.33 -1.04
N SER B 193 -19.98 17.73 -2.00
CA SER B 193 -18.55 17.98 -2.34
C SER B 193 -18.42 19.36 -3.00
N LEU B 194 -17.20 19.90 -2.99
CA LEU B 194 -16.83 21.14 -3.73
C LEU B 194 -17.18 20.96 -5.21
N GLN B 195 -16.86 19.79 -5.77
CA GLN B 195 -17.11 19.47 -7.20
C GLN B 195 -18.60 19.62 -7.51
N ALA B 196 -19.48 19.06 -6.66
CA ALA B 196 -20.95 19.13 -6.84
C ALA B 196 -21.43 20.58 -6.73
N LEU B 197 -20.90 21.36 -5.79
CA LEU B 197 -21.34 22.77 -5.56
C LEU B 197 -20.77 23.71 -6.62
N ALA B 198 -19.74 23.29 -7.36
CA ALA B 198 -19.08 24.10 -8.41
C ALA B 198 -19.75 23.90 -9.78
N GLY B 199 -20.67 22.94 -9.90
CA GLY B 199 -21.39 22.58 -11.15
C GLY B 199 -22.15 23.76 -11.76
N PRO B 200 -22.56 23.64 -13.04
CA PRO B 200 -23.07 24.80 -13.81
C PRO B 200 -24.54 25.09 -13.54
N GLU B 201 -25.27 24.20 -12.88
CA GLU B 201 -26.73 24.32 -12.63
C GLU B 201 -26.99 24.70 -11.18
N VAL B 202 -25.94 24.80 -10.36
CA VAL B 202 -26.07 24.88 -8.88
C VAL B 202 -26.82 26.17 -8.52
N GLU B 203 -26.32 27.31 -9.00
CA GLU B 203 -26.81 28.65 -8.61
C GLU B 203 -28.30 28.74 -8.95
N ALA B 204 -28.69 28.38 -10.17
CA ALA B 204 -30.11 28.43 -10.63
C ALA B 204 -30.97 27.54 -9.73
N HIS B 205 -30.58 26.27 -9.59
CA HIS B 205 -31.24 25.25 -8.74
C HIS B 205 -31.43 25.78 -7.31
N LEU B 206 -30.37 26.33 -6.69
CA LEU B 206 -30.43 26.78 -5.28
C LEU B 206 -31.39 27.97 -5.13
N ARG B 207 -31.47 28.85 -6.14
CA ARG B 207 -32.49 29.93 -6.17
C ARG B 207 -33.90 29.30 -6.11
N LYS B 208 -34.14 28.25 -6.89
CA LYS B 208 -35.44 27.53 -6.90
C LYS B 208 -35.75 26.96 -5.51
N LEU B 209 -34.72 26.55 -4.76
CA LEU B 209 -34.86 25.95 -3.40
C LEU B 209 -34.94 27.03 -2.33
N GLY B 210 -34.90 28.29 -2.74
CA GLY B 210 -35.23 29.46 -1.90
C GLY B 210 -34.02 30.04 -1.18
N LEU B 211 -32.80 29.76 -1.66
CA LEU B 211 -31.56 30.28 -1.00
C LEU B 211 -31.32 31.73 -1.40
N GLY B 212 -32.01 32.22 -2.44
CA GLY B 212 -31.91 33.61 -2.91
C GLY B 212 -30.49 33.98 -3.29
N TYR B 213 -30.04 35.15 -2.83
CA TYR B 213 -28.70 35.72 -3.11
C TYR B 213 -27.61 34.76 -2.61
N ARG B 214 -27.93 33.91 -1.64
CA ARG B 214 -26.96 32.95 -1.03
C ARG B 214 -26.58 31.89 -2.06
N ALA B 215 -27.44 31.62 -3.04
CA ALA B 215 -27.19 30.63 -4.11
C ALA B 215 -25.90 30.98 -4.86
N ARG B 216 -25.74 32.25 -5.27
CA ARG B 216 -24.54 32.72 -6.00
C ARG B 216 -23.31 32.56 -5.09
N TYR B 217 -23.43 32.94 -3.81
CA TYR B 217 -22.32 32.85 -2.82
C TYR B 217 -21.83 31.40 -2.76
N VAL B 218 -22.76 30.44 -2.63
CA VAL B 218 -22.43 29.00 -2.53
C VAL B 218 -21.62 28.62 -3.77
N SER B 219 -22.16 28.87 -4.97
CA SER B 219 -21.56 28.47 -6.26
C SER B 219 -20.19 29.14 -6.42
N ALA B 220 -20.12 30.47 -6.28
CA ALA B 220 -18.88 31.26 -6.49
C ALA B 220 -17.80 30.85 -5.47
N SER B 221 -18.17 30.59 -4.22
CA SER B 221 -17.19 30.18 -3.17
C SER B 221 -16.67 28.77 -3.47
N ALA B 222 -17.55 27.89 -3.94
CA ALA B 222 -17.19 26.49 -4.29
C ALA B 222 -16.18 26.50 -5.45
N ARG B 223 -16.39 27.38 -6.44
CA ARG B 223 -15.51 27.48 -7.63
C ARG B 223 -14.18 28.11 -7.23
N ALA B 224 -14.22 29.15 -6.37
CA ALA B 224 -13.03 29.86 -5.84
C ALA B 224 -12.09 28.86 -5.13
N ILE B 225 -12.63 28.04 -4.22
CA ILE B 225 -11.82 27.06 -3.41
C ILE B 225 -11.21 26.03 -4.36
N LEU B 226 -12.01 25.48 -5.27
CA LEU B 226 -11.60 24.38 -6.18
C LEU B 226 -10.62 24.89 -7.23
N GLU B 227 -10.88 26.06 -7.85
CA GLU B 227 -10.13 26.51 -9.05
C GLU B 227 -8.95 27.42 -8.64
N GLU B 228 -9.07 28.20 -7.57
CA GLU B 228 -8.04 29.22 -7.22
C GLU B 228 -7.19 28.76 -6.01
N GLN B 229 -7.76 28.07 -5.03
CA GLN B 229 -7.08 27.82 -3.73
C GLN B 229 -6.56 26.38 -3.62
N GLY B 230 -6.93 25.48 -4.53
CA GLY B 230 -6.44 24.09 -4.55
C GLY B 230 -7.30 23.13 -3.75
N GLY B 231 -8.58 23.45 -3.55
CA GLY B 231 -9.55 22.50 -2.97
C GLY B 231 -9.40 22.36 -1.47
N LEU B 232 -9.80 21.18 -0.96
CA LEU B 232 -9.91 20.86 0.49
C LEU B 232 -8.61 21.18 1.23
N ALA B 233 -7.47 20.95 0.60
CA ALA B 233 -6.13 21.19 1.17
C ALA B 233 -6.04 22.61 1.72
N TRP B 234 -6.71 23.58 1.08
CA TRP B 234 -6.69 25.00 1.54
C TRP B 234 -7.30 25.13 2.93
N LEU B 235 -8.42 24.45 3.20
CA LEU B 235 -9.12 24.58 4.50
C LEU B 235 -8.30 23.87 5.57
N GLN B 236 -7.60 22.80 5.23
CA GLN B 236 -6.68 22.11 6.18
C GLN B 236 -5.52 23.06 6.50
N GLN B 237 -5.02 23.80 5.50
CA GLN B 237 -3.96 24.81 5.70
C GLN B 237 -4.46 25.88 6.69
N LEU B 238 -5.71 26.34 6.56
CA LEU B 238 -6.24 27.43 7.43
C LEU B 238 -6.43 26.89 8.85
N ARG B 239 -6.76 25.61 8.97
CA ARG B 239 -6.86 24.89 10.27
C ARG B 239 -5.52 25.00 11.00
N GLU B 240 -4.40 24.89 10.27
CA GLU B 240 -3.03 24.86 10.84
C GLU B 240 -2.43 26.26 10.88
N SER B 241 -3.09 27.26 10.29
CA SER B 241 -2.60 28.66 10.25
C SER B 241 -3.13 29.42 11.46
N SER B 242 -2.60 30.63 11.72
CA SER B 242 -3.07 31.50 12.82
C SER B 242 -4.54 31.85 12.57
N TYR B 243 -5.25 32.21 13.62
CA TYR B 243 -6.61 32.80 13.57
C TYR B 243 -6.61 34.03 12.63
N GLU B 244 -5.62 34.90 12.79
CA GLU B 244 -5.53 36.17 12.01
C GLU B 244 -5.41 35.79 10.53
N GLU B 245 -4.55 34.83 10.16
CA GLU B 245 -4.38 34.40 8.73
C GLU B 245 -5.67 33.75 8.23
N ALA B 246 -6.23 32.77 8.98
CA ALA B 246 -7.44 32.02 8.57
C ALA B 246 -8.62 32.97 8.38
N HIS B 247 -8.89 33.88 9.32
CA HIS B 247 -10.03 34.82 9.24
C HIS B 247 -9.91 35.66 7.95
N LYS B 248 -8.72 36.24 7.71
CA LYS B 248 -8.45 37.09 6.52
C LYS B 248 -8.68 36.26 5.24
N ALA B 249 -8.15 35.04 5.21
CA ALA B 249 -8.19 34.14 4.05
C ALA B 249 -9.66 33.82 3.68
N LEU B 250 -10.51 33.56 4.69
CA LEU B 250 -11.94 33.23 4.45
C LEU B 250 -12.69 34.41 3.85
N CYS B 251 -12.37 35.63 4.29
CA CYS B 251 -13.09 36.87 3.88
C CYS B 251 -12.85 37.21 2.39
N ILE B 252 -11.99 36.48 1.67
CA ILE B 252 -11.86 36.63 0.18
C ILE B 252 -13.09 36.00 -0.49
N LEU B 253 -13.76 35.04 0.17
CA LEU B 253 -14.83 34.22 -0.46
C LEU B 253 -16.12 35.01 -0.55
N PRO B 254 -16.84 34.92 -1.69
CA PRO B 254 -18.16 35.53 -1.83
C PRO B 254 -19.13 35.01 -0.77
N GLY B 255 -19.71 35.94 0.01
CA GLY B 255 -20.70 35.64 1.05
C GLY B 255 -20.08 35.55 2.44
N VAL B 256 -18.76 35.50 2.56
CA VAL B 256 -18.07 35.36 3.87
C VAL B 256 -17.60 36.75 4.32
N GLY B 257 -18.33 37.35 5.27
CA GLY B 257 -17.90 38.57 6.00
C GLY B 257 -17.29 38.22 7.33
N THR B 258 -17.09 39.20 8.20
CA THR B 258 -16.39 39.06 9.50
C THR B 258 -17.04 37.94 10.34
N LYS B 259 -18.36 37.98 10.51
CA LYS B 259 -19.09 37.08 11.44
C LYS B 259 -19.04 35.64 10.92
N VAL B 260 -19.35 35.44 9.64
CA VAL B 260 -19.30 34.08 9.02
C VAL B 260 -17.86 33.55 9.11
N ALA B 261 -16.85 34.38 8.81
CA ALA B 261 -15.43 33.95 8.89
C ALA B 261 -15.11 33.50 10.32
N ASP B 262 -15.62 34.22 11.32
CA ASP B 262 -15.38 33.92 12.76
C ASP B 262 -16.09 32.61 13.14
N CYS B 263 -17.32 32.41 12.71
CA CYS B 263 -18.03 31.12 12.93
C CYS B 263 -17.19 29.97 12.38
N ILE B 264 -16.65 30.11 11.15
CA ILE B 264 -15.88 29.00 10.51
C ILE B 264 -14.57 28.77 11.29
N CYS B 265 -13.91 29.86 11.69
CA CYS B 265 -12.66 29.79 12.51
C CYS B 265 -12.93 29.02 13.82
N LEU B 266 -14.02 29.34 14.51
CA LEU B 266 -14.36 28.80 15.86
C LEU B 266 -14.77 27.32 15.74
N MET B 267 -15.58 27.00 14.74
CA MET B 267 -16.38 25.76 14.66
C MET B 267 -15.72 24.71 13.79
N ALA B 268 -14.71 25.06 13.00
CA ALA B 268 -14.14 24.14 11.98
C ALA B 268 -12.62 24.27 11.86
N LEU B 269 -12.02 25.43 12.16
CA LEU B 269 -10.55 25.66 11.99
C LEU B 269 -9.82 25.76 13.33
N ASP B 270 -10.40 25.30 14.45
CA ASP B 270 -9.74 25.16 15.77
C ASP B 270 -9.19 26.52 16.23
N LYS B 271 -10.01 27.56 16.21
CA LYS B 271 -9.68 28.91 16.73
C LYS B 271 -10.62 29.21 17.88
N PRO B 272 -10.36 28.64 19.08
CA PRO B 272 -11.28 28.76 20.20
C PRO B 272 -11.45 30.20 20.71
N GLN B 273 -10.55 31.09 20.31
CA GLN B 273 -10.51 32.53 20.74
C GLN B 273 -11.39 33.37 19.81
N ALA B 274 -11.89 32.81 18.70
CA ALA B 274 -12.79 33.50 17.75
C ALA B 274 -14.16 33.74 18.41
N VAL B 275 -14.57 35.01 18.45
CA VAL B 275 -15.87 35.45 19.04
C VAL B 275 -16.69 36.04 17.90
N PRO B 276 -17.57 35.24 17.24
CA PRO B 276 -18.44 35.76 16.18
C PRO B 276 -19.37 36.83 16.73
N VAL B 277 -19.19 38.07 16.30
CA VAL B 277 -19.98 39.22 16.80
C VAL B 277 -21.05 39.59 15.78
N ASP B 278 -22.29 39.56 16.21
CA ASP B 278 -23.46 40.08 15.47
C ASP B 278 -24.44 40.64 16.51
N VAL B 279 -25.64 41.00 16.07
CA VAL B 279 -26.71 41.60 16.92
C VAL B 279 -26.85 40.76 18.21
N HIS B 280 -26.81 39.42 18.09
CA HIS B 280 -27.08 38.45 19.20
C HIS B 280 -26.07 38.65 20.33
N MET B 281 -24.79 38.85 20.01
CA MET B 281 -23.72 39.09 21.01
C MET B 281 -23.77 40.55 21.46
N TRP B 282 -24.30 41.44 20.61
CA TRP B 282 -24.49 42.88 20.90
C TRP B 282 -25.45 43.05 22.09
N HIS B 283 -26.61 42.40 22.04
CA HIS B 283 -27.61 42.35 23.13
C HIS B 283 -26.91 42.00 24.45
N ILE B 284 -26.23 40.86 24.49
CA ILE B 284 -25.63 40.26 25.71
C ILE B 284 -24.65 41.24 26.35
N ALA B 285 -23.78 41.89 25.55
CA ALA B 285 -22.76 42.85 26.04
C ALA B 285 -23.45 44.04 26.72
N GLN B 286 -24.57 44.50 26.13
CA GLN B 286 -25.33 45.69 26.61
C GLN B 286 -26.09 45.28 27.87
N ARG B 287 -26.69 44.08 27.84
CA ARG B 287 -27.65 43.56 28.84
C ARG B 287 -26.91 43.06 30.09
N ASP B 288 -25.71 42.49 29.95
CA ASP B 288 -25.04 41.74 31.05
C ASP B 288 -23.65 42.29 31.38
N TYR B 289 -23.07 43.16 30.56
CA TYR B 289 -21.64 43.56 30.62
C TYR B 289 -21.47 45.09 30.57
N SER B 290 -22.56 45.86 30.63
CA SER B 290 -22.57 47.35 30.72
C SER B 290 -21.88 47.97 29.50
N TRP B 291 -22.22 47.52 28.29
CA TRP B 291 -21.64 48.01 27.01
C TRP B 291 -22.57 49.02 26.34
N HIS B 292 -22.04 50.17 25.89
CA HIS B 292 -22.69 51.12 24.96
C HIS B 292 -21.62 51.70 24.04
N PRO B 293 -21.81 51.68 22.70
CA PRO B 293 -20.74 52.03 21.76
C PRO B 293 -20.25 53.47 21.90
N LYS B 299 -25.71 55.48 18.45
CA LYS B 299 -25.79 53.99 18.43
C LYS B 299 -25.39 53.48 17.04
N GLY B 300 -25.64 52.19 16.76
CA GLY B 300 -25.21 51.48 15.54
C GLY B 300 -24.21 50.37 15.86
N PRO B 301 -24.45 49.11 15.45
CA PRO B 301 -23.52 48.01 15.72
C PRO B 301 -22.48 47.82 14.60
N SER B 302 -21.46 48.69 14.56
CA SER B 302 -20.54 48.88 13.40
C SER B 302 -19.51 47.75 13.32
N PRO B 303 -18.79 47.64 12.17
CA PRO B 303 -17.59 46.80 12.09
C PRO B 303 -16.54 47.06 13.19
N GLN B 304 -16.20 48.32 13.45
CA GLN B 304 -15.15 48.73 14.44
C GLN B 304 -15.58 48.29 15.85
N THR B 305 -16.87 48.45 16.17
CA THR B 305 -17.45 48.14 17.51
C THR B 305 -17.54 46.61 17.67
N ASN B 306 -17.75 45.92 16.56
CA ASN B 306 -17.81 44.44 16.50
C ASN B 306 -16.44 43.88 16.86
N LYS B 307 -15.37 44.48 16.34
CA LYS B 307 -13.97 44.10 16.67
C LYS B 307 -13.70 44.36 18.15
N GLU B 308 -14.22 45.48 18.69
CA GLU B 308 -14.00 45.90 20.09
C GLU B 308 -14.64 44.86 21.03
N LEU B 309 -15.89 44.47 20.74
CA LEU B 309 -16.65 43.43 21.49
C LEU B 309 -15.85 42.14 21.58
N GLY B 310 -15.29 41.68 20.45
CA GLY B 310 -14.50 40.44 20.37
C GLY B 310 -13.23 40.54 21.21
N ASN B 311 -12.55 41.69 21.11
CA ASN B 311 -11.32 41.97 21.90
C ASN B 311 -11.69 41.99 23.39
N PHE B 312 -12.86 42.55 23.76
CA PHE B 312 -13.37 42.56 25.15
C PHE B 312 -13.52 41.12 25.70
N PHE B 313 -14.25 40.26 25.00
CA PHE B 313 -14.61 38.91 25.52
C PHE B 313 -13.35 38.04 25.56
N ARG B 314 -12.43 38.23 24.61
CA ARG B 314 -11.13 37.52 24.62
C ARG B 314 -10.36 37.94 25.87
N SER B 315 -10.35 39.23 26.22
CA SER B 315 -9.67 39.75 27.43
C SER B 315 -10.39 39.23 28.69
N LEU B 316 -11.71 39.13 28.67
CA LEU B 316 -12.53 38.66 29.83
C LEU B 316 -12.33 37.14 30.05
N TRP B 317 -12.47 36.33 28.99
CA TRP B 317 -12.63 34.85 29.12
C TRP B 317 -11.33 34.12 28.79
N GLY B 318 -10.47 34.69 27.95
CA GLY B 318 -9.15 34.11 27.65
C GLY B 318 -9.19 33.31 26.36
N PRO B 319 -8.26 32.34 26.19
CA PRO B 319 -8.05 31.68 24.90
C PRO B 319 -9.23 30.88 24.32
N TYR B 320 -10.22 30.52 25.14
CA TYR B 320 -11.41 29.74 24.69
C TYR B 320 -12.68 30.60 24.76
N ALA B 321 -12.54 31.90 24.49
CA ALA B 321 -13.63 32.90 24.58
C ALA B 321 -14.82 32.49 23.70
N GLY B 322 -14.59 31.95 22.50
CA GLY B 322 -15.68 31.53 21.60
C GLY B 322 -16.49 30.39 22.20
N TRP B 323 -15.86 29.51 22.97
CA TRP B 323 -16.55 28.38 23.65
C TRP B 323 -17.45 28.93 24.75
N ALA B 324 -16.96 29.89 25.52
CA ALA B 324 -17.73 30.64 26.55
C ALA B 324 -18.96 31.25 25.88
N GLN B 325 -18.81 31.86 24.71
CA GLN B 325 -19.93 32.55 24.00
C GLN B 325 -21.03 31.53 23.68
N ALA B 326 -20.65 30.30 23.28
CA ALA B 326 -21.62 29.23 22.95
C ALA B 326 -22.53 28.99 24.17
N VAL B 327 -21.96 28.97 25.38
CA VAL B 327 -22.73 28.71 26.63
C VAL B 327 -23.83 29.76 26.73
N LEU B 328 -23.49 31.04 26.53
CA LEU B 328 -24.46 32.17 26.65
C LEU B 328 -25.42 32.21 25.47
N PHE B 329 -25.05 31.69 24.29
CA PHE B 329 -25.90 31.65 23.06
C PHE B 329 -26.96 30.54 23.19
N SER B 330 -26.55 29.35 23.65
CA SER B 330 -27.48 28.20 23.79
C SER B 330 -28.56 28.56 24.82
N ALA B 331 -28.17 29.28 25.87
CA ALA B 331 -29.05 29.79 26.94
C ALA B 331 -30.14 30.70 26.35
N ASP B 332 -29.75 31.71 25.56
CA ASP B 332 -30.68 32.70 24.96
C ASP B 332 -31.56 32.02 23.90
N LEU B 333 -31.04 31.01 23.21
CA LEU B 333 -31.74 30.28 22.11
C LEU B 333 -32.98 29.55 22.66
N ARG B 334 -33.01 29.28 23.97
CA ARG B 334 -34.19 28.67 24.67
C ARG B 334 -35.20 29.77 25.03
N GLN B 335 -35.62 30.58 24.03
CA GLN B 335 -36.56 31.72 24.18
C GLN B 335 -37.06 32.12 22.79
N MET C 21 4.46 34.83 -28.47
CA MET C 21 5.03 33.85 -27.51
C MET C 21 3.98 33.41 -26.48
N GLY C 22 2.90 34.18 -26.28
CA GLY C 22 1.84 33.84 -25.29
C GLY C 22 0.58 33.27 -25.93
N HIS C 23 -0.16 32.41 -25.21
CA HIS C 23 -1.53 31.95 -25.56
C HIS C 23 -2.43 33.18 -25.65
N ARG C 24 -3.40 33.18 -26.57
CA ARG C 24 -4.27 34.34 -26.86
C ARG C 24 -5.64 34.13 -26.18
N THR C 25 -6.31 35.25 -25.84
CA THR C 25 -7.75 35.30 -25.48
C THR C 25 -8.46 36.17 -26.50
N LEU C 26 -9.78 36.02 -26.63
CA LEU C 26 -10.64 36.80 -27.55
C LEU C 26 -10.60 38.28 -27.13
N ALA C 27 -10.49 38.53 -25.82
CA ALA C 27 -10.36 39.88 -25.21
C ALA C 27 -9.02 40.53 -25.61
N SER C 28 -7.90 39.84 -25.42
CA SER C 28 -6.53 40.44 -25.39
C SER C 28 -5.89 40.59 -26.79
N THR C 29 -6.47 40.03 -27.86
CA THR C 29 -5.91 40.11 -29.25
C THR C 29 -6.99 39.93 -30.31
N PRO C 30 -8.13 40.66 -30.26
CA PRO C 30 -9.29 40.36 -31.09
C PRO C 30 -9.05 40.29 -32.61
N ALA C 31 -8.09 41.06 -33.13
CA ALA C 31 -7.75 41.13 -34.57
C ALA C 31 -7.27 39.77 -35.08
N LEU C 32 -6.78 38.90 -34.19
CA LEU C 32 -6.10 37.62 -34.54
C LEU C 32 -7.10 36.45 -34.57
N TRP C 33 -8.39 36.70 -34.33
CA TRP C 33 -9.47 35.69 -34.30
C TRP C 33 -10.37 35.83 -35.53
N ALA C 34 -10.78 34.70 -36.10
CA ALA C 34 -11.86 34.59 -37.11
C ALA C 34 -12.99 33.75 -36.50
N SER C 35 -14.23 34.15 -36.74
CA SER C 35 -15.45 33.52 -36.18
C SER C 35 -16.08 32.58 -37.21
N ILE C 36 -16.64 31.47 -36.75
CA ILE C 36 -17.49 30.55 -37.54
C ILE C 36 -18.88 30.60 -36.92
N PRO C 37 -19.95 30.75 -37.74
CA PRO C 37 -21.31 30.60 -37.24
C PRO C 37 -21.46 29.18 -36.67
N CYS C 38 -21.80 29.08 -35.39
CA CYS C 38 -21.87 27.79 -34.67
C CYS C 38 -22.52 28.00 -33.31
N PRO C 39 -23.81 27.67 -33.14
CA PRO C 39 -24.45 27.76 -31.83
C PRO C 39 -23.99 26.62 -30.91
N ARG C 40 -24.13 26.82 -29.59
CA ARG C 40 -23.73 25.85 -28.54
C ARG C 40 -24.62 24.60 -28.63
N SER C 41 -25.79 24.73 -29.25
CA SER C 41 -26.70 23.60 -29.58
C SER C 41 -25.98 22.62 -30.53
N GLU C 42 -25.11 23.13 -31.41
CA GLU C 42 -24.37 22.33 -32.43
C GLU C 42 -23.02 21.85 -31.85
N LEU C 43 -22.39 22.60 -30.95
CA LEU C 43 -21.02 22.32 -30.44
C LEU C 43 -20.83 22.92 -29.04
N ARG C 44 -20.37 22.12 -28.09
CA ARG C 44 -19.82 22.57 -26.78
C ARG C 44 -18.36 22.11 -26.68
N LEU C 45 -17.41 23.02 -26.87
CA LEU C 45 -15.95 22.72 -26.79
C LEU C 45 -15.66 21.99 -25.47
N ASP C 46 -16.33 22.39 -24.37
CA ASP C 46 -16.05 21.87 -23.01
C ASP C 46 -16.60 20.44 -22.83
N LEU C 47 -17.45 19.96 -23.72
CA LEU C 47 -18.02 18.59 -23.67
C LEU C 47 -17.44 17.69 -24.77
N VAL C 48 -16.62 18.23 -25.67
CA VAL C 48 -16.06 17.47 -26.83
C VAL C 48 -14.54 17.32 -26.68
N LEU C 49 -13.82 18.41 -26.39
CA LEU C 49 -12.33 18.42 -26.44
C LEU C 49 -11.72 17.62 -25.30
N PRO C 50 -12.30 17.60 -24.06
CA PRO C 50 -11.76 16.81 -22.96
C PRO C 50 -12.45 15.46 -22.71
N SER C 51 -13.34 15.01 -23.60
CA SER C 51 -14.24 13.83 -23.41
C SER C 51 -13.64 12.53 -23.98
N GLY C 52 -12.32 12.45 -24.15
CA GLY C 52 -11.61 11.21 -24.55
C GLY C 52 -11.82 10.83 -26.01
N GLN C 53 -12.08 11.78 -26.91
CA GLN C 53 -11.99 11.56 -28.38
C GLN C 53 -10.57 11.86 -28.83
N SER C 54 -10.19 13.15 -28.73
CA SER C 54 -8.82 13.67 -28.87
C SER C 54 -8.22 13.83 -27.46
N PHE C 55 -6.90 13.64 -27.33
CA PHE C 55 -6.12 13.81 -26.08
C PHE C 55 -5.17 15.00 -26.19
N ARG C 56 -5.40 15.91 -27.14
CA ARG C 56 -4.40 16.92 -27.54
C ARG C 56 -4.86 18.34 -27.25
N TRP C 57 -6.03 18.53 -26.63
CA TRP C 57 -6.59 19.87 -26.29
C TRP C 57 -6.54 20.12 -24.79
N ARG C 58 -6.06 21.31 -24.38
CA ARG C 58 -6.08 21.80 -22.97
C ARG C 58 -6.73 23.19 -22.92
N GLU C 59 -7.50 23.45 -21.87
CA GLU C 59 -8.07 24.78 -21.53
C GLU C 59 -7.00 25.62 -20.83
N GLN C 60 -6.05 26.20 -21.58
CA GLN C 60 -4.90 26.95 -21.00
C GLN C 60 -5.42 28.20 -20.30
N SER C 61 -6.45 28.85 -20.87
CA SER C 61 -7.24 29.96 -20.28
C SER C 61 -8.70 29.52 -20.16
N PRO C 62 -9.47 30.00 -19.16
CA PRO C 62 -10.90 29.67 -19.04
C PRO C 62 -11.67 29.84 -20.37
N ALA C 63 -12.35 28.79 -20.80
CA ALA C 63 -13.19 28.72 -22.03
C ALA C 63 -12.32 28.79 -23.29
N HIS C 64 -10.99 28.72 -23.17
CA HIS C 64 -10.01 28.83 -24.29
C HIS C 64 -9.20 27.54 -24.42
N TRP C 65 -9.48 26.74 -25.46
CA TRP C 65 -8.86 25.41 -25.72
C TRP C 65 -7.75 25.53 -26.77
N SER C 66 -6.52 25.19 -26.38
CA SER C 66 -5.35 25.17 -27.29
C SER C 66 -4.97 23.71 -27.56
N GLY C 67 -4.39 23.47 -28.73
CA GLY C 67 -4.13 22.12 -29.25
C GLY C 67 -3.66 22.15 -30.69
N VAL C 68 -3.12 21.04 -31.17
CA VAL C 68 -2.55 20.95 -32.55
C VAL C 68 -3.62 20.39 -33.48
N LEU C 69 -3.77 21.04 -34.63
CA LEU C 69 -4.65 20.60 -35.75
C LEU C 69 -3.83 20.70 -37.05
N ALA C 70 -3.39 19.55 -37.58
CA ALA C 70 -2.67 19.44 -38.87
C ALA C 70 -1.38 20.27 -38.84
N ASP C 71 -0.56 20.08 -37.80
CA ASP C 71 0.80 20.67 -37.67
C ASP C 71 0.74 22.21 -37.54
N GLN C 72 -0.34 22.74 -36.96
CA GLN C 72 -0.43 24.15 -36.50
C GLN C 72 -1.14 24.19 -35.15
N VAL C 73 -0.74 25.07 -34.24
CA VAL C 73 -1.45 25.24 -32.94
C VAL C 73 -2.63 26.19 -33.18
N TRP C 74 -3.78 25.84 -32.62
CA TRP C 74 -5.00 26.68 -32.59
C TRP C 74 -5.39 26.90 -31.14
N THR C 75 -6.02 28.05 -30.87
CA THR C 75 -6.86 28.25 -29.67
C THR C 75 -8.30 28.44 -30.14
N LEU C 76 -9.23 27.80 -29.45
CA LEU C 76 -10.68 27.88 -29.74
C LEU C 76 -11.41 28.32 -28.48
N THR C 77 -12.37 29.21 -28.65
CA THR C 77 -13.34 29.64 -27.61
C THR C 77 -14.65 29.91 -28.34
N GLN C 78 -15.78 29.97 -27.63
CA GLN C 78 -17.09 30.25 -28.25
C GLN C 78 -17.91 31.19 -27.36
N THR C 79 -18.78 31.97 -28.00
CA THR C 79 -19.89 32.75 -27.37
C THR C 79 -21.16 31.96 -27.67
N GLU C 80 -22.33 32.56 -27.50
CA GLU C 80 -23.63 31.85 -27.65
C GLU C 80 -23.81 31.36 -29.09
N GLU C 81 -23.38 32.13 -30.09
CA GLU C 81 -23.75 31.88 -31.51
C GLU C 81 -22.51 31.62 -32.38
N GLN C 82 -21.29 31.72 -31.84
CA GLN C 82 -20.06 31.73 -32.68
C GLN C 82 -18.94 30.87 -32.08
N LEU C 83 -18.20 30.18 -32.95
CA LEU C 83 -16.89 29.56 -32.62
C LEU C 83 -15.80 30.50 -33.11
N HIS C 84 -14.94 30.97 -32.20
CA HIS C 84 -13.83 31.92 -32.46
C HIS C 84 -12.51 31.15 -32.50
N CYS C 85 -11.78 31.27 -33.61
CA CYS C 85 -10.54 30.51 -33.89
C CYS C 85 -9.38 31.47 -34.14
N THR C 86 -8.21 31.14 -33.58
CA THR C 86 -6.92 31.81 -33.87
C THR C 86 -5.88 30.70 -34.07
N VAL C 87 -4.96 30.90 -35.01
CA VAL C 87 -3.90 29.90 -35.34
C VAL C 87 -2.55 30.60 -35.14
N TYR C 88 -1.57 29.87 -34.64
CA TYR C 88 -0.18 30.36 -34.42
C TYR C 88 0.72 29.74 -35.49
N ARG C 89 1.67 30.52 -36.00
CA ARG C 89 2.70 30.09 -36.99
C ARG C 89 4.07 30.40 -36.41
N LYS C 92 7.68 31.87 -38.59
CA LYS C 92 8.29 33.22 -38.37
C LYS C 92 7.57 34.25 -39.25
N SER C 93 6.28 34.08 -39.51
CA SER C 93 5.40 35.06 -40.19
C SER C 93 4.93 36.11 -39.16
N GLN C 94 4.26 37.17 -39.61
CA GLN C 94 3.53 38.12 -38.73
C GLN C 94 2.16 37.51 -38.38
N ALA C 95 1.70 37.67 -37.15
CA ALA C 95 0.40 37.15 -36.67
C ALA C 95 -0.73 37.82 -37.47
N SER C 96 -1.72 37.03 -37.89
CA SER C 96 -2.99 37.47 -38.50
C SER C 96 -4.06 36.41 -38.23
N ARG C 97 -5.34 36.79 -38.29
CA ARG C 97 -6.47 35.85 -38.10
C ARG C 97 -6.35 34.72 -39.12
N PRO C 98 -7.03 33.58 -38.91
CA PRO C 98 -6.99 32.47 -39.87
C PRO C 98 -7.56 32.84 -41.25
N THR C 99 -6.91 32.34 -42.32
CA THR C 99 -7.40 32.43 -43.73
C THR C 99 -8.67 31.59 -43.86
N PRO C 100 -9.57 31.89 -44.83
CA PRO C 100 -10.75 31.05 -45.06
C PRO C 100 -10.44 29.57 -45.29
N ASP C 101 -9.31 29.25 -45.92
CA ASP C 101 -8.86 27.85 -46.16
C ASP C 101 -8.56 27.19 -44.81
N GLU C 102 -7.87 27.89 -43.90
CA GLU C 102 -7.50 27.38 -42.57
C GLU C 102 -8.76 27.11 -41.74
N LEU C 103 -9.75 28.00 -41.77
CA LEU C 103 -11.01 27.82 -41.01
C LEU C 103 -11.73 26.56 -41.47
N GLU C 104 -11.57 26.16 -42.74
CA GLU C 104 -12.21 24.96 -43.33
C GLU C 104 -11.63 23.70 -42.66
N ALA C 105 -10.33 23.69 -42.35
CA ALA C 105 -9.69 22.68 -41.48
C ALA C 105 -10.45 22.57 -40.15
N VAL C 106 -10.80 23.70 -39.52
CA VAL C 106 -11.56 23.71 -38.24
C VAL C 106 -12.96 23.15 -38.50
N ARG C 107 -13.64 23.60 -39.56
CA ARG C 107 -15.00 23.13 -39.93
C ARG C 107 -15.00 21.60 -40.13
N LYS C 108 -14.02 21.09 -40.88
CA LYS C 108 -13.88 19.64 -41.19
C LYS C 108 -13.69 18.85 -39.89
N TYR C 109 -12.80 19.31 -39.02
CA TYR C 109 -12.44 18.66 -37.73
C TYR C 109 -13.69 18.42 -36.87
N PHE C 110 -14.60 19.40 -36.80
CA PHE C 110 -15.85 19.31 -35.99
C PHE C 110 -17.03 18.79 -36.83
N GLN C 111 -16.79 18.45 -38.09
CA GLN C 111 -17.80 17.89 -39.05
C GLN C 111 -19.07 18.76 -39.04
N LEU C 112 -18.93 20.08 -39.10
CA LEU C 112 -20.06 21.04 -38.91
C LEU C 112 -21.10 20.91 -40.03
N ASP C 113 -20.78 20.24 -41.15
CA ASP C 113 -21.79 19.87 -42.19
C ASP C 113 -22.89 19.01 -41.56
N VAL C 114 -22.56 18.17 -40.57
CA VAL C 114 -23.55 17.28 -39.88
C VAL C 114 -24.30 18.14 -38.85
N THR C 115 -25.61 18.32 -39.06
CA THR C 115 -26.54 19.07 -38.16
C THR C 115 -26.90 18.19 -36.96
N LEU C 116 -26.38 18.52 -35.78
CA LEU C 116 -26.61 17.75 -34.53
C LEU C 116 -28.09 17.84 -34.14
N ALA C 117 -28.73 19.00 -34.37
CA ALA C 117 -30.17 19.24 -34.09
C ALA C 117 -31.01 18.04 -34.56
N GLN C 118 -30.84 17.62 -35.83
CA GLN C 118 -31.67 16.57 -36.48
C GLN C 118 -31.40 15.22 -35.81
N LEU C 119 -30.13 14.93 -35.46
CA LEU C 119 -29.72 13.67 -34.80
C LEU C 119 -30.29 13.61 -33.38
N TYR C 120 -30.07 14.65 -32.57
CA TYR C 120 -30.60 14.76 -31.18
C TYR C 120 -32.13 14.57 -31.20
N HIS C 121 -32.81 15.09 -32.22
CA HIS C 121 -34.29 15.00 -32.40
C HIS C 121 -34.70 13.56 -32.81
N HIS C 122 -33.96 12.90 -33.70
CA HIS C 122 -34.22 11.49 -34.09
C HIS C 122 -34.00 10.57 -32.88
N TRP C 123 -32.83 10.68 -32.24
CA TRP C 123 -32.43 9.88 -31.04
C TRP C 123 -33.48 10.05 -29.94
N GLY C 124 -33.70 11.29 -29.48
CA GLY C 124 -34.62 11.63 -28.39
C GLY C 124 -36.01 11.04 -28.59
N SER C 125 -36.46 10.93 -29.85
CA SER C 125 -37.83 10.49 -30.23
C SER C 125 -37.90 8.96 -30.35
N VAL C 126 -36.78 8.25 -30.20
CA VAL C 126 -36.74 6.76 -30.19
C VAL C 126 -36.07 6.27 -28.89
N ASP C 127 -35.69 7.18 -27.97
CA ASP C 127 -35.09 6.84 -26.66
C ASP C 127 -35.38 7.97 -25.67
N SER C 128 -36.37 7.77 -24.80
CA SER C 128 -36.81 8.70 -23.74
C SER C 128 -35.63 9.01 -22.81
N HIS C 129 -34.86 7.99 -22.41
CA HIS C 129 -33.74 8.15 -21.46
C HIS C 129 -32.65 9.02 -22.10
N PHE C 130 -32.45 8.92 -23.41
CA PHE C 130 -31.48 9.77 -24.17
C PHE C 130 -31.92 11.23 -24.05
N GLN C 131 -33.22 11.50 -24.23
CA GLN C 131 -33.87 12.82 -24.07
C GLN C 131 -33.39 13.48 -22.75
N GLU C 132 -33.46 12.74 -21.64
CA GLU C 132 -33.18 13.29 -20.27
C GLU C 132 -31.73 13.77 -20.21
N VAL C 133 -30.77 12.96 -20.69
CA VAL C 133 -29.31 13.31 -20.69
C VAL C 133 -29.11 14.48 -21.67
N ALA C 134 -29.68 14.37 -22.87
CA ALA C 134 -29.49 15.31 -24.00
C ALA C 134 -29.94 16.73 -23.62
N GLN C 135 -30.84 16.88 -22.63
CA GLN C 135 -31.30 18.20 -22.12
C GLN C 135 -30.08 19.03 -21.71
N LYS C 136 -29.24 18.45 -20.85
CA LYS C 136 -28.14 19.14 -20.12
C LYS C 136 -26.80 18.92 -20.82
N PHE C 137 -26.77 18.11 -21.89
CA PHE C 137 -25.53 17.78 -22.64
C PHE C 137 -25.80 18.00 -24.13
N GLN C 138 -25.99 19.27 -24.50
CA GLN C 138 -26.16 19.74 -25.90
C GLN C 138 -24.77 19.85 -26.55
N GLY C 139 -24.73 19.83 -27.87
CA GLY C 139 -23.51 20.13 -28.65
C GLY C 139 -22.39 19.12 -28.40
N VAL C 140 -22.73 17.85 -28.16
CA VAL C 140 -21.73 16.73 -28.15
C VAL C 140 -21.68 16.14 -29.55
N ARG C 141 -20.63 16.48 -30.30
CA ARG C 141 -20.34 16.04 -31.69
C ARG C 141 -19.16 15.07 -31.64
N LEU C 142 -18.97 14.29 -32.71
CA LEU C 142 -17.71 13.56 -32.95
C LEU C 142 -16.77 14.41 -33.80
N LEU C 143 -15.52 14.49 -33.35
CA LEU C 143 -14.39 15.00 -34.16
C LEU C 143 -14.19 14.05 -35.34
N ARG C 144 -13.83 14.61 -36.49
CA ARG C 144 -13.25 13.85 -37.62
C ARG C 144 -11.74 13.97 -37.49
N GLN C 145 -11.13 12.93 -36.93
CA GLN C 145 -9.71 12.91 -36.56
C GLN C 145 -8.89 12.39 -37.73
N ASP C 146 -7.63 12.82 -37.79
CA ASP C 146 -6.59 12.20 -38.64
C ASP C 146 -6.47 10.73 -38.27
N PRO C 147 -6.54 9.80 -39.25
CA PRO C 147 -6.49 8.37 -38.96
C PRO C 147 -5.23 7.92 -38.19
N ILE C 148 -4.05 8.43 -38.54
CA ILE C 148 -2.75 8.07 -37.89
C ILE C 148 -2.77 8.52 -36.42
N GLU C 149 -3.04 9.80 -36.17
CA GLU C 149 -3.15 10.34 -34.79
C GLU C 149 -4.19 9.53 -34.01
N CYS C 150 -5.34 9.25 -34.61
CA CYS C 150 -6.44 8.48 -33.95
C CYS C 150 -5.96 7.06 -33.65
N LEU C 151 -5.34 6.38 -34.62
CA LEU C 151 -4.92 4.96 -34.48
C LEU C 151 -3.95 4.84 -33.29
N PHE C 152 -2.89 5.63 -33.30
CA PHE C 152 -1.77 5.54 -32.32
C PHE C 152 -2.21 6.05 -30.95
N SER C 153 -3.10 7.05 -30.90
CA SER C 153 -3.68 7.58 -29.64
C SER C 153 -4.52 6.50 -28.95
N PHE C 154 -5.31 5.75 -29.70
CA PHE C 154 -6.16 4.67 -29.14
C PHE C 154 -5.34 3.39 -28.89
N ILE C 155 -4.22 3.18 -29.57
CA ILE C 155 -3.27 2.11 -29.14
C ILE C 155 -2.77 2.42 -27.71
N CYS C 156 -2.50 3.69 -27.39
CA CYS C 156 -2.10 4.14 -26.03
C CYS C 156 -3.27 4.11 -25.03
N SER C 157 -4.50 3.78 -25.46
CA SER C 157 -5.72 3.87 -24.62
C SER C 157 -5.94 2.60 -23.77
N SER C 158 -5.32 1.48 -24.12
CA SER C 158 -5.57 0.17 -23.45
C SER C 158 -5.22 0.30 -21.94
N ASN C 159 -6.11 -0.15 -21.05
CA ASN C 159 -5.85 -0.26 -19.59
C ASN C 159 -5.27 1.05 -19.10
N ASN C 160 -6.05 2.12 -19.23
CA ASN C 160 -5.63 3.53 -18.96
C ASN C 160 -6.87 4.37 -18.69
N ASN C 161 -6.73 5.41 -17.86
CA ASN C 161 -7.73 6.49 -17.65
C ASN C 161 -7.36 7.65 -18.58
N ILE C 162 -8.28 8.59 -18.78
CA ILE C 162 -8.08 9.76 -19.71
C ILE C 162 -6.76 10.49 -19.38
N ALA C 163 -6.42 10.66 -18.11
CA ALA C 163 -5.22 11.43 -17.68
C ALA C 163 -3.94 10.75 -18.20
N ARG C 164 -3.79 9.44 -18.00
CA ARG C 164 -2.55 8.69 -18.38
C ARG C 164 -2.41 8.66 -19.91
N ILE C 165 -3.51 8.46 -20.64
CA ILE C 165 -3.53 8.46 -22.13
C ILE C 165 -2.97 9.82 -22.58
N THR C 166 -3.53 10.90 -22.05
CA THR C 166 -3.15 12.31 -22.36
C THR C 166 -1.64 12.48 -22.18
N GLY C 167 -1.09 12.02 -21.05
CA GLY C 167 0.36 12.04 -20.76
C GLY C 167 1.16 11.24 -21.78
N MET C 168 0.77 9.98 -22.04
CA MET C 168 1.48 9.07 -22.98
C MET C 168 1.49 9.69 -24.37
N VAL C 169 0.37 10.26 -24.82
CA VAL C 169 0.25 10.86 -26.19
C VAL C 169 1.14 12.10 -26.25
N GLU C 170 1.17 12.92 -25.19
CA GLU C 170 2.04 14.12 -25.13
C GLU C 170 3.51 13.69 -25.24
N ARG C 171 3.94 12.69 -24.46
CA ARG C 171 5.36 12.25 -24.45
C ARG C 171 5.73 11.67 -25.82
N LEU C 172 4.81 10.91 -26.43
CA LEU C 172 4.98 10.35 -27.80
C LEU C 172 5.29 11.45 -28.82
N CYS C 173 4.46 12.50 -28.85
CA CYS C 173 4.57 13.65 -29.79
C CYS C 173 5.83 14.47 -29.47
N GLN C 174 6.14 14.68 -28.19
CA GLN C 174 7.39 15.38 -27.79
C GLN C 174 8.61 14.61 -28.32
N ALA C 175 8.59 13.27 -28.26
CA ALA C 175 9.71 12.37 -28.59
C ALA C 175 9.89 12.24 -30.11
N PHE C 176 8.79 12.16 -30.86
CA PHE C 176 8.84 11.75 -32.29
C PHE C 176 8.13 12.73 -33.22
N GLY C 177 7.39 13.69 -32.67
CA GLY C 177 6.65 14.70 -33.45
C GLY C 177 7.45 15.97 -33.62
N PRO C 178 7.35 16.66 -34.79
CA PRO C 178 8.15 17.86 -35.03
C PRO C 178 7.76 18.96 -34.04
N ARG C 179 8.75 19.63 -33.46
CA ARG C 179 8.52 20.82 -32.59
C ARG C 179 7.85 21.90 -33.46
N LEU C 180 6.73 22.46 -32.99
CA LEU C 180 5.95 23.46 -33.77
C LEU C 180 6.24 24.86 -33.23
N ILE C 181 6.00 25.08 -31.95
CA ILE C 181 6.03 26.44 -31.32
C ILE C 181 6.00 26.27 -29.79
N GLN C 182 6.58 27.22 -29.05
CA GLN C 182 6.37 27.35 -27.59
C GLN C 182 5.45 28.55 -27.33
N LEU C 183 4.33 28.31 -26.66
CA LEU C 183 3.46 29.38 -26.12
C LEU C 183 3.54 29.31 -24.59
N ASP C 184 4.01 30.39 -23.95
CA ASP C 184 4.18 30.44 -22.47
C ASP C 184 5.04 29.24 -22.06
N ASP C 185 4.46 28.34 -21.26
CA ASP C 185 5.14 27.19 -20.61
C ASP C 185 5.22 25.99 -21.56
N VAL C 186 4.37 25.97 -22.59
CA VAL C 186 3.98 24.74 -23.35
C VAL C 186 4.69 24.75 -24.71
N THR C 187 5.45 23.70 -25.01
CA THR C 187 6.01 23.41 -26.35
C THR C 187 5.07 22.41 -27.06
N TYR C 188 4.51 22.81 -28.20
CA TYR C 188 3.58 21.99 -29.03
C TYR C 188 4.37 21.24 -30.09
N HIS C 189 4.08 19.94 -30.23
CA HIS C 189 4.65 19.04 -31.28
C HIS C 189 3.54 18.58 -32.23
N GLY C 190 3.87 18.42 -33.52
CA GLY C 190 3.00 17.73 -34.49
C GLY C 190 2.85 16.28 -34.07
N PHE C 191 1.88 15.56 -34.63
CA PHE C 191 1.77 14.11 -34.37
C PHE C 191 2.86 13.44 -35.19
N PRO C 192 3.58 12.43 -34.65
CA PRO C 192 4.65 11.78 -35.40
C PRO C 192 4.12 11.21 -36.73
N SER C 193 4.96 11.22 -37.76
CA SER C 193 4.73 10.51 -39.05
C SER C 193 4.88 9.00 -38.81
N LEU C 194 4.40 8.18 -39.75
CA LEU C 194 4.61 6.69 -39.73
C LEU C 194 6.12 6.41 -39.76
N GLN C 195 6.84 7.17 -40.58
CA GLN C 195 8.31 7.04 -40.78
C GLN C 195 8.99 7.12 -39.41
N ALA C 196 8.66 8.16 -38.63
CA ALA C 196 9.24 8.45 -37.30
C ALA C 196 8.87 7.37 -36.29
N LEU C 197 7.72 6.71 -36.42
CA LEU C 197 7.26 5.67 -35.46
C LEU C 197 7.75 4.27 -35.86
N ALA C 198 8.39 4.10 -37.03
CA ALA C 198 8.76 2.78 -37.60
C ALA C 198 10.26 2.49 -37.45
N GLY C 199 11.03 3.41 -36.85
CA GLY C 199 12.48 3.24 -36.61
C GLY C 199 12.77 2.13 -35.59
N PRO C 200 13.95 1.46 -35.67
CA PRO C 200 14.30 0.38 -34.74
C PRO C 200 14.70 0.80 -33.31
N GLU C 201 14.66 2.10 -32.97
CA GLU C 201 14.96 2.64 -31.62
C GLU C 201 13.65 3.03 -30.90
N VAL C 202 12.53 3.11 -31.62
CA VAL C 202 11.25 3.72 -31.15
C VAL C 202 10.70 2.94 -29.97
N GLU C 203 10.64 1.61 -30.10
CA GLU C 203 10.05 0.70 -29.09
C GLU C 203 10.74 0.98 -27.74
N ALA C 204 12.06 0.87 -27.70
CA ALA C 204 12.89 1.10 -26.49
C ALA C 204 12.57 2.49 -25.90
N HIS C 205 12.65 3.53 -26.72
CA HIS C 205 12.40 4.94 -26.34
C HIS C 205 11.02 5.05 -25.66
N LEU C 206 9.97 4.51 -26.27
CA LEU C 206 8.57 4.60 -25.77
C LEU C 206 8.44 3.82 -24.45
N ARG C 207 9.14 2.70 -24.30
CA ARG C 207 9.18 1.94 -23.02
C ARG C 207 9.68 2.86 -21.90
N LYS C 208 10.79 3.57 -22.11
CA LYS C 208 11.35 4.54 -21.12
C LYS C 208 10.28 5.59 -20.77
N LEU C 209 9.48 6.01 -21.75
CA LEU C 209 8.44 7.06 -21.59
C LEU C 209 7.16 6.48 -20.97
N GLY C 210 7.15 5.21 -20.62
CA GLY C 210 6.13 4.60 -19.73
C GLY C 210 4.94 4.05 -20.48
N LEU C 211 5.06 3.88 -21.79
CA LEU C 211 3.95 3.35 -22.64
C LEU C 211 3.84 1.84 -22.40
N GLY C 212 4.93 1.22 -21.93
CA GLY C 212 4.96 -0.21 -21.58
C GLY C 212 4.80 -1.08 -22.81
N TYR C 213 3.95 -2.10 -22.70
CA TYR C 213 3.62 -3.07 -23.77
C TYR C 213 3.07 -2.35 -25.02
N ARG C 214 2.51 -1.16 -24.84
CA ARG C 214 1.89 -0.36 -25.94
C ARG C 214 2.99 0.14 -26.88
N ALA C 215 4.22 0.27 -26.37
CA ALA C 215 5.42 0.68 -27.13
C ALA C 215 5.63 -0.25 -28.33
N ARG C 216 5.54 -1.57 -28.13
CA ARG C 216 5.71 -2.56 -29.23
C ARG C 216 4.57 -2.39 -30.24
N TYR C 217 3.34 -2.29 -29.75
CA TYR C 217 2.13 -2.08 -30.59
C TYR C 217 2.36 -0.92 -31.55
N VAL C 218 2.85 0.21 -31.02
CA VAL C 218 3.06 1.46 -31.80
C VAL C 218 4.08 1.21 -32.90
N SER C 219 5.27 0.72 -32.54
CA SER C 219 6.39 0.49 -33.48
C SER C 219 5.97 -0.52 -34.56
N ALA C 220 5.37 -1.62 -34.14
CA ALA C 220 5.03 -2.76 -35.01
C ALA C 220 3.87 -2.35 -35.93
N SER C 221 2.87 -1.64 -35.41
CA SER C 221 1.75 -1.14 -36.25
C SER C 221 2.26 -0.13 -37.29
N ALA C 222 3.10 0.82 -36.89
CA ALA C 222 3.72 1.80 -37.83
C ALA C 222 4.47 1.06 -38.93
N ARG C 223 5.26 0.05 -38.57
CA ARG C 223 6.03 -0.79 -39.55
C ARG C 223 5.05 -1.51 -40.49
N ALA C 224 4.02 -2.17 -39.96
CA ALA C 224 3.04 -2.94 -40.74
C ALA C 224 2.42 -2.02 -41.81
N ILE C 225 2.02 -0.80 -41.44
CA ILE C 225 1.28 0.13 -42.35
C ILE C 225 2.22 0.63 -43.46
N LEU C 226 3.47 0.96 -43.11
CA LEU C 226 4.50 1.43 -44.08
C LEU C 226 4.94 0.28 -44.99
N GLU C 227 5.30 -0.87 -44.43
CA GLU C 227 6.00 -1.97 -45.16
C GLU C 227 5.00 -2.90 -45.84
N GLU C 228 3.83 -3.13 -45.24
CA GLU C 228 2.89 -4.19 -45.67
C GLU C 228 1.63 -3.60 -46.33
N GLN C 229 1.15 -2.44 -45.90
CA GLN C 229 -0.19 -1.94 -46.29
C GLN C 229 -0.11 -0.76 -47.27
N GLY C 230 1.08 -0.18 -47.50
CA GLY C 230 1.30 0.90 -48.49
C GLY C 230 1.06 2.29 -47.91
N GLY C 231 1.25 2.46 -46.60
CA GLY C 231 1.28 3.79 -45.96
C GLY C 231 -0.09 4.41 -45.80
N LEU C 232 -0.17 5.74 -45.93
CA LEU C 232 -1.38 6.56 -45.63
C LEU C 232 -2.51 6.20 -46.60
N ALA C 233 -2.18 5.74 -47.81
CA ALA C 233 -3.17 5.30 -48.82
C ALA C 233 -4.13 4.27 -48.21
N TRP C 234 -3.64 3.37 -47.36
CA TRP C 234 -4.44 2.27 -46.75
C TRP C 234 -5.58 2.84 -45.87
N LEU C 235 -5.28 3.84 -45.06
CA LEU C 235 -6.29 4.41 -44.12
C LEU C 235 -7.33 5.19 -44.93
N GLN C 236 -6.93 5.81 -46.05
CA GLN C 236 -7.87 6.48 -46.99
C GLN C 236 -8.75 5.41 -47.69
N GLN C 237 -8.18 4.25 -48.04
CA GLN C 237 -8.94 3.08 -48.56
C GLN C 237 -9.97 2.65 -47.52
N LEU C 238 -9.58 2.52 -46.24
CA LEU C 238 -10.52 2.08 -45.18
C LEU C 238 -11.62 3.14 -44.97
N ARG C 239 -11.32 4.42 -45.18
CA ARG C 239 -12.35 5.50 -45.15
C ARG C 239 -13.41 5.24 -46.21
N GLU C 240 -13.00 4.71 -47.37
CA GLU C 240 -13.85 4.51 -48.57
C GLU C 240 -14.47 3.10 -48.53
N SER C 241 -14.04 2.25 -47.61
CA SER C 241 -14.53 0.85 -47.47
C SER C 241 -15.75 0.84 -46.55
N SER C 242 -16.47 -0.28 -46.52
CA SER C 242 -17.57 -0.50 -45.55
C SER C 242 -17.00 -0.54 -44.13
N TYR C 243 -17.86 -0.36 -43.13
CA TYR C 243 -17.54 -0.45 -41.69
C TYR C 243 -16.99 -1.84 -41.37
N GLU C 244 -17.64 -2.88 -41.91
CA GLU C 244 -17.29 -4.30 -41.69
C GLU C 244 -15.89 -4.55 -42.23
N GLU C 245 -15.58 -4.09 -43.44
CA GLU C 245 -14.25 -4.28 -44.10
C GLU C 245 -13.19 -3.52 -43.28
N ALA C 246 -13.45 -2.25 -42.95
CA ALA C 246 -12.52 -1.34 -42.24
C ALA C 246 -12.18 -1.90 -40.85
N HIS C 247 -13.18 -2.35 -40.09
CA HIS C 247 -13.02 -2.93 -38.74
C HIS C 247 -12.13 -4.19 -38.82
N LYS C 248 -12.43 -5.09 -39.76
CA LYS C 248 -11.64 -6.33 -39.97
C LYS C 248 -10.19 -5.96 -40.33
N ALA C 249 -10.01 -5.02 -41.24
CA ALA C 249 -8.68 -4.64 -41.76
C ALA C 249 -7.82 -4.13 -40.57
N LEU C 250 -8.35 -3.21 -39.76
CA LEU C 250 -7.64 -2.59 -38.61
C LEU C 250 -7.18 -3.68 -37.63
N CYS C 251 -7.96 -4.76 -37.50
CA CYS C 251 -7.73 -5.80 -36.45
C CYS C 251 -6.52 -6.68 -36.81
N ILE C 252 -5.89 -6.51 -37.98
CA ILE C 252 -4.62 -7.21 -38.31
C ILE C 252 -3.45 -6.51 -37.57
N LEU C 253 -3.66 -5.29 -37.05
CA LEU C 253 -2.56 -4.47 -36.47
C LEU C 253 -2.30 -4.90 -35.03
N PRO C 254 -1.02 -5.06 -34.64
CA PRO C 254 -0.67 -5.39 -33.26
C PRO C 254 -1.21 -4.33 -32.30
N GLY C 255 -1.98 -4.78 -31.30
CA GLY C 255 -2.58 -3.91 -30.27
C GLY C 255 -3.93 -3.34 -30.67
N VAL C 256 -4.43 -3.62 -31.89
CA VAL C 256 -5.79 -3.19 -32.30
C VAL C 256 -6.75 -4.37 -32.17
N GLY C 257 -7.62 -4.36 -31.15
CA GLY C 257 -8.75 -5.31 -31.00
C GLY C 257 -10.04 -4.64 -31.40
N THR C 258 -11.17 -5.26 -31.04
CA THR C 258 -12.56 -4.85 -31.42
C THR C 258 -12.85 -3.41 -30.98
N LYS C 259 -12.51 -3.06 -29.75
CA LYS C 259 -12.87 -1.75 -29.14
C LYS C 259 -12.09 -0.62 -29.84
N VAL C 260 -10.77 -0.78 -29.99
CA VAL C 260 -9.85 0.22 -30.60
C VAL C 260 -10.18 0.35 -32.09
N ALA C 261 -10.50 -0.76 -32.77
CA ALA C 261 -10.92 -0.77 -34.20
C ALA C 261 -12.20 0.05 -34.33
N ASP C 262 -13.17 -0.14 -33.42
CA ASP C 262 -14.45 0.61 -33.45
C ASP C 262 -14.19 2.11 -33.21
N CYS C 263 -13.29 2.46 -32.28
CA CYS C 263 -12.96 3.89 -31.99
C CYS C 263 -12.43 4.55 -33.26
N ILE C 264 -11.46 3.92 -33.93
CA ILE C 264 -10.84 4.46 -35.17
C ILE C 264 -11.94 4.53 -36.25
N CYS C 265 -12.76 3.50 -36.39
CA CYS C 265 -13.85 3.48 -37.40
C CYS C 265 -14.75 4.71 -37.22
N LEU C 266 -15.17 4.96 -35.97
CA LEU C 266 -16.15 6.02 -35.59
C LEU C 266 -15.51 7.41 -35.73
N MET C 267 -14.28 7.56 -35.24
CA MET C 267 -13.64 8.87 -35.00
C MET C 267 -12.73 9.31 -36.17
N ALA C 268 -12.27 8.39 -37.02
CA ALA C 268 -11.34 8.74 -38.14
C ALA C 268 -11.78 8.17 -39.50
N LEU C 269 -12.57 7.09 -39.57
CA LEU C 269 -12.86 6.41 -40.86
C LEU C 269 -14.34 6.56 -41.25
N ASP C 270 -15.06 7.50 -40.62
CA ASP C 270 -16.42 7.95 -41.05
C ASP C 270 -17.39 6.77 -41.02
N LYS C 271 -17.35 5.93 -39.97
CA LYS C 271 -18.33 4.85 -39.72
C LYS C 271 -19.14 5.27 -38.48
N PRO C 272 -20.19 6.09 -38.69
CA PRO C 272 -20.95 6.64 -37.57
C PRO C 272 -21.73 5.58 -36.79
N GLN C 273 -21.92 4.39 -37.39
CA GLN C 273 -22.70 3.26 -36.80
C GLN C 273 -21.81 2.40 -35.90
N ALA C 274 -20.50 2.65 -35.91
CA ALA C 274 -19.51 1.99 -35.02
C ALA C 274 -19.83 2.34 -33.57
N VAL C 275 -20.03 1.35 -32.73
CA VAL C 275 -20.33 1.52 -31.28
C VAL C 275 -19.25 0.79 -30.51
N PRO C 276 -18.17 1.50 -30.07
CA PRO C 276 -17.11 0.88 -29.29
C PRO C 276 -17.65 0.41 -27.93
N VAL C 277 -17.62 -0.90 -27.69
CA VAL C 277 -18.15 -1.51 -26.44
C VAL C 277 -16.96 -1.90 -25.55
N ASP C 278 -16.88 -1.31 -24.36
CA ASP C 278 -16.02 -1.78 -23.24
C ASP C 278 -16.83 -1.64 -21.95
N VAL C 279 -16.20 -1.85 -20.79
CA VAL C 279 -16.93 -1.85 -19.48
C VAL C 279 -17.77 -0.58 -19.40
N HIS C 280 -17.20 0.55 -19.84
CA HIS C 280 -17.81 1.91 -19.79
C HIS C 280 -19.23 1.89 -20.41
N MET C 281 -19.41 1.27 -21.58
CA MET C 281 -20.73 1.20 -22.28
C MET C 281 -21.58 0.06 -21.68
N TRP C 282 -20.93 -0.98 -21.15
CA TRP C 282 -21.56 -2.18 -20.53
C TRP C 282 -22.49 -1.75 -19.38
N HIS C 283 -21.98 -0.92 -18.46
CA HIS C 283 -22.76 -0.30 -17.34
C HIS C 283 -24.07 0.29 -17.88
N ILE C 284 -23.95 1.25 -18.82
CA ILE C 284 -25.05 2.13 -19.32
C ILE C 284 -26.23 1.26 -19.79
N ALA C 285 -25.95 0.11 -20.42
CA ALA C 285 -26.98 -0.86 -20.89
C ALA C 285 -27.77 -1.38 -19.68
N GLN C 286 -27.06 -1.94 -18.69
CA GLN C 286 -27.64 -2.55 -17.46
C GLN C 286 -28.50 -1.51 -16.74
N ARG C 287 -27.92 -0.33 -16.50
CA ARG C 287 -28.53 0.80 -15.73
C ARG C 287 -29.84 1.23 -16.39
N ASP C 288 -29.79 1.68 -17.66
CA ASP C 288 -30.84 2.50 -18.31
C ASP C 288 -31.58 1.76 -19.43
N TYR C 289 -31.14 0.56 -19.83
CA TYR C 289 -31.72 -0.18 -20.97
C TYR C 289 -32.11 -1.62 -20.56
N SER C 290 -32.04 -1.93 -19.26
CA SER C 290 -32.46 -3.22 -18.65
C SER C 290 -31.82 -4.38 -19.41
N TRP C 291 -30.49 -4.45 -19.39
CA TRP C 291 -29.66 -5.52 -20.00
C TRP C 291 -29.07 -6.42 -18.90
N HIS C 292 -29.25 -7.74 -19.01
CA HIS C 292 -28.70 -8.74 -18.06
C HIS C 292 -27.24 -9.05 -18.42
N PRO C 301 -18.83 -8.80 -19.07
CA PRO C 301 -18.63 -8.50 -20.50
C PRO C 301 -17.70 -9.50 -21.19
N SER C 302 -18.05 -9.94 -22.39
CA SER C 302 -17.31 -10.92 -23.23
C SER C 302 -17.34 -10.49 -24.69
N PRO C 303 -16.45 -11.03 -25.56
CA PRO C 303 -16.49 -10.73 -27.00
C PRO C 303 -17.90 -10.87 -27.60
N GLN C 304 -18.66 -11.88 -27.20
CA GLN C 304 -19.98 -12.20 -27.81
C GLN C 304 -21.02 -11.18 -27.33
N THR C 305 -21.04 -10.85 -26.04
CA THR C 305 -22.03 -9.93 -25.44
C THR C 305 -21.69 -8.50 -25.90
N ASN C 306 -20.39 -8.18 -26.03
CA ASN C 306 -19.88 -6.92 -26.61
C ASN C 306 -20.52 -6.70 -27.99
N LYS C 307 -20.48 -7.71 -28.85
CA LYS C 307 -21.08 -7.68 -30.21
C LYS C 307 -22.59 -7.47 -30.10
N GLU C 308 -23.25 -8.12 -29.13
CA GLU C 308 -24.73 -8.01 -28.91
C GLU C 308 -25.09 -6.58 -28.51
N LEU C 309 -24.33 -5.96 -27.61
CA LEU C 309 -24.52 -4.53 -27.19
C LEU C 309 -24.49 -3.63 -28.43
N GLY C 310 -23.43 -3.73 -29.24
CA GLY C 310 -23.26 -2.95 -30.47
C GLY C 310 -24.49 -3.02 -31.35
N ASN C 311 -25.01 -4.23 -31.58
CA ASN C 311 -26.17 -4.51 -32.47
C ASN C 311 -27.44 -3.86 -31.87
N PHE C 312 -27.64 -3.98 -30.56
CA PHE C 312 -28.80 -3.41 -29.82
C PHE C 312 -28.86 -1.90 -30.07
N PHE C 313 -27.76 -1.20 -29.77
CA PHE C 313 -27.66 0.28 -29.87
C PHE C 313 -27.80 0.73 -31.32
N ARG C 314 -27.26 -0.03 -32.28
CA ARG C 314 -27.42 0.26 -33.73
C ARG C 314 -28.90 0.13 -34.12
N SER C 315 -29.61 -0.85 -33.55
CA SER C 315 -31.06 -1.06 -33.78
C SER C 315 -31.86 0.07 -33.12
N LEU C 316 -31.47 0.44 -31.90
CA LEU C 316 -32.15 1.48 -31.10
C LEU C 316 -32.00 2.85 -31.79
N TRP C 317 -30.77 3.26 -32.10
CA TRP C 317 -30.43 4.66 -32.49
C TRP C 317 -30.30 4.83 -34.01
N GLY C 318 -30.02 3.74 -34.74
CA GLY C 318 -29.88 3.79 -36.21
C GLY C 318 -28.46 4.13 -36.65
N PRO C 319 -28.29 4.62 -37.90
CA PRO C 319 -26.96 4.70 -38.54
C PRO C 319 -25.90 5.61 -37.90
N TYR C 320 -26.28 6.50 -36.98
CA TYR C 320 -25.35 7.39 -36.24
C TYR C 320 -25.28 6.98 -34.77
N ALA C 321 -25.42 5.68 -34.47
CA ALA C 321 -25.44 5.11 -33.10
C ALA C 321 -24.18 5.48 -32.30
N GLY C 322 -23.01 5.56 -32.94
CA GLY C 322 -21.74 5.93 -32.27
C GLY C 322 -21.76 7.37 -31.78
N TRP C 323 -22.40 8.24 -32.55
CA TRP C 323 -22.58 9.68 -32.20
C TRP C 323 -23.47 9.77 -30.96
N ALA C 324 -24.52 8.94 -30.86
CA ALA C 324 -25.44 8.89 -29.71
C ALA C 324 -24.65 8.48 -28.47
N GLN C 325 -23.79 7.45 -28.60
CA GLN C 325 -22.91 6.94 -27.52
C GLN C 325 -22.07 8.08 -26.95
N ALA C 326 -21.44 8.88 -27.80
CA ALA C 326 -20.55 9.99 -27.38
C ALA C 326 -21.28 10.92 -26.40
N VAL C 327 -22.59 11.17 -26.63
CA VAL C 327 -23.43 12.06 -25.76
C VAL C 327 -23.46 11.48 -24.34
N LEU C 328 -23.78 10.19 -24.19
CA LEU C 328 -23.83 9.48 -22.88
C LEU C 328 -22.42 9.42 -22.27
N PHE C 329 -21.39 9.12 -23.05
CA PHE C 329 -19.99 8.96 -22.58
C PHE C 329 -19.48 10.28 -21.99
N SER C 330 -19.77 11.42 -22.63
CA SER C 330 -19.36 12.76 -22.16
C SER C 330 -20.10 13.09 -20.85
N ALA C 331 -21.38 12.70 -20.76
CA ALA C 331 -22.27 12.97 -19.61
C ALA C 331 -21.69 12.34 -18.34
N ASP C 332 -21.21 11.09 -18.42
CA ASP C 332 -20.55 10.38 -17.29
C ASP C 332 -19.29 11.17 -16.90
N LEU C 333 -18.34 11.34 -17.81
CA LEU C 333 -17.06 12.05 -17.56
C LEU C 333 -17.32 13.57 -17.55
N MET D 21 -8.07 -13.66 17.62
CA MET D 21 -6.65 -13.94 17.24
C MET D 21 -6.38 -15.46 17.21
N GLY D 22 -7.42 -16.29 16.97
CA GLY D 22 -7.31 -17.75 16.77
C GLY D 22 -8.04 -18.22 15.51
N HIS D 23 -7.53 -19.26 14.84
CA HIS D 23 -8.19 -19.86 13.64
C HIS D 23 -9.60 -20.32 14.04
N ARG D 24 -10.58 -20.13 13.16
CA ARG D 24 -12.01 -20.44 13.42
C ARG D 24 -12.36 -21.82 12.85
N THR D 25 -13.31 -22.49 13.49
CA THR D 25 -14.01 -23.69 12.97
C THR D 25 -15.48 -23.29 12.78
N LEU D 26 -16.23 -24.06 11.99
CA LEU D 26 -17.68 -23.82 11.72
C LEU D 26 -18.45 -24.10 13.01
N ALA D 27 -18.06 -25.15 13.74
CA ALA D 27 -18.67 -25.61 15.00
C ALA D 27 -18.59 -24.51 16.07
N SER D 28 -17.42 -23.89 16.24
CA SER D 28 -17.10 -22.97 17.36
C SER D 28 -17.80 -21.61 17.20
N THR D 29 -17.77 -21.00 16.00
CA THR D 29 -18.24 -19.61 15.76
C THR D 29 -19.26 -19.55 14.61
N PRO D 30 -20.37 -20.31 14.67
CA PRO D 30 -21.28 -20.47 13.52
C PRO D 30 -21.77 -19.17 12.84
N ALA D 31 -22.10 -18.13 13.60
CA ALA D 31 -22.71 -16.89 13.07
C ALA D 31 -21.70 -16.03 12.29
N LEU D 32 -20.41 -16.39 12.31
CA LEU D 32 -19.34 -15.66 11.58
C LEU D 32 -19.11 -16.24 10.17
N TRP D 33 -19.95 -17.22 9.77
CA TRP D 33 -19.86 -17.95 8.47
C TRP D 33 -21.03 -17.57 7.57
N ALA D 34 -20.76 -17.36 6.28
CA ALA D 34 -21.76 -17.25 5.19
C ALA D 34 -21.67 -18.52 4.34
N SER D 35 -22.82 -19.00 3.86
CA SER D 35 -22.95 -20.24 3.05
C SER D 35 -23.22 -19.89 1.57
N ILE D 36 -22.51 -20.54 0.66
CA ILE D 36 -22.79 -20.49 -0.81
C ILE D 36 -23.32 -21.87 -1.21
N PRO D 37 -24.45 -21.96 -1.96
CA PRO D 37 -24.91 -23.22 -2.50
C PRO D 37 -23.82 -23.76 -3.44
N CYS D 38 -23.27 -24.94 -3.14
CA CYS D 38 -22.12 -25.52 -3.86
C CYS D 38 -21.97 -26.99 -3.52
N PRO D 39 -22.53 -27.92 -4.33
CA PRO D 39 -22.33 -29.35 -4.13
C PRO D 39 -20.86 -29.81 -4.13
N ARG D 40 -20.57 -30.97 -3.52
CA ARG D 40 -19.26 -31.68 -3.58
C ARG D 40 -18.91 -32.00 -5.04
N SER D 41 -19.93 -32.11 -5.90
CA SER D 41 -19.81 -32.39 -7.35
C SER D 41 -19.12 -31.23 -8.08
N GLU D 42 -19.49 -29.99 -7.73
CA GLU D 42 -19.01 -28.74 -8.41
C GLU D 42 -17.67 -28.29 -7.82
N LEU D 43 -17.45 -28.51 -6.51
CA LEU D 43 -16.19 -28.13 -5.80
C LEU D 43 -15.89 -29.17 -4.71
N ARG D 44 -14.60 -29.47 -4.51
CA ARG D 44 -14.04 -30.21 -3.35
C ARG D 44 -12.78 -29.50 -2.87
N LEU D 45 -12.87 -28.72 -1.78
CA LEU D 45 -11.76 -27.89 -1.24
C LEU D 45 -10.49 -28.73 -1.10
N ASP D 46 -10.62 -30.01 -0.71
CA ASP D 46 -9.49 -30.88 -0.33
C ASP D 46 -8.77 -31.41 -1.59
N LEU D 47 -9.37 -31.27 -2.77
CA LEU D 47 -8.76 -31.72 -4.06
C LEU D 47 -8.24 -30.51 -4.87
N VAL D 48 -8.56 -29.28 -4.45
CA VAL D 48 -8.24 -28.04 -5.21
C VAL D 48 -7.14 -27.25 -4.50
N LEU D 49 -7.31 -26.95 -3.21
CA LEU D 49 -6.49 -25.94 -2.48
C LEU D 49 -5.06 -26.44 -2.23
N PRO D 50 -4.82 -27.76 -2.02
CA PRO D 50 -3.45 -28.26 -1.82
C PRO D 50 -2.81 -28.94 -3.05
N SER D 51 -3.46 -28.87 -4.21
CA SER D 51 -3.13 -29.67 -5.42
C SER D 51 -2.28 -28.84 -6.41
N GLY D 52 -1.43 -27.96 -5.90
CA GLY D 52 -0.36 -27.28 -6.68
C GLY D 52 -0.85 -26.18 -7.60
N GLN D 53 -2.09 -25.70 -7.45
CA GLN D 53 -2.56 -24.47 -8.15
C GLN D 53 -2.10 -23.26 -7.34
N SER D 54 -2.62 -23.10 -6.12
CA SER D 54 -2.18 -22.10 -5.11
C SER D 54 -1.39 -22.81 -4.01
N PHE D 55 -0.35 -22.14 -3.47
CA PHE D 55 0.53 -22.64 -2.39
C PHE D 55 0.29 -21.86 -1.09
N ARG D 56 -0.84 -21.14 -1.02
CA ARG D 56 -1.14 -20.13 0.03
C ARG D 56 -2.27 -20.62 0.95
N TRP D 57 -2.64 -21.89 0.86
CA TRP D 57 -3.71 -22.50 1.69
C TRP D 57 -3.11 -23.57 2.61
N ARG D 58 -3.52 -23.55 3.88
CA ARG D 58 -3.14 -24.53 4.93
C ARG D 58 -4.43 -25.06 5.56
N GLU D 59 -4.55 -26.38 5.71
CA GLU D 59 -5.57 -27.01 6.59
C GLU D 59 -5.09 -26.82 8.04
N GLN D 60 -5.36 -25.64 8.63
CA GLN D 60 -4.92 -25.27 9.99
C GLN D 60 -5.78 -25.99 11.03
N SER D 61 -6.97 -26.45 10.63
CA SER D 61 -7.85 -27.39 11.37
C SER D 61 -8.44 -28.39 10.38
N PRO D 62 -8.75 -29.63 10.81
CA PRO D 62 -9.35 -30.63 9.90
C PRO D 62 -10.54 -30.09 9.08
N ALA D 63 -10.48 -30.25 7.75
CA ALA D 63 -11.51 -29.83 6.76
C ALA D 63 -11.71 -28.31 6.78
N HIS D 64 -10.77 -27.56 7.34
CA HIS D 64 -10.82 -26.08 7.46
C HIS D 64 -9.56 -25.48 6.80
N TRP D 65 -9.77 -24.76 5.69
CA TRP D 65 -8.70 -24.28 4.79
C TRP D 65 -8.53 -22.78 4.96
N SER D 66 -7.36 -22.34 5.45
CA SER D 66 -7.06 -20.92 5.73
C SER D 66 -5.95 -20.42 4.82
N GLY D 67 -6.10 -19.20 4.32
CA GLY D 67 -5.16 -18.59 3.37
C GLY D 67 -5.62 -17.22 2.96
N VAL D 68 -4.79 -16.53 2.19
CA VAL D 68 -5.03 -15.11 1.80
C VAL D 68 -5.70 -15.11 0.44
N LEU D 69 -6.90 -14.54 0.39
CA LEU D 69 -7.74 -14.39 -0.81
C LEU D 69 -8.18 -12.94 -0.89
N ALA D 70 -7.69 -12.20 -1.90
CA ALA D 70 -8.01 -10.78 -2.12
C ALA D 70 -7.65 -9.98 -0.86
N ASP D 71 -6.38 -10.02 -0.45
CA ASP D 71 -5.76 -9.13 0.57
C ASP D 71 -6.48 -9.23 1.93
N GLN D 72 -7.19 -10.32 2.18
CA GLN D 72 -7.75 -10.65 3.51
C GLN D 72 -7.53 -12.14 3.77
N VAL D 73 -7.49 -12.53 5.04
CA VAL D 73 -7.41 -13.95 5.43
C VAL D 73 -8.85 -14.47 5.44
N TRP D 74 -9.03 -15.68 4.91
CA TRP D 74 -10.31 -16.41 4.87
C TRP D 74 -10.06 -17.82 5.40
N THR D 75 -11.07 -18.42 6.02
CA THR D 75 -11.13 -19.87 6.27
C THR D 75 -12.34 -20.41 5.53
N LEU D 76 -12.17 -21.53 4.84
CA LEU D 76 -13.22 -22.16 4.01
C LEU D 76 -13.40 -23.59 4.50
N THR D 77 -14.64 -24.05 4.56
CA THR D 77 -14.99 -25.46 4.82
C THR D 77 -16.31 -25.70 4.12
N GLN D 78 -16.69 -26.96 3.90
CA GLN D 78 -17.91 -27.30 3.13
C GLN D 78 -18.64 -28.47 3.80
N THR D 79 -19.96 -28.53 3.61
CA THR D 79 -20.83 -29.67 3.98
C THR D 79 -21.21 -30.35 2.67
N GLU D 80 -22.30 -31.12 2.63
CA GLU D 80 -22.69 -31.85 1.40
C GLU D 80 -23.00 -30.83 0.30
N GLU D 81 -23.81 -29.81 0.59
CA GLU D 81 -24.42 -28.93 -0.45
C GLU D 81 -24.01 -27.47 -0.27
N GLN D 82 -23.10 -27.15 0.65
CA GLN D 82 -22.79 -25.73 0.97
C GLN D 82 -21.27 -25.53 1.09
N LEU D 83 -20.77 -24.44 0.49
CA LEU D 83 -19.45 -23.85 0.81
C LEU D 83 -19.65 -22.82 1.92
N HIS D 84 -18.96 -22.99 3.06
CA HIS D 84 -19.01 -22.08 4.24
C HIS D 84 -17.72 -21.26 4.30
N CYS D 85 -17.85 -19.93 4.33
CA CYS D 85 -16.72 -18.97 4.29
C CYS D 85 -16.73 -18.09 5.53
N THR D 86 -15.55 -17.80 6.07
CA THR D 86 -15.35 -16.79 7.14
C THR D 86 -14.15 -15.95 6.75
N VAL D 87 -14.25 -14.64 7.00
CA VAL D 87 -13.20 -13.63 6.67
C VAL D 87 -12.73 -12.97 7.97
N TYR D 88 -11.43 -12.69 8.09
CA TYR D 88 -10.80 -11.98 9.23
C TYR D 88 -10.36 -10.58 8.78
N ARG D 89 -10.95 -9.54 9.39
CA ARG D 89 -10.62 -8.13 9.08
C ARG D 89 -9.56 -7.65 10.09
N LYS D 92 -9.98 -5.36 13.59
CA LYS D 92 -10.25 -4.08 14.29
C LYS D 92 -11.76 -3.92 14.52
N SER D 93 -12.54 -3.96 13.43
CA SER D 93 -14.03 -4.03 13.46
C SER D 93 -14.47 -5.34 14.11
N GLN D 94 -15.72 -5.40 14.59
CA GLN D 94 -16.28 -6.61 15.27
C GLN D 94 -16.30 -7.77 14.27
N ALA D 95 -15.99 -8.98 14.74
CA ALA D 95 -16.11 -10.22 13.94
C ALA D 95 -17.54 -10.33 13.41
N SER D 96 -17.70 -10.53 12.10
CA SER D 96 -19.00 -10.74 11.43
C SER D 96 -18.84 -11.63 10.20
N ARG D 97 -19.94 -12.27 9.80
CA ARG D 97 -20.17 -12.96 8.51
C ARG D 97 -19.54 -12.14 7.37
N PRO D 98 -18.98 -12.78 6.32
CA PRO D 98 -18.67 -12.07 5.08
C PRO D 98 -19.91 -11.43 4.45
N THR D 99 -19.77 -10.21 3.92
CA THR D 99 -20.85 -9.48 3.18
C THR D 99 -21.07 -10.19 1.85
N PRO D 100 -22.21 -9.97 1.17
CA PRO D 100 -22.41 -10.49 -0.19
C PRO D 100 -21.34 -10.04 -1.20
N ASP D 101 -20.86 -8.80 -1.08
CA ASP D 101 -19.80 -8.23 -1.95
C ASP D 101 -18.51 -9.06 -1.78
N GLU D 102 -18.09 -9.27 -0.53
CA GLU D 102 -16.85 -10.02 -0.20
C GLU D 102 -16.96 -11.45 -0.77
N LEU D 103 -18.11 -12.10 -0.60
CA LEU D 103 -18.36 -13.51 -1.04
C LEU D 103 -18.16 -13.64 -2.56
N GLU D 104 -18.38 -12.58 -3.35
CA GLU D 104 -18.16 -12.59 -4.82
C GLU D 104 -16.68 -12.86 -5.10
N ALA D 105 -15.78 -12.28 -4.30
CA ALA D 105 -14.33 -12.58 -4.35
C ALA D 105 -14.13 -14.11 -4.32
N VAL D 106 -14.92 -14.83 -3.51
CA VAL D 106 -14.87 -16.32 -3.39
C VAL D 106 -15.47 -16.95 -4.64
N ARG D 107 -16.69 -16.55 -5.00
CA ARG D 107 -17.39 -17.04 -6.23
C ARG D 107 -16.44 -16.88 -7.44
N LYS D 108 -15.80 -15.71 -7.58
CA LYS D 108 -14.91 -15.39 -8.73
C LYS D 108 -13.62 -16.23 -8.64
N TYR D 109 -13.15 -16.55 -7.43
CA TYR D 109 -11.89 -17.32 -7.18
C TYR D 109 -12.05 -18.78 -7.63
N PHE D 110 -13.21 -19.38 -7.34
CA PHE D 110 -13.55 -20.79 -7.69
C PHE D 110 -14.30 -20.83 -9.03
N GLN D 111 -14.52 -19.67 -9.67
CA GLN D 111 -15.16 -19.51 -11.01
C GLN D 111 -16.52 -20.21 -11.05
N LEU D 112 -17.26 -20.21 -9.94
CA LEU D 112 -18.47 -21.06 -9.75
C LEU D 112 -19.46 -20.86 -10.90
N ASP D 113 -19.42 -19.70 -11.58
CA ASP D 113 -20.21 -19.41 -12.82
C ASP D 113 -20.04 -20.55 -13.83
N VAL D 114 -18.81 -21.03 -14.04
CA VAL D 114 -18.47 -22.16 -14.96
C VAL D 114 -18.90 -23.47 -14.30
N THR D 115 -20.04 -24.03 -14.71
CA THR D 115 -20.64 -25.26 -14.12
C THR D 115 -19.81 -26.48 -14.53
N LEU D 116 -19.14 -27.11 -13.57
CA LEU D 116 -18.20 -28.25 -13.77
C LEU D 116 -18.94 -29.49 -14.30
N ALA D 117 -20.28 -29.50 -14.23
CA ALA D 117 -21.14 -30.65 -14.59
C ALA D 117 -20.97 -31.00 -16.08
N GLN D 118 -21.36 -30.07 -16.95
CA GLN D 118 -21.21 -30.18 -18.43
C GLN D 118 -19.81 -30.68 -18.78
N LEU D 119 -18.77 -29.95 -18.34
CA LEU D 119 -17.35 -30.23 -18.70
C LEU D 119 -16.96 -31.65 -18.28
N TYR D 120 -17.39 -32.13 -17.11
CA TYR D 120 -17.13 -33.50 -16.63
C TYR D 120 -17.81 -34.52 -17.55
N HIS D 121 -18.94 -34.14 -18.18
CA HIS D 121 -19.65 -34.94 -19.21
C HIS D 121 -18.82 -34.95 -20.51
N HIS D 122 -18.56 -33.76 -21.08
CA HIS D 122 -17.83 -33.54 -22.36
C HIS D 122 -16.46 -34.24 -22.34
N TRP D 123 -15.78 -34.23 -21.20
CA TRP D 123 -14.48 -34.93 -21.00
C TRP D 123 -14.71 -36.45 -20.87
N GLY D 124 -15.82 -36.85 -20.25
CA GLY D 124 -16.21 -38.27 -20.07
C GLY D 124 -16.49 -38.96 -21.40
N SER D 125 -17.32 -38.34 -22.25
CA SER D 125 -17.78 -38.84 -23.57
C SER D 125 -16.59 -39.00 -24.53
N VAL D 126 -15.74 -37.97 -24.67
CA VAL D 126 -14.61 -37.92 -25.65
C VAL D 126 -13.40 -38.69 -25.12
N ASP D 127 -13.45 -39.19 -23.87
CA ASP D 127 -12.35 -40.00 -23.27
C ASP D 127 -12.95 -40.90 -22.19
N SER D 128 -12.78 -42.21 -22.34
CA SER D 128 -13.30 -43.26 -21.42
C SER D 128 -12.48 -43.25 -20.13
N HIS D 129 -11.14 -43.31 -20.22
CA HIS D 129 -10.20 -43.36 -19.07
C HIS D 129 -10.38 -42.15 -18.15
N PHE D 130 -10.80 -41.00 -18.69
CA PHE D 130 -11.10 -39.76 -17.91
C PHE D 130 -12.28 -40.03 -16.96
N GLN D 131 -13.35 -40.63 -17.49
CA GLN D 131 -14.59 -40.93 -16.71
C GLN D 131 -14.26 -41.83 -15.51
N GLU D 132 -13.37 -42.82 -15.70
CA GLU D 132 -12.91 -43.74 -14.63
C GLU D 132 -12.34 -42.93 -13.46
N VAL D 133 -11.59 -41.85 -13.75
CA VAL D 133 -10.94 -40.96 -12.74
C VAL D 133 -11.99 -39.98 -12.21
N ALA D 134 -12.81 -39.41 -13.11
CA ALA D 134 -13.89 -38.43 -12.83
C ALA D 134 -14.86 -38.99 -11.78
N GLN D 135 -15.11 -40.30 -11.80
CA GLN D 135 -15.98 -41.00 -10.80
C GLN D 135 -15.46 -40.72 -9.39
N LYS D 136 -14.14 -40.90 -9.17
CA LYS D 136 -13.52 -40.84 -7.82
C LYS D 136 -13.08 -39.41 -7.44
N PHE D 137 -12.84 -38.52 -8.41
CA PHE D 137 -12.28 -37.17 -8.17
C PHE D 137 -13.19 -36.09 -8.77
N GLN D 138 -14.39 -35.97 -8.19
CA GLN D 138 -15.42 -34.93 -8.51
C GLN D 138 -14.98 -33.60 -7.90
N GLY D 139 -15.50 -32.49 -8.43
CA GLY D 139 -15.36 -31.13 -7.89
C GLY D 139 -13.94 -30.57 -8.03
N VAL D 140 -13.12 -31.08 -8.94
CA VAL D 140 -11.77 -30.49 -9.21
C VAL D 140 -11.98 -29.33 -10.17
N ARG D 141 -11.92 -28.12 -9.64
CA ARG D 141 -12.11 -26.86 -10.40
C ARG D 141 -10.73 -26.22 -10.62
N LEU D 142 -10.68 -25.26 -11.53
CA LEU D 142 -9.49 -24.43 -11.74
C LEU D 142 -9.73 -23.07 -11.08
N LEU D 143 -8.86 -22.69 -10.15
CA LEU D 143 -8.91 -21.38 -9.45
C LEU D 143 -8.61 -20.27 -10.47
N ARG D 144 -9.31 -19.14 -10.38
CA ARG D 144 -8.95 -17.87 -11.06
C ARG D 144 -8.08 -17.07 -10.09
N GLN D 145 -6.76 -17.23 -10.23
CA GLN D 145 -5.76 -16.62 -9.32
C GLN D 145 -5.43 -15.21 -9.81
N ASP D 146 -4.92 -14.39 -8.90
CA ASP D 146 -4.26 -13.11 -9.22
C ASP D 146 -3.05 -13.40 -10.11
N PRO D 147 -2.83 -12.63 -11.20
CA PRO D 147 -1.71 -12.88 -12.10
C PRO D 147 -0.33 -12.74 -11.45
N ILE D 148 -0.16 -11.73 -10.59
CA ILE D 148 1.17 -11.47 -9.94
C ILE D 148 1.48 -12.63 -9.01
N GLU D 149 0.55 -12.95 -8.10
CA GLU D 149 0.69 -14.10 -7.18
C GLU D 149 1.04 -15.33 -8.01
N CYS D 150 0.29 -15.58 -9.09
CA CYS D 150 0.43 -16.78 -9.94
C CYS D 150 1.81 -16.79 -10.62
N LEU D 151 2.18 -15.67 -11.26
CA LEU D 151 3.49 -15.52 -11.95
C LEU D 151 4.64 -15.85 -10.99
N PHE D 152 4.72 -15.16 -9.86
CA PHE D 152 5.91 -15.24 -8.98
C PHE D 152 5.88 -16.58 -8.24
N SER D 153 4.70 -17.11 -7.92
CA SER D 153 4.56 -18.46 -7.33
C SER D 153 5.13 -19.51 -8.30
N PHE D 154 4.83 -19.42 -9.59
CA PHE D 154 5.26 -20.45 -10.56
C PHE D 154 6.72 -20.21 -10.99
N ILE D 155 7.26 -19.00 -10.85
CA ILE D 155 8.74 -18.80 -10.90
C ILE D 155 9.39 -19.60 -9.75
N CYS D 156 8.76 -19.65 -8.57
CA CYS D 156 9.29 -20.40 -7.39
C CYS D 156 9.11 -21.91 -7.60
N SER D 157 8.40 -22.36 -8.65
CA SER D 157 7.98 -23.77 -8.85
C SER D 157 8.98 -24.61 -9.66
N SER D 158 9.99 -24.01 -10.31
CA SER D 158 10.92 -24.76 -11.20
C SER D 158 11.78 -25.72 -10.38
N ASN D 159 11.81 -27.00 -10.76
CA ASN D 159 12.70 -28.05 -10.20
C ASN D 159 12.50 -28.12 -8.69
N ASN D 160 11.26 -28.30 -8.25
CA ASN D 160 10.85 -28.12 -6.84
C ASN D 160 9.59 -28.94 -6.61
N ASN D 161 9.46 -29.58 -5.45
CA ASN D 161 8.26 -30.35 -5.07
C ASN D 161 7.29 -29.39 -4.34
N ILE D 162 6.02 -29.79 -4.25
CA ILE D 162 4.89 -28.99 -3.70
C ILE D 162 5.28 -28.36 -2.35
N ALA D 163 5.94 -29.12 -1.47
CA ALA D 163 6.27 -28.71 -0.08
C ALA D 163 7.27 -27.55 -0.09
N ARG D 164 8.32 -27.65 -0.91
CA ARG D 164 9.42 -26.67 -0.94
C ARG D 164 8.96 -25.39 -1.67
N ILE D 165 8.07 -25.52 -2.66
CA ILE D 165 7.45 -24.35 -3.34
C ILE D 165 6.68 -23.56 -2.27
N THR D 166 5.77 -24.23 -1.57
CA THR D 166 4.94 -23.67 -0.47
C THR D 166 5.83 -22.91 0.52
N GLY D 167 6.99 -23.47 0.87
CA GLY D 167 7.94 -22.88 1.85
C GLY D 167 8.60 -21.63 1.30
N MET D 168 9.08 -21.67 0.06
CA MET D 168 9.71 -20.51 -0.64
C MET D 168 8.72 -19.37 -0.81
N VAL D 169 7.47 -19.66 -1.15
CA VAL D 169 6.41 -18.63 -1.35
C VAL D 169 6.12 -17.95 -0.01
N GLU D 170 6.02 -18.72 1.07
CA GLU D 170 5.73 -18.19 2.44
C GLU D 170 6.83 -17.20 2.84
N ARG D 171 8.09 -17.57 2.63
CA ARG D 171 9.27 -16.74 3.01
C ARG D 171 9.29 -15.48 2.12
N LEU D 172 9.04 -15.62 0.81
CA LEU D 172 8.89 -14.49 -0.13
C LEU D 172 7.88 -13.48 0.43
N CYS D 173 6.68 -13.97 0.78
CA CYS D 173 5.52 -13.17 1.26
C CYS D 173 5.88 -12.54 2.62
N GLN D 174 6.50 -13.32 3.50
CA GLN D 174 6.96 -12.86 4.83
C GLN D 174 7.89 -11.66 4.67
N ALA D 175 8.89 -11.77 3.79
CA ALA D 175 9.98 -10.77 3.59
C ALA D 175 9.46 -9.49 2.91
N PHE D 176 8.57 -9.60 1.91
CA PHE D 176 8.28 -8.47 1.00
C PHE D 176 6.79 -8.15 0.91
N GLY D 177 5.91 -8.92 1.55
CA GLY D 177 4.45 -8.70 1.56
C GLY D 177 4.02 -8.00 2.83
N PRO D 178 2.93 -7.21 2.81
CA PRO D 178 2.40 -6.58 4.02
C PRO D 178 1.82 -7.63 4.99
N ARG D 179 2.22 -7.55 6.25
CA ARG D 179 1.61 -8.27 7.39
C ARG D 179 0.12 -7.90 7.40
N LEU D 180 -0.78 -8.88 7.34
CA LEU D 180 -2.25 -8.64 7.36
C LEU D 180 -2.79 -8.80 8.77
N ILE D 181 -2.55 -9.96 9.37
CA ILE D 181 -3.14 -10.38 10.68
C ILE D 181 -2.33 -11.57 11.19
N GLN D 182 -2.42 -11.86 12.48
CA GLN D 182 -1.90 -13.10 13.11
C GLN D 182 -3.06 -13.89 13.71
N LEU D 183 -3.13 -15.19 13.44
CA LEU D 183 -4.11 -16.13 14.04
C LEU D 183 -3.34 -17.31 14.62
N ASP D 184 -3.39 -17.48 15.95
CA ASP D 184 -2.48 -18.39 16.71
C ASP D 184 -1.06 -17.85 16.50
N ASP D 185 -0.12 -18.66 16.03
CA ASP D 185 1.29 -18.23 15.79
C ASP D 185 1.57 -18.15 14.28
N VAL D 186 0.52 -18.06 13.45
CA VAL D 186 0.66 -17.91 11.97
C VAL D 186 0.40 -16.44 11.61
N THR D 187 1.44 -15.72 11.20
CA THR D 187 1.37 -14.33 10.65
C THR D 187 1.17 -14.40 9.14
N TYR D 188 0.05 -13.86 8.66
CA TYR D 188 -0.35 -13.85 7.23
C TYR D 188 0.14 -12.57 6.57
N HIS D 189 0.75 -12.70 5.39
CA HIS D 189 1.20 -11.57 4.54
C HIS D 189 0.41 -11.56 3.23
N GLY D 190 0.08 -10.38 2.73
CA GLY D 190 -0.40 -10.24 1.34
C GLY D 190 0.71 -10.63 0.38
N PHE D 191 0.36 -10.94 -0.87
CA PHE D 191 1.39 -11.24 -1.88
C PHE D 191 2.16 -9.95 -2.15
N PRO D 192 3.51 -9.96 -2.26
CA PRO D 192 4.25 -8.74 -2.56
C PRO D 192 3.79 -8.06 -3.86
N SER D 193 3.89 -6.73 -3.89
CA SER D 193 3.67 -5.88 -5.10
C SER D 193 4.89 -5.96 -6.03
N LEU D 194 4.73 -5.60 -7.30
CA LEU D 194 5.85 -5.46 -8.27
C LEU D 194 6.94 -4.55 -7.69
N GLN D 195 6.50 -3.46 -7.05
CA GLN D 195 7.35 -2.42 -6.42
C GLN D 195 8.29 -3.08 -5.40
N ALA D 196 7.73 -3.87 -4.47
CA ALA D 196 8.47 -4.58 -3.40
C ALA D 196 9.50 -5.55 -4.01
N LEU D 197 9.15 -6.26 -5.09
CA LEU D 197 10.01 -7.34 -5.65
C LEU D 197 11.08 -6.76 -6.58
N ALA D 198 10.95 -5.50 -7.01
CA ALA D 198 11.84 -4.86 -8.01
C ALA D 198 13.07 -4.21 -7.35
N GLY D 199 13.09 -4.08 -6.02
CA GLY D 199 14.20 -3.47 -5.26
C GLY D 199 15.56 -4.07 -5.63
N PRO D 200 16.67 -3.31 -5.56
CA PRO D 200 18.01 -3.86 -5.84
C PRO D 200 18.59 -4.78 -4.73
N GLU D 201 17.91 -4.88 -3.58
CA GLU D 201 18.30 -5.75 -2.44
C GLU D 201 17.52 -7.08 -2.46
N VAL D 202 16.53 -7.21 -3.35
CA VAL D 202 15.50 -8.30 -3.27
C VAL D 202 16.19 -9.62 -3.56
N GLU D 203 16.97 -9.68 -4.64
CA GLU D 203 17.66 -10.89 -5.12
C GLU D 203 18.53 -11.47 -4.01
N ALA D 204 19.38 -10.64 -3.39
CA ALA D 204 20.32 -11.07 -2.31
C ALA D 204 19.52 -11.64 -1.14
N HIS D 205 18.49 -10.94 -0.64
CA HIS D 205 17.65 -11.41 0.48
C HIS D 205 16.94 -12.73 0.12
N LEU D 206 16.49 -12.90 -1.13
CA LEU D 206 15.73 -14.10 -1.55
C LEU D 206 16.69 -15.31 -1.61
N ARG D 207 17.96 -15.11 -1.96
CA ARG D 207 19.00 -16.19 -1.96
C ARG D 207 19.23 -16.63 -0.50
N LYS D 208 19.26 -15.70 0.44
CA LYS D 208 19.38 -15.98 1.89
C LYS D 208 18.18 -16.81 2.37
N LEU D 209 17.01 -16.68 1.73
CA LEU D 209 15.78 -17.44 2.08
C LEU D 209 15.69 -18.75 1.28
N GLY D 210 16.75 -19.11 0.55
CA GLY D 210 16.89 -20.43 -0.11
C GLY D 210 16.14 -20.55 -1.42
N LEU D 211 15.81 -19.43 -2.10
CA LEU D 211 15.17 -19.47 -3.44
C LEU D 211 16.21 -19.81 -4.50
N GLY D 212 17.50 -19.69 -4.17
CA GLY D 212 18.61 -19.98 -5.09
C GLY D 212 18.54 -19.15 -6.35
N TYR D 213 18.68 -19.77 -7.52
CA TYR D 213 18.66 -19.13 -8.86
C TYR D 213 17.31 -18.43 -9.11
N ARG D 214 16.23 -18.91 -8.48
CA ARG D 214 14.86 -18.35 -8.65
C ARG D 214 14.81 -16.92 -8.10
N ALA D 215 15.70 -16.56 -7.17
CA ALA D 215 15.84 -15.20 -6.60
C ALA D 215 16.05 -14.17 -7.73
N ARG D 216 16.94 -14.45 -8.68
CA ARG D 216 17.27 -13.51 -9.80
C ARG D 216 16.04 -13.37 -10.71
N TYR D 217 15.32 -14.47 -10.95
CA TYR D 217 14.12 -14.51 -11.82
C TYR D 217 13.05 -13.60 -11.21
N VAL D 218 12.82 -13.72 -9.90
CA VAL D 218 11.77 -12.93 -9.18
C VAL D 218 12.11 -11.44 -9.36
N SER D 219 13.30 -11.01 -8.95
CA SER D 219 13.68 -9.58 -8.98
C SER D 219 13.70 -9.07 -10.43
N ALA D 220 14.30 -9.83 -11.36
CA ALA D 220 14.49 -9.42 -12.77
C ALA D 220 13.14 -9.29 -13.48
N SER D 221 12.18 -10.19 -13.18
CA SER D 221 10.81 -10.18 -13.75
C SER D 221 9.97 -9.03 -13.15
N ALA D 222 10.12 -8.72 -11.86
CA ALA D 222 9.39 -7.60 -11.22
C ALA D 222 9.79 -6.31 -11.96
N ARG D 223 11.09 -6.16 -12.21
CA ARG D 223 11.71 -4.95 -12.83
C ARG D 223 11.28 -4.84 -14.30
N ALA D 224 11.31 -5.94 -15.05
CA ALA D 224 10.86 -6.02 -16.46
C ALA D 224 9.39 -5.59 -16.57
N ILE D 225 8.51 -6.15 -15.72
CA ILE D 225 7.05 -5.84 -15.75
C ILE D 225 6.84 -4.36 -15.45
N LEU D 226 7.50 -3.85 -14.41
CA LEU D 226 7.25 -2.48 -13.89
C LEU D 226 7.90 -1.43 -14.79
N GLU D 227 9.09 -1.69 -15.33
CA GLU D 227 9.90 -0.70 -16.08
C GLU D 227 9.66 -0.81 -17.60
N GLU D 228 9.53 -2.03 -18.14
CA GLU D 228 9.49 -2.29 -19.61
C GLU D 228 8.05 -2.50 -20.12
N GLN D 229 7.13 -3.06 -19.31
CA GLN D 229 5.83 -3.60 -19.81
C GLN D 229 4.61 -2.80 -19.31
N GLY D 230 4.79 -1.91 -18.33
CA GLY D 230 3.76 -0.96 -17.86
C GLY D 230 2.99 -1.46 -16.65
N GLY D 231 3.60 -2.33 -15.81
CA GLY D 231 3.00 -2.78 -14.56
C GLY D 231 1.82 -3.70 -14.76
N LEU D 232 0.87 -3.69 -13.83
CA LEU D 232 -0.28 -4.63 -13.74
C LEU D 232 -1.13 -4.59 -15.02
N ALA D 233 -1.23 -3.41 -15.64
CA ALA D 233 -2.02 -3.15 -16.87
C ALA D 233 -1.66 -4.19 -17.95
N TRP D 234 -0.38 -4.58 -18.03
CA TRP D 234 0.15 -5.58 -19.00
C TRP D 234 -0.57 -6.93 -18.81
N LEU D 235 -0.66 -7.42 -17.56
CA LEU D 235 -1.26 -8.76 -17.30
C LEU D 235 -2.77 -8.69 -17.54
N GLN D 236 -3.37 -7.50 -17.39
CA GLN D 236 -4.80 -7.27 -17.75
C GLN D 236 -4.92 -7.31 -19.29
N GLN D 237 -3.95 -6.73 -20.00
CA GLN D 237 -3.90 -6.75 -21.49
C GLN D 237 -3.80 -8.20 -21.97
N LEU D 238 -2.95 -9.01 -21.33
CA LEU D 238 -2.75 -10.44 -21.72
C LEU D 238 -4.02 -11.25 -21.43
N ARG D 239 -4.74 -10.93 -20.35
CA ARG D 239 -6.07 -11.50 -20.03
C ARG D 239 -7.02 -11.29 -21.23
N GLU D 240 -6.94 -10.13 -21.89
CA GLU D 240 -7.83 -9.73 -23.03
C GLU D 240 -7.23 -10.17 -24.37
N SER D 241 -6.01 -10.71 -24.36
CA SER D 241 -5.29 -11.23 -25.56
C SER D 241 -5.68 -12.68 -25.81
N SER D 242 -5.39 -13.17 -27.00
CA SER D 242 -5.46 -14.61 -27.35
C SER D 242 -4.48 -15.38 -26.47
N TYR D 243 -4.73 -16.67 -26.27
CA TYR D 243 -3.81 -17.64 -25.64
C TYR D 243 -2.41 -17.52 -26.25
N GLU D 244 -2.29 -17.59 -27.58
CA GLU D 244 -0.99 -17.59 -28.32
C GLU D 244 -0.18 -16.31 -27.99
N GLU D 245 -0.81 -15.13 -28.10
CA GLU D 245 -0.19 -13.81 -27.79
C GLU D 245 0.27 -13.81 -26.32
N ALA D 246 -0.63 -14.18 -25.40
CA ALA D 246 -0.41 -14.13 -23.94
C ALA D 246 0.82 -14.97 -23.60
N HIS D 247 0.82 -16.24 -24.02
CA HIS D 247 1.90 -17.22 -23.76
C HIS D 247 3.25 -16.72 -24.29
N LYS D 248 3.25 -16.16 -25.50
CA LYS D 248 4.48 -15.65 -26.16
C LYS D 248 5.02 -14.46 -25.35
N ALA D 249 4.13 -13.57 -24.90
CA ALA D 249 4.47 -12.34 -24.15
C ALA D 249 5.09 -12.71 -22.79
N LEU D 250 4.51 -13.68 -22.06
CA LEU D 250 5.01 -14.12 -20.74
C LEU D 250 6.45 -14.65 -20.87
N CYS D 251 6.75 -15.38 -21.95
CA CYS D 251 8.06 -16.06 -22.16
C CYS D 251 9.22 -15.04 -22.34
N ILE D 252 8.97 -13.74 -22.45
CA ILE D 252 10.06 -12.71 -22.50
C ILE D 252 10.66 -12.53 -21.09
N LEU D 253 9.95 -12.97 -20.04
CA LEU D 253 10.32 -12.74 -18.62
C LEU D 253 11.37 -13.76 -18.17
N PRO D 254 12.44 -13.31 -17.46
CA PRO D 254 13.43 -14.24 -16.89
C PRO D 254 12.78 -15.26 -15.96
N GLY D 255 13.05 -16.55 -16.18
CA GLY D 255 12.50 -17.65 -15.36
C GLY D 255 11.16 -18.13 -15.86
N VAL D 256 10.62 -17.53 -16.90
CA VAL D 256 9.27 -17.88 -17.45
C VAL D 256 9.49 -18.59 -18.78
N GLY D 257 9.40 -19.92 -18.77
CA GLY D 257 9.43 -20.80 -19.95
C GLY D 257 8.04 -21.35 -20.27
N THR D 258 7.98 -22.34 -21.15
CA THR D 258 6.72 -22.90 -21.72
C THR D 258 5.76 -23.29 -20.59
N LYS D 259 6.26 -24.09 -19.64
CA LYS D 259 5.51 -24.66 -18.49
C LYS D 259 4.91 -23.54 -17.63
N VAL D 260 5.73 -22.58 -17.23
CA VAL D 260 5.32 -21.46 -16.31
C VAL D 260 4.34 -20.57 -17.07
N ALA D 261 4.69 -20.13 -18.28
CA ALA D 261 3.80 -19.31 -19.14
C ALA D 261 2.44 -19.99 -19.22
N ASP D 262 2.41 -21.32 -19.45
CA ASP D 262 1.14 -22.07 -19.62
C ASP D 262 0.37 -22.10 -18.30
N CYS D 263 1.03 -22.32 -17.17
CA CYS D 263 0.39 -22.29 -15.82
C CYS D 263 -0.30 -20.95 -15.61
N ILE D 264 0.42 -19.85 -15.88
CA ILE D 264 -0.09 -18.47 -15.74
C ILE D 264 -1.29 -18.30 -16.70
N CYS D 265 -1.15 -18.69 -17.97
CA CYS D 265 -2.24 -18.58 -18.98
C CYS D 265 -3.51 -19.27 -18.46
N LEU D 266 -3.37 -20.49 -17.96
CA LEU D 266 -4.50 -21.36 -17.48
C LEU D 266 -5.12 -20.81 -16.19
N MET D 267 -4.28 -20.40 -15.24
CA MET D 267 -4.69 -20.20 -13.83
C MET D 267 -4.97 -18.73 -13.51
N ALA D 268 -4.47 -17.78 -14.31
CA ALA D 268 -4.60 -16.34 -14.04
C ALA D 268 -5.09 -15.52 -15.25
N LEU D 269 -4.92 -16.00 -16.49
CA LEU D 269 -5.22 -15.19 -17.71
C LEU D 269 -6.38 -15.81 -18.50
N ASP D 270 -7.13 -16.73 -17.90
CA ASP D 270 -8.42 -17.25 -18.44
C ASP D 270 -8.20 -17.85 -19.84
N LYS D 271 -7.12 -18.62 -20.01
CA LYS D 271 -6.86 -19.45 -21.23
C LYS D 271 -7.07 -20.92 -20.86
N PRO D 272 -8.34 -21.39 -20.81
CA PRO D 272 -8.63 -22.74 -20.31
C PRO D 272 -8.07 -23.85 -21.21
N GLN D 273 -7.71 -23.54 -22.46
CA GLN D 273 -7.15 -24.51 -23.44
C GLN D 273 -5.65 -24.69 -23.21
N ALA D 274 -5.03 -23.81 -22.40
CA ALA D 274 -3.60 -23.91 -22.02
C ALA D 274 -3.38 -25.20 -21.23
N VAL D 275 -2.40 -26.00 -21.65
CA VAL D 275 -2.05 -27.32 -21.04
C VAL D 275 -0.58 -27.30 -20.65
N PRO D 276 -0.25 -26.98 -19.37
CA PRO D 276 1.13 -26.94 -18.90
C PRO D 276 1.78 -28.34 -18.87
N VAL D 277 2.79 -28.56 -19.71
CA VAL D 277 3.45 -29.89 -19.88
C VAL D 277 4.84 -29.84 -19.26
N ASP D 278 5.12 -30.74 -18.32
CA ASP D 278 6.49 -31.08 -17.84
C ASP D 278 6.53 -32.57 -17.50
N VAL D 279 7.59 -33.02 -16.81
CA VAL D 279 7.83 -34.45 -16.43
C VAL D 279 6.55 -35.06 -15.84
N HIS D 280 5.87 -34.32 -14.95
CA HIS D 280 4.68 -34.78 -14.17
C HIS D 280 3.53 -35.15 -15.12
N MET D 281 3.39 -34.42 -16.23
CA MET D 281 2.38 -34.71 -17.27
C MET D 281 2.95 -35.73 -18.28
N TRP D 282 4.28 -35.86 -18.34
CA TRP D 282 4.99 -36.83 -19.23
C TRP D 282 4.85 -38.25 -18.66
N HIS D 283 4.90 -38.38 -17.32
CA HIS D 283 4.66 -39.66 -16.58
C HIS D 283 3.20 -40.11 -16.78
N ILE D 284 2.25 -39.17 -16.77
CA ILE D 284 0.78 -39.42 -16.92
C ILE D 284 0.46 -39.76 -18.39
N ALA D 285 1.27 -39.29 -19.33
CA ALA D 285 1.12 -39.56 -20.78
C ALA D 285 1.58 -40.98 -21.10
N GLN D 286 2.79 -41.34 -20.64
CA GLN D 286 3.44 -42.66 -20.87
C GLN D 286 2.64 -43.77 -20.18
N ARG D 287 2.23 -43.55 -18.92
CA ARG D 287 1.52 -44.56 -18.07
C ARG D 287 0.09 -44.75 -18.57
N ASP D 288 -0.80 -43.77 -18.34
CA ASP D 288 -2.27 -43.93 -18.45
C ASP D 288 -2.74 -43.84 -19.92
N TYR D 289 -1.89 -43.39 -20.84
CA TYR D 289 -2.27 -43.08 -22.26
C TYR D 289 -1.40 -43.85 -23.28
N SER D 290 -0.28 -44.47 -22.84
CA SER D 290 0.63 -45.26 -23.70
C SER D 290 1.07 -44.42 -24.91
N TRP D 291 1.97 -43.46 -24.69
CA TRP D 291 2.41 -42.45 -25.69
C TRP D 291 3.94 -42.39 -25.73
N HIS D 292 4.52 -42.31 -26.93
CA HIS D 292 5.98 -42.28 -27.22
C HIS D 292 6.28 -41.27 -28.32
N PRO D 293 7.33 -40.42 -28.17
CA PRO D 293 7.68 -39.44 -29.21
C PRO D 293 7.99 -40.07 -30.57
N PRO D 301 11.09 -36.56 -22.93
CA PRO D 301 10.37 -35.29 -23.18
C PRO D 301 11.31 -34.09 -23.28
N SER D 302 11.16 -33.30 -24.36
CA SER D 302 11.93 -32.08 -24.70
C SER D 302 10.99 -31.00 -25.24
N PRO D 303 11.45 -29.78 -25.58
CA PRO D 303 10.57 -28.71 -26.04
C PRO D 303 9.61 -29.15 -27.15
N GLN D 304 10.16 -29.79 -28.19
CA GLN D 304 9.42 -30.32 -29.36
C GLN D 304 8.34 -31.29 -28.87
N THR D 305 8.74 -32.25 -28.03
CA THR D 305 7.88 -33.29 -27.41
C THR D 305 6.76 -32.65 -26.58
N ASN D 306 7.12 -31.68 -25.73
CA ASN D 306 6.19 -30.98 -24.80
C ASN D 306 5.06 -30.35 -25.63
N LYS D 307 5.42 -29.68 -26.72
CA LYS D 307 4.47 -29.01 -27.65
C LYS D 307 3.49 -30.04 -28.24
N GLU D 308 3.98 -31.25 -28.56
CA GLU D 308 3.16 -32.36 -29.14
C GLU D 308 2.05 -32.75 -28.15
N LEU D 309 2.44 -33.16 -26.95
CA LEU D 309 1.53 -33.57 -25.84
C LEU D 309 0.39 -32.55 -25.74
N GLY D 310 0.72 -31.27 -25.61
CA GLY D 310 -0.24 -30.17 -25.40
C GLY D 310 -1.25 -30.08 -26.53
N ASN D 311 -0.79 -30.22 -27.78
CA ASN D 311 -1.64 -30.15 -28.99
C ASN D 311 -2.65 -31.32 -28.99
N PHE D 312 -2.22 -32.48 -28.48
CA PHE D 312 -3.04 -33.71 -28.43
C PHE D 312 -4.27 -33.45 -27.55
N PHE D 313 -4.02 -33.12 -26.29
CA PHE D 313 -5.05 -32.95 -25.23
C PHE D 313 -6.03 -31.84 -25.64
N ARG D 314 -5.54 -30.72 -26.21
CA ARG D 314 -6.40 -29.64 -26.76
C ARG D 314 -7.36 -30.19 -27.84
N SER D 315 -6.88 -31.06 -28.73
CA SER D 315 -7.70 -31.71 -29.80
C SER D 315 -8.67 -32.70 -29.15
N LEU D 316 -8.14 -33.57 -28.27
CA LEU D 316 -8.92 -34.55 -27.47
C LEU D 316 -9.97 -33.82 -26.62
N TRP D 317 -9.56 -33.13 -25.55
CA TRP D 317 -10.47 -32.63 -24.48
C TRP D 317 -11.22 -31.36 -24.93
N GLY D 318 -10.66 -30.58 -25.86
CA GLY D 318 -11.34 -29.41 -26.45
C GLY D 318 -10.95 -28.10 -25.75
N PRO D 319 -11.81 -27.05 -25.81
CA PRO D 319 -11.41 -25.69 -25.41
C PRO D 319 -11.17 -25.49 -23.91
N TYR D 320 -11.57 -26.44 -23.05
CA TYR D 320 -11.33 -26.43 -21.58
C TYR D 320 -10.36 -27.55 -21.20
N ALA D 321 -9.41 -27.85 -22.09
CA ALA D 321 -8.41 -28.95 -21.93
C ALA D 321 -7.56 -28.78 -20.65
N GLY D 322 -7.22 -27.55 -20.28
CA GLY D 322 -6.42 -27.25 -19.06
C GLY D 322 -7.14 -27.67 -17.77
N TRP D 323 -8.45 -27.46 -17.69
CA TRP D 323 -9.27 -27.88 -16.51
C TRP D 323 -9.23 -29.40 -16.39
N ALA D 324 -9.45 -30.12 -17.50
CA ALA D 324 -9.32 -31.60 -17.60
C ALA D 324 -7.98 -32.04 -16.99
N GLN D 325 -6.87 -31.40 -17.36
CA GLN D 325 -5.52 -31.79 -16.86
C GLN D 325 -5.52 -31.73 -15.33
N ALA D 326 -6.07 -30.67 -14.74
CA ALA D 326 -6.13 -30.44 -13.28
C ALA D 326 -6.76 -31.65 -12.58
N VAL D 327 -7.86 -32.19 -13.12
CA VAL D 327 -8.61 -33.35 -12.56
C VAL D 327 -7.64 -34.54 -12.42
N LEU D 328 -6.82 -34.78 -13.46
CA LEU D 328 -5.83 -35.90 -13.48
C LEU D 328 -4.66 -35.57 -12.55
N PHE D 329 -4.19 -34.32 -12.55
CA PHE D 329 -3.03 -33.86 -11.72
C PHE D 329 -3.37 -33.98 -10.23
N SER D 330 -4.61 -33.67 -9.85
CA SER D 330 -5.13 -33.72 -8.46
C SER D 330 -5.23 -35.18 -8.01
N ALA D 331 -5.78 -36.06 -8.88
CA ALA D 331 -5.94 -37.52 -8.64
C ALA D 331 -4.58 -38.14 -8.32
N ASP D 332 -3.52 -37.66 -8.99
CA ASP D 332 -2.11 -38.10 -8.81
C ASP D 332 -1.64 -37.78 -7.38
N LEU D 333 -2.31 -36.86 -6.69
CA LEU D 333 -2.02 -36.47 -5.28
C LEU D 333 -3.23 -36.79 -4.40
N MET E 21 12.74 -7.22 17.22
CA MET E 21 11.78 -7.56 16.14
C MET E 21 12.46 -8.42 15.06
N GLY E 22 13.79 -8.35 14.91
CA GLY E 22 14.56 -9.18 13.96
C GLY E 22 15.60 -10.04 14.66
N HIS E 23 15.91 -11.21 14.09
CA HIS E 23 17.04 -12.08 14.50
C HIS E 23 18.34 -11.32 14.31
N ARG E 24 19.24 -11.36 15.30
CA ARG E 24 20.52 -10.63 15.30
C ARG E 24 21.61 -11.51 14.67
N THR E 25 22.61 -10.88 14.06
CA THR E 25 23.88 -11.53 13.64
C THR E 25 25.03 -10.79 14.35
N LEU E 26 26.21 -11.40 14.40
CA LEU E 26 27.43 -10.84 15.05
C LEU E 26 27.87 -9.59 14.27
N ALA E 27 27.77 -9.64 12.94
CA ALA E 27 28.17 -8.54 12.02
C ALA E 27 27.21 -7.36 12.18
N SER E 28 25.90 -7.62 12.25
CA SER E 28 24.80 -6.61 12.21
C SER E 28 24.77 -5.77 13.50
N THR E 29 24.95 -6.38 14.68
CA THR E 29 24.74 -5.72 16.00
C THR E 29 25.81 -6.17 17.00
N PRO E 30 27.11 -5.94 16.70
CA PRO E 30 28.19 -6.50 17.51
C PRO E 30 28.18 -6.11 19.00
N ALA E 31 27.56 -4.99 19.37
CA ALA E 31 27.47 -4.47 20.75
C ALA E 31 26.54 -5.35 21.62
N LEU E 32 25.63 -6.11 21.00
CA LEU E 32 24.59 -6.88 21.74
C LEU E 32 25.06 -8.31 22.06
N TRP E 33 26.34 -8.62 21.80
CA TRP E 33 26.97 -9.95 22.06
C TRP E 33 27.97 -9.87 23.20
N ALA E 34 27.99 -10.90 24.04
CA ALA E 34 29.10 -11.21 24.96
C ALA E 34 29.80 -12.47 24.45
N SER E 35 31.12 -12.55 24.61
CA SER E 35 31.95 -13.70 24.18
C SER E 35 32.34 -14.54 25.39
N ILE E 36 32.52 -15.84 25.18
CA ILE E 36 33.06 -16.82 26.17
C ILE E 36 34.28 -17.46 25.52
N PRO E 37 35.43 -17.57 26.22
CA PRO E 37 36.58 -18.27 25.65
C PRO E 37 36.20 -19.75 25.53
N CYS E 38 36.19 -20.27 24.30
CA CYS E 38 35.78 -21.65 23.97
C CYS E 38 36.30 -22.03 22.59
N PRO E 39 37.37 -22.87 22.50
CA PRO E 39 37.87 -23.34 21.21
C PRO E 39 36.88 -24.32 20.55
N ARG E 40 36.93 -24.44 19.22
CA ARG E 40 36.07 -25.37 18.46
C ARG E 40 36.44 -26.83 18.81
N SER E 41 37.58 -27.05 19.46
CA SER E 41 38.00 -28.36 20.03
C SER E 41 37.15 -28.74 21.25
N GLU E 42 36.61 -27.75 21.97
CA GLU E 42 35.78 -27.99 23.18
C GLU E 42 34.28 -27.98 22.82
N LEU E 43 33.86 -27.23 21.78
CA LEU E 43 32.44 -27.15 21.37
C LEU E 43 32.35 -26.82 19.88
N ARG E 44 31.54 -27.59 19.14
CA ARG E 44 31.07 -27.27 17.78
C ARG E 44 29.55 -27.14 17.84
N LEU E 45 29.01 -25.92 17.77
CA LEU E 45 27.56 -25.65 17.83
C LEU E 45 26.85 -26.52 16.78
N ASP E 46 27.43 -26.65 15.59
CA ASP E 46 26.76 -27.26 14.40
C ASP E 46 26.70 -28.79 14.58
N LEU E 47 27.55 -29.36 15.46
CA LEU E 47 27.59 -30.83 15.76
C LEU E 47 26.88 -31.14 17.08
N VAL E 48 26.21 -30.17 17.69
CA VAL E 48 25.56 -30.34 19.02
C VAL E 48 24.07 -29.95 18.94
N LEU E 49 23.75 -28.74 18.44
CA LEU E 49 22.39 -28.17 18.59
C LEU E 49 21.37 -28.84 17.66
N PRO E 50 21.76 -29.39 16.48
CA PRO E 50 20.83 -30.18 15.67
C PRO E 50 21.03 -31.71 15.71
N SER E 51 21.92 -32.21 16.57
CA SER E 51 22.41 -33.62 16.58
C SER E 51 21.58 -34.48 17.54
N GLY E 52 20.32 -34.13 17.75
CA GLY E 52 19.28 -34.99 18.36
C GLY E 52 19.21 -34.92 19.88
N GLN E 53 19.88 -33.96 20.51
CA GLN E 53 19.83 -33.78 21.98
C GLN E 53 18.63 -32.87 22.28
N SER E 54 18.73 -31.58 21.89
CA SER E 54 17.65 -30.56 21.94
C SER E 54 16.99 -30.46 20.55
N PHE E 55 15.67 -30.24 20.52
CA PHE E 55 14.86 -30.05 19.28
C PHE E 55 14.35 -28.59 19.18
N ARG E 56 14.98 -27.66 19.90
CA ARG E 56 14.45 -26.29 20.13
C ARG E 56 15.36 -25.22 19.52
N TRP E 57 16.38 -25.62 18.76
CA TRP E 57 17.39 -24.73 18.14
C TRP E 57 17.30 -24.81 16.63
N ARG E 58 17.15 -23.65 15.97
CA ARG E 58 17.16 -23.49 14.49
C ARG E 58 18.34 -22.58 14.08
N GLU E 59 19.06 -22.96 13.03
CA GLU E 59 20.06 -22.09 12.36
C GLU E 59 19.28 -21.07 11.50
N GLN E 60 18.64 -20.08 12.12
CA GLN E 60 17.76 -19.06 11.48
C GLN E 60 18.57 -18.16 10.53
N SER E 61 19.90 -18.14 10.68
CA SER E 61 20.87 -17.48 9.76
C SER E 61 22.18 -18.27 9.81
N PRO E 62 22.98 -18.27 8.73
CA PRO E 62 24.24 -19.03 8.70
C PRO E 62 25.11 -18.87 9.95
N ALA E 63 25.43 -20.00 10.60
CA ALA E 63 26.33 -20.14 11.77
C ALA E 63 25.74 -19.46 13.00
N HIS E 64 24.44 -19.15 12.96
CA HIS E 64 23.68 -18.44 14.02
C HIS E 64 22.51 -19.32 14.47
N TRP E 65 22.56 -19.80 15.73
CA TRP E 65 21.57 -20.76 16.28
C TRP E 65 20.69 -20.07 17.32
N SER E 66 19.39 -19.98 17.07
CA SER E 66 18.41 -19.34 17.98
C SER E 66 17.50 -20.39 18.63
N GLY E 67 17.24 -20.22 19.92
CA GLY E 67 16.42 -21.12 20.73
C GLY E 67 16.16 -20.52 22.08
N VAL E 68 15.27 -21.16 22.84
CA VAL E 68 14.87 -20.76 24.21
C VAL E 68 15.80 -21.47 25.20
N LEU E 69 16.42 -20.69 26.08
CA LEU E 69 17.41 -21.15 27.07
C LEU E 69 17.15 -20.40 28.36
N ALA E 70 16.68 -21.10 29.40
CA ALA E 70 16.27 -20.53 30.69
C ALA E 70 15.22 -19.44 30.45
N ASP E 71 14.13 -19.79 29.74
CA ASP E 71 12.88 -18.98 29.60
C ASP E 71 13.14 -17.64 28.90
N GLN E 72 14.19 -17.58 28.08
CA GLN E 72 14.53 -16.39 27.25
C GLN E 72 15.08 -16.89 25.92
N VAL E 73 14.88 -16.13 24.84
CA VAL E 73 15.40 -16.47 23.50
C VAL E 73 16.84 -15.99 23.43
N TRP E 74 17.72 -16.83 22.90
CA TRP E 74 19.15 -16.55 22.69
C TRP E 74 19.45 -16.79 21.22
N THR E 75 20.51 -16.17 20.70
CA THR E 75 21.18 -16.57 19.44
C THR E 75 22.64 -16.81 19.79
N LEU E 76 23.20 -17.93 19.32
CA LEU E 76 24.60 -18.33 19.60
C LEU E 76 25.33 -18.45 18.27
N THR E 77 26.61 -18.12 18.26
CA THR E 77 27.51 -18.25 17.09
C THR E 77 28.93 -18.34 17.65
N GLN E 78 29.88 -18.82 16.84
CA GLN E 78 31.28 -19.01 17.32
C GLN E 78 32.27 -18.68 16.21
N THR E 79 33.44 -18.21 16.64
CA THR E 79 34.70 -18.06 15.84
C THR E 79 35.61 -19.20 16.30
N GLU E 80 36.91 -19.14 15.99
CA GLU E 80 37.86 -20.24 16.24
C GLU E 80 38.10 -20.41 17.76
N GLU E 81 37.99 -19.34 18.54
CA GLU E 81 38.36 -19.36 19.98
C GLU E 81 37.26 -18.79 20.89
N GLN E 82 36.13 -18.34 20.35
CA GLN E 82 35.08 -17.67 21.17
C GLN E 82 33.69 -18.22 20.84
N LEU E 83 32.89 -18.46 21.88
CA LEU E 83 31.42 -18.59 21.76
C LEU E 83 30.84 -17.19 21.97
N HIS E 84 30.01 -16.71 21.04
CA HIS E 84 29.32 -15.40 21.09
C HIS E 84 27.83 -15.62 21.38
N CYS E 85 27.31 -14.93 22.40
CA CYS E 85 25.92 -15.08 22.90
C CYS E 85 25.19 -13.72 22.87
N THR E 86 23.92 -13.74 22.49
CA THR E 86 22.99 -12.59 22.58
C THR E 86 21.65 -13.12 23.12
N VAL E 87 20.96 -12.30 23.90
CA VAL E 87 19.69 -12.67 24.60
C VAL E 87 18.64 -11.60 24.29
N TYR E 88 17.41 -12.01 24.00
CA TYR E 88 16.27 -11.10 23.71
C TYR E 88 15.35 -11.06 24.93
N ARG E 89 15.43 -9.98 25.72
CA ARG E 89 14.65 -9.82 26.98
C ARG E 89 13.21 -9.50 26.60
N GLY E 90 13.00 -8.70 25.56
CA GLY E 90 11.70 -8.48 24.90
C GLY E 90 10.86 -7.43 25.59
N ASP E 91 11.11 -7.18 26.88
CA ASP E 91 10.47 -6.10 27.68
C ASP E 91 10.89 -4.74 27.08
N LYS E 92 10.54 -3.64 27.75
CA LYS E 92 10.87 -2.26 27.30
C LYS E 92 12.33 -1.94 27.60
N SER E 93 13.12 -2.91 28.09
CA SER E 93 14.57 -2.74 28.38
C SER E 93 15.33 -2.54 27.07
N GLN E 94 16.29 -1.63 27.07
CA GLN E 94 17.21 -1.38 25.91
C GLN E 94 17.98 -2.68 25.61
N ALA E 95 18.01 -3.07 24.33
CA ALA E 95 18.90 -4.14 23.83
C ALA E 95 20.28 -3.93 24.44
N SER E 96 20.84 -4.95 25.06
CA SER E 96 22.21 -4.96 25.65
C SER E 96 22.72 -6.39 25.70
N ARG E 97 24.04 -6.57 25.73
CA ARG E 97 24.68 -7.90 25.73
C ARG E 97 24.20 -8.65 26.98
N PRO E 98 24.34 -9.99 27.01
CA PRO E 98 24.05 -10.76 28.22
C PRO E 98 25.01 -10.35 29.35
N THR E 99 24.51 -10.25 30.59
CA THR E 99 25.31 -10.05 31.83
C THR E 99 26.10 -11.32 32.12
N PRO E 100 27.17 -11.25 32.94
CA PRO E 100 27.89 -12.45 33.37
C PRO E 100 27.00 -13.52 34.04
N ASP E 101 26.04 -13.11 34.85
CA ASP E 101 25.04 -14.00 35.51
C ASP E 101 24.21 -14.71 34.43
N GLU E 102 23.72 -13.96 33.44
CA GLU E 102 22.90 -14.54 32.34
C GLU E 102 23.75 -15.53 31.54
N LEU E 103 25.04 -15.23 31.30
CA LEU E 103 25.96 -16.11 30.53
C LEU E 103 26.19 -17.43 31.27
N GLU E 104 26.08 -17.45 32.60
CA GLU E 104 26.25 -18.69 33.39
C GLU E 104 25.29 -19.78 32.86
N ALA E 105 24.04 -19.42 32.50
CA ALA E 105 23.06 -20.34 31.89
C ALA E 105 23.71 -21.06 30.71
N VAL E 106 24.42 -20.32 29.84
CA VAL E 106 25.05 -20.89 28.61
C VAL E 106 26.18 -21.84 29.04
N ARG E 107 27.07 -21.38 29.91
CA ARG E 107 28.17 -22.21 30.47
C ARG E 107 27.62 -23.55 30.99
N LYS E 108 26.56 -23.49 31.80
CA LYS E 108 25.93 -24.67 32.45
C LYS E 108 25.22 -25.54 31.41
N TYR E 109 24.51 -24.95 30.44
CA TYR E 109 23.81 -25.65 29.35
C TYR E 109 24.79 -26.53 28.54
N PHE E 110 25.99 -26.01 28.24
CA PHE E 110 27.04 -26.72 27.46
C PHE E 110 28.03 -27.46 28.38
N GLN E 111 27.85 -27.40 29.70
CA GLN E 111 28.69 -28.15 30.68
C GLN E 111 30.17 -27.87 30.40
N LEU E 112 30.55 -26.60 30.24
CA LEU E 112 31.90 -26.21 29.76
C LEU E 112 32.94 -26.42 30.88
N ASP E 113 32.51 -26.63 32.13
CA ASP E 113 33.35 -27.07 33.27
C ASP E 113 33.98 -28.44 32.96
N VAL E 114 33.32 -29.25 32.14
CA VAL E 114 33.79 -30.60 31.69
C VAL E 114 34.68 -30.41 30.45
N THR E 115 35.99 -30.57 30.62
CA THR E 115 36.99 -30.44 29.53
C THR E 115 36.92 -31.68 28.63
N LEU E 116 36.49 -31.46 27.39
CA LEU E 116 36.24 -32.51 26.37
C LEU E 116 37.54 -33.18 25.92
N ALA E 117 38.67 -32.46 25.96
CA ALA E 117 40.00 -32.94 25.49
C ALA E 117 40.41 -34.21 26.25
N GLN E 118 40.21 -34.22 27.58
CA GLN E 118 40.57 -35.35 28.47
C GLN E 118 39.73 -36.58 28.11
N LEU E 119 38.43 -36.38 27.83
CA LEU E 119 37.50 -37.48 27.49
C LEU E 119 37.85 -38.06 26.11
N TYR E 120 38.04 -37.21 25.09
CA TYR E 120 38.42 -37.61 23.70
C TYR E 120 39.71 -38.46 23.74
N HIS E 121 40.63 -38.18 24.67
CA HIS E 121 41.91 -38.91 24.84
C HIS E 121 41.63 -40.33 25.37
N HIS E 122 40.88 -40.43 26.48
CA HIS E 122 40.52 -41.72 27.14
C HIS E 122 39.80 -42.64 26.14
N TRP E 123 38.77 -42.12 25.46
CA TRP E 123 37.99 -42.87 24.45
C TRP E 123 38.90 -43.31 23.30
N GLY E 124 39.70 -42.38 22.78
CA GLY E 124 40.70 -42.66 21.73
C GLY E 124 41.64 -43.79 22.11
N SER E 125 42.14 -43.78 23.36
CA SER E 125 43.10 -44.76 23.91
C SER E 125 42.48 -46.17 23.90
N VAL E 126 41.25 -46.32 24.41
CA VAL E 126 40.56 -47.63 24.60
C VAL E 126 39.93 -48.11 23.28
N ASP E 127 39.68 -47.21 22.32
CA ASP E 127 38.90 -47.53 21.09
C ASP E 127 39.57 -46.92 19.85
N SER E 128 39.95 -47.78 18.90
CA SER E 128 40.63 -47.44 17.62
C SER E 128 39.67 -46.67 16.71
N HIS E 129 38.53 -47.28 16.36
CA HIS E 129 37.49 -46.68 15.47
C HIS E 129 37.14 -45.29 15.99
N PHE E 130 36.89 -45.15 17.30
CA PHE E 130 36.52 -43.86 17.94
C PHE E 130 37.61 -42.82 17.66
N GLN E 131 38.88 -43.21 17.82
CA GLN E 131 40.07 -42.36 17.55
C GLN E 131 39.88 -41.66 16.19
N GLU E 132 39.60 -42.42 15.13
CA GLU E 132 39.58 -41.91 13.73
C GLU E 132 38.31 -41.09 13.46
N VAL E 133 37.19 -41.39 14.11
CA VAL E 133 35.93 -40.58 14.02
C VAL E 133 36.14 -39.24 14.75
N ALA E 134 36.80 -39.29 15.93
CA ALA E 134 37.08 -38.13 16.82
C ALA E 134 37.95 -37.09 16.10
N GLN E 135 38.78 -37.55 15.14
CA GLN E 135 39.58 -36.68 14.22
C GLN E 135 38.67 -35.61 13.63
N LYS E 136 37.59 -36.05 12.94
CA LYS E 136 36.74 -35.21 12.06
C LYS E 136 35.62 -34.54 12.87
N PHE E 137 35.24 -35.10 14.02
CA PHE E 137 34.09 -34.62 14.84
C PHE E 137 34.55 -34.28 16.26
N GLN E 138 35.22 -33.14 16.38
CA GLN E 138 35.67 -32.55 17.67
C GLN E 138 34.54 -31.67 18.20
N GLY E 139 34.56 -31.41 19.51
CA GLY E 139 33.64 -30.48 20.18
C GLY E 139 32.22 -31.03 20.27
N VAL E 140 32.04 -32.35 20.16
CA VAL E 140 30.70 -32.98 20.45
C VAL E 140 30.59 -33.14 21.96
N ARG E 141 29.79 -32.26 22.56
CA ARG E 141 29.49 -32.20 24.01
C ARG E 141 28.07 -32.69 24.26
N LEU E 142 27.77 -33.01 25.51
CA LEU E 142 26.40 -33.30 25.97
C LEU E 142 25.81 -32.06 26.62
N LEU E 143 24.69 -31.59 26.08
CA LEU E 143 23.88 -30.52 26.72
C LEU E 143 23.40 -30.99 28.09
N ARG E 144 23.36 -30.09 29.06
CA ARG E 144 22.63 -30.28 30.35
C ARG E 144 21.25 -29.64 30.18
N GLN E 145 20.23 -30.45 29.92
CA GLN E 145 18.89 -29.95 29.54
C GLN E 145 18.02 -29.87 30.78
N ASP E 146 17.00 -29.04 30.74
CA ASP E 146 15.97 -29.00 31.80
C ASP E 146 15.27 -30.36 31.79
N PRO E 147 15.01 -30.99 32.95
CA PRO E 147 14.39 -32.32 32.99
C PRO E 147 12.99 -32.39 32.36
N ILE E 148 12.14 -31.38 32.57
CA ILE E 148 10.74 -31.41 32.04
C ILE E 148 10.81 -31.38 30.52
N GLU E 149 11.53 -30.41 29.98
CA GLU E 149 11.72 -30.22 28.53
C GLU E 149 12.29 -31.52 27.95
N CYS E 150 13.33 -32.07 28.58
CA CYS E 150 14.01 -33.30 28.11
C CYS E 150 13.02 -34.47 28.13
N LEU E 151 12.28 -34.65 29.24
CA LEU E 151 11.32 -35.78 29.42
C LEU E 151 10.27 -35.77 28.30
N PHE E 152 9.52 -34.66 28.16
CA PHE E 152 8.36 -34.59 27.22
C PHE E 152 8.86 -34.57 25.77
N SER E 153 10.03 -33.97 25.51
CA SER E 153 10.69 -34.00 24.18
C SER E 153 10.99 -35.45 23.78
N PHE E 154 11.49 -36.27 24.71
CA PHE E 154 11.90 -37.66 24.39
C PHE E 154 10.68 -38.58 24.40
N ILE E 155 9.58 -38.23 25.08
CA ILE E 155 8.29 -38.93 24.86
C ILE E 155 7.86 -38.70 23.40
N CYS E 156 8.09 -37.50 22.86
CA CYS E 156 7.76 -37.17 21.45
C CYS E 156 8.72 -37.89 20.50
N SER E 157 9.80 -38.51 20.98
CA SER E 157 10.90 -39.10 20.15
C SER E 157 10.60 -40.55 19.72
N SER E 158 9.68 -41.25 20.38
CA SER E 158 9.45 -42.70 20.18
C SER E 158 9.04 -42.98 18.73
N ASN E 159 9.71 -43.92 18.07
CA ASN E 159 9.36 -44.39 16.70
C ASN E 159 9.13 -43.18 15.79
N ASN E 160 10.12 -42.30 15.75
CA ASN E 160 10.02 -40.95 15.16
C ASN E 160 11.39 -40.54 14.64
N ASN E 161 11.45 -39.71 13.60
CA ASN E 161 12.74 -39.18 13.09
C ASN E 161 12.84 -37.71 13.52
N ILE E 162 14.06 -37.16 13.39
CA ILE E 162 14.51 -35.87 13.99
C ILE E 162 13.61 -34.72 13.52
N ALA E 163 13.28 -34.70 12.23
CA ALA E 163 12.41 -33.66 11.60
C ALA E 163 11.05 -33.63 12.30
N ARG E 164 10.37 -34.78 12.38
CA ARG E 164 9.00 -34.91 12.95
C ARG E 164 9.01 -34.61 14.46
N ILE E 165 10.07 -34.98 15.19
CA ILE E 165 10.17 -34.70 16.65
C ILE E 165 10.17 -33.17 16.84
N THR E 166 11.03 -32.48 16.10
CA THR E 166 11.17 -31.00 16.10
C THR E 166 9.79 -30.35 15.91
N GLY E 167 9.03 -30.80 14.92
CA GLY E 167 7.69 -30.29 14.63
C GLY E 167 6.74 -30.51 15.80
N MET E 168 6.71 -31.73 16.34
CA MET E 168 5.78 -32.07 17.45
C MET E 168 6.09 -31.19 18.68
N VAL E 169 7.37 -31.01 18.99
CA VAL E 169 7.84 -30.23 20.17
C VAL E 169 7.46 -28.75 19.99
N GLU E 170 7.64 -28.20 18.80
CA GLU E 170 7.25 -26.79 18.48
C GLU E 170 5.74 -26.56 18.71
N ARG E 171 4.90 -27.44 18.16
CA ARG E 171 3.42 -27.32 18.23
C ARG E 171 2.98 -27.56 19.68
N LEU E 172 3.61 -28.51 20.38
CA LEU E 172 3.42 -28.71 21.84
C LEU E 172 3.63 -27.38 22.56
N CYS E 173 4.74 -26.71 22.30
CA CYS E 173 5.19 -25.49 23.04
C CYS E 173 4.31 -24.29 22.64
N GLN E 174 3.87 -24.24 21.37
CA GLN E 174 2.91 -23.22 20.87
C GLN E 174 1.60 -23.31 21.66
N ALA E 175 1.04 -24.50 21.79
CA ALA E 175 -0.31 -24.72 22.35
C ALA E 175 -0.31 -24.47 23.85
N PHE E 176 0.76 -24.83 24.58
CA PHE E 176 0.70 -24.95 26.06
C PHE E 176 1.80 -24.15 26.78
N GLY E 177 2.80 -23.64 26.05
CA GLY E 177 3.90 -22.86 26.65
C GLY E 177 3.62 -21.36 26.54
N PRO E 178 4.11 -20.53 27.49
CA PRO E 178 3.91 -19.09 27.42
C PRO E 178 4.62 -18.48 26.20
N ARG E 179 3.97 -17.53 25.52
CA ARG E 179 4.58 -16.70 24.44
C ARG E 179 5.69 -15.86 25.07
N LEU E 180 6.91 -15.90 24.52
CA LEU E 180 8.07 -15.17 25.12
C LEU E 180 8.27 -13.86 24.38
N ILE E 181 8.53 -13.95 23.07
CA ILE E 181 8.81 -12.81 22.16
C ILE E 181 8.57 -13.32 20.73
N GLN E 182 8.49 -12.43 19.74
CA GLN E 182 8.51 -12.78 18.30
C GLN E 182 9.68 -12.07 17.62
N LEU E 183 10.45 -12.80 16.81
CA LEU E 183 11.56 -12.28 15.97
C LEU E 183 11.25 -12.72 14.53
N ASP E 184 11.21 -11.76 13.61
CA ASP E 184 10.69 -11.97 12.23
C ASP E 184 9.25 -12.50 12.40
N ASP E 185 8.90 -13.64 11.82
CA ASP E 185 7.54 -14.24 11.98
C ASP E 185 7.58 -15.43 12.95
N VAL E 186 8.74 -15.79 13.49
CA VAL E 186 8.94 -16.92 14.44
C VAL E 186 8.58 -16.45 15.85
N THR E 187 7.46 -16.94 16.41
CA THR E 187 7.05 -16.69 17.82
C THR E 187 7.63 -17.79 18.71
N TYR E 188 8.42 -17.40 19.72
CA TYR E 188 9.13 -18.33 20.64
C TYR E 188 8.27 -18.52 21.89
N HIS E 189 8.13 -19.78 22.33
CA HIS E 189 7.35 -20.19 23.52
C HIS E 189 8.29 -20.82 24.56
N GLY E 190 7.98 -20.62 25.84
CA GLY E 190 8.57 -21.40 26.95
C GLY E 190 8.10 -22.84 26.86
N PHE E 191 8.87 -23.80 27.40
CA PHE E 191 8.39 -25.21 27.48
C PHE E 191 7.21 -25.24 28.44
N PRO E 192 6.11 -25.96 28.12
CA PRO E 192 4.98 -26.03 29.04
C PRO E 192 5.37 -26.52 30.44
N SER E 193 4.66 -26.03 31.44
CA SER E 193 4.70 -26.52 32.84
C SER E 193 3.99 -27.87 32.93
N LEU E 194 4.31 -28.66 33.94
CA LEU E 194 3.55 -29.89 34.28
C LEU E 194 2.07 -29.54 34.33
N GLN E 195 1.72 -28.45 35.03
CA GLN E 195 0.33 -27.98 35.28
C GLN E 195 -0.39 -27.80 33.94
N ALA E 196 0.29 -27.21 32.96
CA ALA E 196 -0.28 -26.92 31.62
C ALA E 196 -0.51 -28.23 30.84
N LEU E 197 0.32 -29.26 31.03
CA LEU E 197 0.25 -30.52 30.26
C LEU E 197 -0.66 -31.55 30.96
N ALA E 198 -1.10 -31.28 32.18
CA ALA E 198 -1.87 -32.21 33.02
C ALA E 198 -3.37 -31.92 32.94
N GLY E 199 -3.77 -30.85 32.24
CA GLY E 199 -5.17 -30.45 32.07
C GLY E 199 -5.99 -31.48 31.29
N PRO E 200 -7.32 -31.59 31.54
CA PRO E 200 -8.15 -32.59 30.87
C PRO E 200 -8.42 -32.34 29.38
N GLU E 201 -7.99 -31.21 28.82
CA GLU E 201 -8.16 -30.87 27.38
C GLU E 201 -6.91 -31.26 26.55
N VAL E 202 -5.80 -31.61 27.21
CA VAL E 202 -4.46 -31.60 26.56
C VAL E 202 -4.34 -32.77 25.58
N GLU E 203 -4.64 -33.99 26.01
CA GLU E 203 -4.51 -35.20 25.17
C GLU E 203 -5.24 -34.99 23.84
N ALA E 204 -6.50 -34.55 23.88
CA ALA E 204 -7.34 -34.36 22.67
C ALA E 204 -6.66 -33.32 21.76
N HIS E 205 -6.26 -32.17 22.31
CA HIS E 205 -5.54 -31.08 21.58
C HIS E 205 -4.27 -31.64 20.93
N LEU E 206 -3.42 -32.35 21.69
CA LEU E 206 -2.11 -32.85 21.20
C LEU E 206 -2.33 -33.84 20.04
N ARG E 207 -3.40 -34.64 20.12
CA ARG E 207 -3.77 -35.58 19.03
C ARG E 207 -4.11 -34.75 17.79
N LYS E 208 -4.85 -33.66 17.95
CA LYS E 208 -5.20 -32.72 16.85
C LYS E 208 -3.89 -32.15 16.25
N LEU E 209 -2.87 -31.90 17.09
CA LEU E 209 -1.56 -31.34 16.65
C LEU E 209 -0.65 -32.43 16.07
N GLY E 210 -1.12 -33.68 15.98
CA GLY E 210 -0.46 -34.75 15.21
C GLY E 210 0.56 -35.55 16.03
N LEU E 211 0.47 -35.54 17.37
CA LEU E 211 1.40 -36.30 18.26
C LEU E 211 1.01 -37.79 18.33
N GLY E 212 -0.21 -38.12 17.92
CA GLY E 212 -0.68 -39.52 17.83
C GLY E 212 -0.77 -40.13 19.21
N TYR E 213 -0.29 -41.37 19.35
CA TYR E 213 -0.30 -42.15 20.60
C TYR E 213 0.48 -41.40 21.69
N ARG E 214 1.40 -40.53 21.30
CA ARG E 214 2.32 -39.80 22.21
C ARG E 214 1.55 -38.73 23.00
N ALA E 215 0.42 -38.25 22.47
CA ALA E 215 -0.47 -37.27 23.13
C ALA E 215 -0.89 -37.77 24.50
N ARG E 216 -1.42 -39.00 24.55
N ARG E 216 -1.41 -39.00 24.55
CA ARG E 216 -1.86 -39.67 25.81
CA ARG E 216 -1.86 -39.68 25.80
C ARG E 216 -0.67 -39.76 26.78
C ARG E 216 -0.67 -39.76 26.78
N TYR E 217 0.52 -40.15 26.28
CA TYR E 217 1.76 -40.32 27.09
C TYR E 217 2.15 -39.00 27.77
N VAL E 218 2.21 -37.91 27.01
CA VAL E 218 2.50 -36.54 27.54
C VAL E 218 1.52 -36.19 28.66
N SER E 219 0.22 -36.31 28.38
CA SER E 219 -0.86 -35.94 29.33
C SER E 219 -0.77 -36.82 30.57
N ALA E 220 -0.71 -38.15 30.39
CA ALA E 220 -0.70 -39.14 31.48
C ALA E 220 0.57 -38.97 32.32
N SER E 221 1.73 -38.75 31.69
CA SER E 221 3.01 -38.57 32.43
C SER E 221 3.00 -37.26 33.23
N ALA E 222 2.47 -36.16 32.69
CA ALA E 222 2.38 -34.86 33.38
C ALA E 222 1.50 -35.02 34.63
N ARG E 223 0.39 -35.75 34.50
CA ARG E 223 -0.58 -36.04 35.59
C ARG E 223 0.08 -36.92 36.65
N ALA E 224 0.72 -38.02 36.23
CA ALA E 224 1.44 -38.95 37.13
C ALA E 224 2.48 -38.14 37.94
N ILE E 225 3.27 -37.28 37.30
CA ILE E 225 4.36 -36.54 37.99
C ILE E 225 3.77 -35.60 39.05
N LEU E 226 2.72 -34.84 38.70
CA LEU E 226 2.06 -33.86 39.59
C LEU E 226 1.34 -34.52 40.76
N GLU E 227 0.54 -35.56 40.48
CA GLU E 227 -0.44 -36.15 41.44
C GLU E 227 0.20 -37.28 42.25
N GLU E 228 1.12 -38.04 41.67
CA GLU E 228 1.64 -39.30 42.29
C GLU E 228 3.11 -39.16 42.69
N GLN E 229 3.91 -38.29 42.06
CA GLN E 229 5.38 -38.25 42.31
C GLN E 229 5.81 -36.95 43.02
N GLY E 230 4.98 -35.91 43.08
CA GLY E 230 5.30 -34.69 43.83
C GLY E 230 5.90 -33.57 43.00
N GLY E 231 5.69 -33.60 41.68
CA GLY E 231 6.04 -32.46 40.79
C GLY E 231 7.54 -32.37 40.53
N LEU E 232 8.05 -31.15 40.29
CA LEU E 232 9.45 -30.87 39.88
C LEU E 232 10.43 -31.53 40.84
N ALA E 233 10.14 -31.47 42.14
CA ALA E 233 10.93 -32.09 43.24
C ALA E 233 11.44 -33.48 42.83
N TRP E 234 10.58 -34.31 42.21
CA TRP E 234 10.92 -35.72 41.84
C TRP E 234 12.12 -35.78 40.89
N LEU E 235 12.15 -34.90 39.89
CA LEU E 235 13.20 -34.94 38.85
C LEU E 235 14.51 -34.45 39.46
N GLN E 236 14.45 -33.50 40.39
CA GLN E 236 15.65 -33.05 41.15
C GLN E 236 16.11 -34.22 42.04
N GLN E 237 15.19 -34.98 42.65
CA GLN E 237 15.53 -36.21 43.43
C GLN E 237 16.25 -37.20 42.51
N LEU E 238 15.75 -37.42 41.29
CA LEU E 238 16.32 -38.43 40.35
C LEU E 238 17.70 -37.96 39.89
N ARG E 239 17.89 -36.65 39.74
CA ARG E 239 19.21 -36.01 39.47
C ARG E 239 20.21 -36.39 40.58
N GLU E 240 19.79 -36.39 41.85
CA GLU E 240 20.65 -36.67 43.03
C GLU E 240 20.75 -38.19 43.31
N SER E 241 19.95 -39.01 42.62
CA SER E 241 19.90 -40.48 42.80
C SER E 241 20.90 -41.17 41.85
N SER E 242 21.17 -42.45 42.05
CA SER E 242 22.01 -43.29 41.16
C SER E 242 21.33 -43.41 39.79
N TYR E 243 22.14 -43.69 38.77
CA TYR E 243 21.68 -44.07 37.41
C TYR E 243 20.61 -45.16 37.51
N GLU E 244 20.87 -46.19 38.29
CA GLU E 244 20.04 -47.42 38.33
C GLU E 244 18.64 -47.06 38.88
N GLU E 245 18.58 -46.30 39.98
CA GLU E 245 17.32 -45.88 40.64
C GLU E 245 16.57 -44.89 39.72
N ALA E 246 17.28 -43.97 39.05
CA ALA E 246 16.70 -42.89 38.21
C ALA E 246 16.04 -43.52 36.99
N HIS E 247 16.77 -44.41 36.32
CA HIS E 247 16.30 -45.16 35.15
C HIS E 247 15.04 -45.97 35.49
N LYS E 248 15.07 -46.73 36.59
CA LYS E 248 13.92 -47.56 37.05
C LYS E 248 12.71 -46.65 37.33
N ALA E 249 12.92 -45.55 38.07
CA ALA E 249 11.88 -44.58 38.48
C ALA E 249 11.18 -44.00 37.24
N LEU E 250 11.93 -43.61 36.20
CA LEU E 250 11.37 -42.95 34.99
C LEU E 250 10.50 -43.94 34.20
N CYS E 251 10.83 -45.23 34.26
CA CYS E 251 10.21 -46.28 33.41
C CYS E 251 8.77 -46.55 33.86
N ILE E 252 8.34 -46.05 35.02
CA ILE E 252 6.91 -46.14 35.46
C ILE E 252 6.03 -45.16 34.65
N LEU E 253 6.61 -44.21 33.92
CA LEU E 253 5.84 -43.13 33.23
C LEU E 253 5.33 -43.65 31.90
N PRO E 254 4.03 -43.43 31.57
CA PRO E 254 3.50 -43.78 30.25
C PRO E 254 4.37 -43.12 29.17
N GLY E 255 4.80 -43.91 28.18
CA GLY E 255 5.59 -43.44 27.02
C GLY E 255 7.09 -43.46 27.28
N VAL E 256 7.50 -43.72 28.52
CA VAL E 256 8.95 -43.79 28.92
C VAL E 256 9.34 -45.27 29.10
N GLY E 257 10.00 -45.84 28.10
CA GLY E 257 10.71 -47.14 28.19
C GLY E 257 12.21 -46.97 28.39
N THR E 258 12.94 -48.06 28.24
CA THR E 258 14.41 -48.17 28.42
C THR E 258 15.15 -47.05 27.69
N LYS E 259 14.88 -46.85 26.39
CA LYS E 259 15.65 -45.93 25.50
C LYS E 259 15.41 -44.48 25.96
N VAL E 260 14.15 -44.07 26.06
CA VAL E 260 13.74 -42.70 26.53
C VAL E 260 14.26 -42.45 27.96
N ALA E 261 14.13 -43.41 28.88
CA ALA E 261 14.61 -43.26 30.27
C ALA E 261 16.13 -43.00 30.24
N ASP E 262 16.88 -43.73 29.42
CA ASP E 262 18.35 -43.54 29.30
C ASP E 262 18.64 -42.13 28.77
N CYS E 263 17.87 -41.64 27.79
CA CYS E 263 18.07 -40.29 27.19
C CYS E 263 17.93 -39.23 28.29
N ILE E 264 16.91 -39.34 29.14
CA ILE E 264 16.65 -38.34 30.21
C ILE E 264 17.78 -38.42 31.25
N CYS E 265 18.18 -39.65 31.61
CA CYS E 265 19.28 -39.92 32.56
C CYS E 265 20.56 -39.21 32.08
N LEU E 266 20.90 -39.38 30.81
CA LEU E 266 22.14 -38.87 30.17
C LEU E 266 22.09 -37.34 30.00
N MET E 267 20.97 -36.82 29.50
CA MET E 267 20.87 -35.44 28.97
C MET E 267 20.36 -34.46 30.04
N ALA E 268 19.70 -34.93 31.10
CA ALA E 268 19.06 -34.04 32.09
C ALA E 268 19.36 -34.45 33.54
N LEU E 269 19.66 -35.72 33.81
CA LEU E 269 19.81 -36.18 35.22
C LEU E 269 21.29 -36.48 35.55
N ASP E 270 22.24 -36.01 34.72
CA ASP E 270 23.69 -36.07 35.00
C ASP E 270 24.11 -37.53 35.28
N LYS E 271 23.71 -38.47 34.42
CA LYS E 271 24.21 -39.88 34.42
C LYS E 271 24.99 -40.11 33.13
N PRO E 272 26.29 -39.74 33.07
CA PRO E 272 27.06 -39.81 31.83
C PRO E 272 27.31 -41.23 31.30
N GLN E 273 27.09 -42.24 32.15
CA GLN E 273 27.29 -43.69 31.83
C GLN E 273 26.08 -44.26 31.08
N ALA E 274 24.97 -43.52 31.00
CA ALA E 274 23.73 -43.99 30.33
C ALA E 274 23.97 -44.09 28.83
N VAL E 275 23.69 -45.25 28.25
CA VAL E 275 23.86 -45.54 26.80
C VAL E 275 22.49 -45.88 26.26
N PRO E 276 21.76 -44.89 25.67
CA PRO E 276 20.42 -45.15 25.11
C PRO E 276 20.52 -46.06 23.89
N VAL E 277 19.96 -47.26 23.99
CA VAL E 277 20.03 -48.29 22.92
C VAL E 277 18.68 -48.39 22.20
N ASP E 278 18.70 -48.13 20.89
CA ASP E 278 17.62 -48.44 19.93
C ASP E 278 18.29 -48.87 18.61
N VAL E 279 17.57 -48.88 17.50
CA VAL E 279 18.08 -49.34 16.17
C VAL E 279 19.38 -48.63 15.82
N HIS E 280 19.47 -47.32 16.10
CA HIS E 280 20.59 -46.42 15.67
C HIS E 280 21.89 -46.91 16.28
N MET E 281 21.91 -47.18 17.60
CA MET E 281 23.12 -47.70 18.27
C MET E 281 23.40 -49.14 17.80
N TRP E 282 22.38 -49.86 17.34
CA TRP E 282 22.51 -51.25 16.80
C TRP E 282 23.29 -51.24 15.49
N HIS E 283 22.93 -50.36 14.55
CA HIS E 283 23.63 -50.20 13.24
C HIS E 283 25.12 -49.96 13.50
N ILE E 284 25.42 -49.02 14.41
CA ILE E 284 26.80 -48.61 14.77
C ILE E 284 27.54 -49.81 15.39
N ALA E 285 26.87 -50.56 16.25
CA ALA E 285 27.41 -51.79 16.89
C ALA E 285 27.88 -52.76 15.79
N GLN E 286 26.96 -53.18 14.93
CA GLN E 286 27.14 -54.26 13.92
C GLN E 286 28.20 -53.83 12.90
N ARG E 287 28.08 -52.59 12.39
CA ARG E 287 29.00 -51.99 11.38
C ARG E 287 30.41 -51.85 11.98
N ASP E 288 30.57 -51.01 13.00
CA ASP E 288 31.88 -50.46 13.44
C ASP E 288 32.53 -51.31 14.53
N TYR E 289 31.78 -52.18 15.21
CA TYR E 289 32.28 -52.99 16.35
C TYR E 289 32.01 -54.49 16.10
N SER E 290 31.69 -54.85 14.85
CA SER E 290 31.38 -56.23 14.38
C SER E 290 30.55 -56.98 15.42
N TRP E 291 29.57 -56.29 16.04
CA TRP E 291 28.84 -56.76 17.25
C TRP E 291 27.61 -57.58 16.88
N HIS E 292 27.23 -58.51 17.76
CA HIS E 292 25.94 -59.26 17.75
C HIS E 292 25.64 -59.73 19.16
N PRO E 293 24.36 -59.99 19.51
CA PRO E 293 24.00 -60.40 20.88
C PRO E 293 24.42 -61.83 21.25
N THR E 294 25.06 -62.00 22.41
CA THR E 294 25.59 -63.28 22.95
C THR E 294 25.18 -63.43 24.42
N LYS E 299 18.69 -62.46 19.16
CA LYS E 299 19.45 -62.25 17.90
C LYS E 299 19.19 -60.85 17.34
N GLY E 300 17.98 -60.31 17.54
CA GLY E 300 17.56 -58.95 17.09
C GLY E 300 17.11 -58.07 18.25
N PRO E 301 16.95 -56.73 18.02
CA PRO E 301 16.65 -55.79 19.10
C PRO E 301 15.59 -56.33 20.07
N SER E 302 15.98 -56.48 21.35
CA SER E 302 15.13 -57.01 22.45
C SER E 302 15.61 -56.42 23.77
N PRO E 303 14.75 -56.39 24.82
CA PRO E 303 15.15 -55.88 26.13
C PRO E 303 16.46 -56.47 26.64
N GLN E 304 16.63 -57.79 26.50
CA GLN E 304 17.85 -58.53 26.92
C GLN E 304 19.02 -58.03 26.07
N THR E 305 18.87 -58.06 24.75
CA THR E 305 19.92 -57.73 23.74
C THR E 305 20.30 -56.25 23.86
N ASN E 306 19.35 -55.37 24.18
CA ASN E 306 19.56 -53.90 24.32
C ASN E 306 20.42 -53.63 25.56
N LYS E 307 20.11 -54.31 26.66
CA LYS E 307 20.87 -54.21 27.94
C LYS E 307 22.33 -54.62 27.74
N GLU E 308 22.58 -55.73 27.03
CA GLU E 308 23.95 -56.26 26.76
C GLU E 308 24.75 -55.21 25.98
N LEU E 309 24.14 -54.60 24.96
CA LEU E 309 24.77 -53.58 24.08
C LEU E 309 25.20 -52.38 24.92
N GLY E 310 24.30 -51.85 25.77
CA GLY E 310 24.61 -50.77 26.73
C GLY E 310 25.76 -51.16 27.65
N ASN E 311 25.73 -52.39 28.18
CA ASN E 311 26.73 -52.89 29.14
C ASN E 311 28.11 -52.95 28.48
N PHE E 312 28.16 -53.30 27.18
CA PHE E 312 29.42 -53.46 26.42
C PHE E 312 30.11 -52.09 26.29
N PHE E 313 29.33 -51.06 25.94
CA PHE E 313 29.86 -49.69 25.70
C PHE E 313 30.28 -49.04 27.01
N ARG E 314 29.57 -49.26 28.12
CA ARG E 314 30.01 -48.79 29.46
C ARG E 314 31.35 -49.45 29.79
N SER E 315 31.49 -50.75 29.50
CA SER E 315 32.74 -51.53 29.69
C SER E 315 33.85 -50.94 28.83
N LEU E 316 33.57 -50.67 27.55
CA LEU E 316 34.56 -50.15 26.56
C LEU E 316 34.98 -48.73 26.96
N TRP E 317 34.03 -47.81 27.09
CA TRP E 317 34.31 -46.34 27.14
C TRP E 317 34.48 -45.84 28.56
N GLY E 318 33.91 -46.53 29.55
CA GLY E 318 33.99 -46.15 30.98
C GLY E 318 32.82 -45.28 31.40
N PRO E 319 32.98 -44.45 32.44
CA PRO E 319 31.85 -43.79 33.11
C PRO E 319 31.16 -42.66 32.32
N TYR E 320 31.72 -42.22 31.19
CA TYR E 320 31.17 -41.17 30.29
C TYR E 320 30.81 -41.80 28.95
N ALA E 321 30.50 -43.10 28.94
CA ALA E 321 30.14 -43.87 27.73
C ALA E 321 29.07 -43.14 26.90
N GLY E 322 28.13 -42.47 27.55
CA GLY E 322 27.01 -41.79 26.86
C GLY E 322 27.47 -40.58 26.04
N TRP E 323 28.48 -39.87 26.52
CA TRP E 323 29.12 -38.72 25.81
C TRP E 323 29.83 -39.24 24.56
N ALA E 324 30.54 -40.38 24.70
CA ALA E 324 31.21 -41.09 23.59
C ALA E 324 30.17 -41.43 22.52
N GLN E 325 29.00 -41.94 22.93
CA GLN E 325 27.91 -42.32 22.01
C GLN E 325 27.49 -41.06 21.24
N ALA E 326 27.37 -39.93 21.92
CA ALA E 326 26.98 -38.62 21.32
C ALA E 326 27.93 -38.32 20.14
N VAL E 327 29.25 -38.42 20.35
CA VAL E 327 30.29 -38.18 19.31
C VAL E 327 29.96 -39.05 18.09
N LEU E 328 29.64 -40.34 18.29
CA LEU E 328 29.33 -41.29 17.16
C LEU E 328 27.94 -40.98 16.58
N PHE E 329 26.97 -40.57 17.41
CA PHE E 329 25.60 -40.21 16.96
C PHE E 329 25.65 -38.95 16.10
N SER E 330 26.42 -37.95 16.54
CA SER E 330 26.65 -36.68 15.80
C SER E 330 27.20 -37.01 14.41
N ALA E 331 28.22 -37.86 14.34
CA ALA E 331 28.89 -38.28 13.09
C ALA E 331 27.85 -38.84 12.11
N ASP E 332 27.04 -39.81 12.55
CA ASP E 332 26.01 -40.48 11.70
C ASP E 332 24.94 -39.48 11.25
N LEU E 333 24.38 -38.71 12.19
CA LEU E 333 23.35 -37.68 11.89
C LEU E 333 23.87 -36.71 10.84
N ARG E 334 25.14 -36.30 10.94
CA ARG E 334 25.80 -35.30 10.06
C ARG E 334 25.83 -35.82 8.61
N GLN E 335 26.03 -37.13 8.41
CA GLN E 335 26.15 -37.78 7.08
C GLN E 335 24.75 -38.22 6.60
N SER E 336 23.81 -37.28 6.53
CA SER E 336 22.39 -37.51 6.16
C SER E 336 21.73 -36.18 5.77
#